data_2AI0
#
_entry.id   2AI0
#
_cell.length_a   159.979
_cell.length_b   216.355
_cell.length_c   58.320
_cell.angle_alpha   90.00
_cell.angle_beta   90.00
_cell.angle_gamma   90.00
#
_symmetry.space_group_name_H-M   'P 21 21 2'
#
loop_
_entity.id
_entity.type
_entity.pdbx_description
1 polymer 'Immunoglobulin Light Chain kappa'
2 polymer 'Immunoglobulin Heavy Chain'
3 non-polymer 'SULFATE ION'
4 non-polymer GLYCEROL
5 water water
#
loop_
_entity_poly.entity_id
_entity_poly.type
_entity_poly.pdbx_seq_one_letter_code
_entity_poly.pdbx_strand_id
1 'polypeptide(L)'
;DVLMTQSPLSLPVSLGDQASISCRCSQSIVKSNGHTYLEWYLQKPGRSPKLLIYKVSNRFSGVPDRFSGSGSGTDFTLRI
SRVEAEDLGVYYCFQGSHIPWTFGGGTKLESKRADAAPTVSIFPPSSEQLTSGGASVVCFLNNFYPKDINVKWKIDGSER
QNGVLNSWTDQDSKDSTYSMSSTLTLTKDEYERHNSYTCEATHKTSTSPIVKSFNRN
;
L,M,N,O
2 'polypeptide(L)'
;DVKLVESGGGLVKPGGSLRLSCAASGFTFRNYGMSWVRQTPEKRLEWVAAISGNSLYTSYPDSVKGRFTISRDNAKNNLY
LQMSSLRSEDTALYFCARHDDYYGKSPYFFDVWGAGTTVTASSAKTTPPSVYPLAPGSAAQTNSMVTLGCLVKGYFPEPV
TVTWNSGSLSSGVHTFPAVLQSDLYTLSSSVTVPSSTWPSETVTCNVAHPASSTKVDKKIVPRD
;
H,I,J,K
#
loop_
_chem_comp.id
_chem_comp.type
_chem_comp.name
_chem_comp.formula
GOL non-polymer GLYCEROL 'C3 H8 O3'
SO4 non-polymer 'SULFATE ION' 'O4 S -2'
#
# COMPACT_ATOMS: atom_id res chain seq x y z
N ASP A 1 63.52 -7.98 -2.26
CA ASP A 1 64.36 -6.96 -2.94
C ASP A 1 64.09 -6.88 -4.44
N VAL A 2 64.02 -5.67 -4.96
CA VAL A 2 63.95 -5.48 -6.40
C VAL A 2 65.37 -5.60 -6.89
N LEU A 3 65.61 -6.61 -7.72
CA LEU A 3 66.92 -6.75 -8.33
C LEU A 3 66.91 -5.88 -9.57
N MET A 4 67.99 -5.12 -9.76
CA MET A 4 68.10 -4.22 -10.90
C MET A 4 69.24 -4.72 -11.76
N THR A 5 68.93 -4.98 -13.02
CA THR A 5 69.93 -5.56 -13.91
C THR A 5 70.18 -4.63 -15.08
N GLN A 6 71.43 -4.27 -15.27
CA GLN A 6 71.81 -3.35 -16.34
C GLN A 6 72.46 -4.06 -17.48
N SER A 7 72.19 -3.58 -18.68
CA SER A 7 72.89 -4.02 -19.85
C SER A 7 73.09 -2.81 -20.77
N PRO A 8 74.22 -2.78 -21.50
CA PRO A 8 75.31 -3.74 -21.41
C PRO A 8 76.19 -3.49 -20.18
N LEU A 9 77.16 -4.35 -19.94
CA LEU A 9 78.16 -4.12 -18.89
C LEU A 9 79.12 -2.98 -19.26
N SER A 10 79.55 -2.95 -20.52
CA SER A 10 80.44 -1.91 -21.02
C SER A 10 79.93 -1.45 -22.37
N LEU A 11 80.13 -0.16 -22.67
CA LEU A 11 79.67 0.41 -23.92
C LEU A 11 80.69 1.38 -24.52
N PRO A 12 81.51 0.90 -25.48
CA PRO A 12 82.37 1.81 -26.26
C PRO A 12 81.56 2.60 -27.26
N VAL A 13 81.68 3.93 -27.22
CA VAL A 13 80.99 4.81 -28.16
C VAL A 13 81.98 5.85 -28.72
N SER A 14 81.80 6.21 -30.00
CA SER A 14 82.55 7.30 -30.59
C SER A 14 82.03 8.62 -30.02
N LEU A 15 82.93 9.53 -29.67
CA LEU A 15 82.51 10.83 -29.19
C LEU A 15 81.57 11.51 -30.18
N GLY A 16 80.44 12.00 -29.72
CA GLY A 16 79.46 12.64 -30.59
C GLY A 16 78.40 11.72 -31.15
N ASP A 17 78.50 10.43 -30.84
CA ASP A 17 77.43 9.46 -31.18
C ASP A 17 76.44 9.25 -30.04
N GLN A 18 75.38 8.50 -30.34
CA GLN A 18 74.33 8.11 -29.39
C GLN A 18 74.69 6.86 -28.60
N ALA A 19 74.28 6.84 -27.34
CA ALA A 19 74.42 5.68 -26.47
C ALA A 19 73.09 5.45 -25.77
N SER A 20 72.71 4.19 -25.61
CA SER A 20 71.57 3.87 -24.75
C SER A 20 71.86 2.71 -23.80
N ILE A 21 71.47 2.90 -22.54
CA ILE A 21 71.73 1.93 -21.49
C ILE A 21 70.41 1.44 -20.93
N SER A 22 70.29 0.13 -20.78
CA SER A 22 69.06 -0.46 -20.26
C SER A 22 69.19 -0.93 -18.80
N CYS A 23 68.07 -0.88 -18.10
CA CYS A 23 67.96 -1.27 -16.69
C CYS A 23 66.64 -2.01 -16.53
N ARG A 24 66.70 -3.26 -16.11
CA ARG A 24 65.51 -4.08 -15.85
C ARG A 24 65.32 -4.38 -14.38
N CYS A 25 64.07 -4.41 -13.93
CA CYS A 25 63.77 -4.73 -12.54
C CYS A 25 63.01 -6.03 -12.44
N SER A 26 63.28 -6.75 -11.37
CA SER A 26 62.73 -8.09 -11.20
C SER A 26 61.24 -8.04 -10.84
N GLN A 27 60.78 -6.85 -10.42
CA GLN A 27 59.37 -6.64 -10.07
C GLN A 27 59.02 -5.15 -10.20
N SER A 28 57.73 -4.86 -10.15
CA SER A 28 57.22 -3.51 -10.25
C SER A 28 57.92 -2.56 -9.29
N ILE A 29 58.25 -1.39 -9.80
CA ILE A 29 58.79 -0.29 -8.98
C ILE A 29 57.82 0.90 -8.97
N VAL A 30 56.55 0.62 -9.26
CA VAL A 30 55.48 1.61 -9.05
C VAL A 30 55.22 1.68 -7.53
N LYS A 31 55.56 2.81 -6.93
CA LYS A 31 55.27 3.01 -5.53
C LYS A 31 53.76 3.19 -5.35
N SER A 32 53.26 2.93 -4.15
CA SER A 32 51.83 3.00 -3.88
C SER A 32 51.18 4.35 -4.16
N ASN A 33 51.98 5.41 -4.24
CA ASN A 33 51.45 6.73 -4.62
C ASN A 33 51.30 6.92 -6.12
N GLY A 34 51.69 5.91 -6.89
CA GLY A 34 51.49 5.89 -8.33
C GLY A 34 52.75 6.23 -9.10
N HIS A 35 53.78 6.66 -8.38
CA HIS A 35 55.01 7.15 -9.01
C HIS A 35 56.14 6.14 -8.95
N THR A 36 57.05 6.28 -9.91
CA THR A 36 58.12 5.36 -10.17
C THR A 36 59.45 6.08 -9.94
N TYR A 37 60.13 5.74 -8.84
CA TYR A 37 61.32 6.46 -8.44
C TYR A 37 62.58 5.84 -8.99
N LEU A 38 62.59 5.74 -10.32
CA LEU A 38 63.75 5.27 -11.04
C LEU A 38 64.74 6.40 -11.36
N GLU A 39 65.97 6.27 -10.85
CA GLU A 39 67.03 7.28 -11.01
C GLU A 39 68.21 6.76 -11.81
N TRP A 40 68.93 7.66 -12.48
CA TRP A 40 70.23 7.34 -13.06
C TRP A 40 71.35 8.17 -12.45
N TYR A 41 72.42 7.51 -12.01
CA TYR A 41 73.60 8.19 -11.51
C TYR A 41 74.76 8.02 -12.47
N LEU A 42 75.63 9.02 -12.55
CA LEU A 42 76.89 8.86 -13.25
C LEU A 42 78.04 8.92 -12.24
N GLN A 43 78.88 7.88 -12.23
CA GLN A 43 80.09 7.89 -11.44
C GLN A 43 81.35 7.88 -12.31
N LYS A 44 82.13 8.94 -12.20
CA LYS A 44 83.41 9.08 -12.90
C LYS A 44 84.47 8.60 -11.95
N PRO A 45 85.56 8.00 -12.49
CA PRO A 45 86.58 7.45 -11.58
C PRO A 45 87.21 8.55 -10.71
N GLY A 46 87.61 8.18 -9.49
CA GLY A 46 88.02 9.16 -8.50
C GLY A 46 86.90 9.98 -7.86
N ARG A 47 85.68 9.90 -8.41
CA ARG A 47 84.55 10.74 -7.94
C ARG A 47 83.36 9.95 -7.39
N SER A 48 82.47 10.65 -6.70
CA SER A 48 81.29 10.03 -6.14
C SER A 48 80.18 10.10 -7.18
N PRO A 49 79.15 9.23 -7.07
CA PRO A 49 78.06 9.31 -8.04
C PRO A 49 77.35 10.66 -8.10
N LYS A 50 76.87 11.00 -9.28
CA LYS A 50 76.12 12.21 -9.50
C LYS A 50 74.76 11.89 -10.11
N LEU A 51 73.71 12.51 -9.57
CA LEU A 51 72.35 12.32 -10.07
C LEU A 51 72.10 13.00 -11.42
N LEU A 52 71.62 12.24 -12.40
CA LEU A 52 71.30 12.77 -13.73
C LEU A 52 69.80 12.81 -14.05
N ILE A 53 69.12 11.71 -13.73
CA ILE A 53 67.71 11.52 -14.04
C ILE A 53 66.99 11.04 -12.78
N TYR A 54 65.80 11.58 -12.53
CA TYR A 54 64.98 11.09 -11.46
C TYR A 54 63.56 10.82 -11.99
N LYS A 55 62.87 9.89 -11.36
CA LYS A 55 61.50 9.53 -11.76
C LYS A 55 61.41 9.19 -13.23
N VAL A 56 62.29 8.29 -13.67
CA VAL A 56 62.29 7.72 -15.03
C VAL A 56 62.82 8.69 -16.09
N SER A 57 62.26 9.90 -16.09
CA SER A 57 62.34 10.77 -17.25
C SER A 57 62.71 12.23 -16.95
N ASN A 58 62.84 12.60 -15.68
CA ASN A 58 63.12 14.01 -15.38
C ASN A 58 64.60 14.29 -15.17
N ARG A 59 65.11 15.20 -15.97
CA ARG A 59 66.51 15.65 -15.89
C ARG A 59 66.70 16.44 -14.60
N PHE A 60 67.71 16.05 -13.82
CA PHE A 60 68.06 16.77 -12.59
C PHE A 60 68.66 18.13 -12.97
N SER A 61 68.51 19.12 -12.09
CA SER A 61 69.01 20.48 -12.38
C SER A 61 70.44 20.46 -12.90
N GLY A 62 70.70 21.20 -13.97
CA GLY A 62 72.02 21.31 -14.56
C GLY A 62 72.39 20.26 -15.59
N VAL A 63 71.65 19.16 -15.62
CA VAL A 63 71.95 18.06 -16.54
C VAL A 63 71.49 18.43 -17.96
N PRO A 64 72.42 18.38 -18.94
CA PRO A 64 72.14 18.78 -20.33
C PRO A 64 71.02 17.97 -21.02
N ASP A 65 70.41 18.57 -22.03
CA ASP A 65 69.27 18.00 -22.79
C ASP A 65 69.61 16.70 -23.51
N ARG A 66 70.89 16.44 -23.72
CA ARG A 66 71.30 15.22 -24.40
C ARG A 66 70.98 13.93 -23.62
N PHE A 67 70.91 14.03 -22.29
CA PHE A 67 70.45 12.94 -21.40
C PHE A 67 68.93 12.87 -21.31
N SER A 68 68.36 11.72 -21.64
CA SER A 68 66.93 11.48 -21.40
C SER A 68 66.65 10.06 -20.87
N GLY A 69 65.59 9.94 -20.08
CA GLY A 69 65.15 8.63 -19.61
C GLY A 69 63.79 8.23 -20.17
N SER A 70 63.63 6.94 -20.45
CA SER A 70 62.33 6.34 -20.86
C SER A 70 62.08 5.13 -20.00
N GLY A 71 60.88 4.56 -20.11
CA GLY A 71 60.56 3.29 -19.48
C GLY A 71 59.30 3.31 -18.65
N SER A 72 58.82 2.13 -18.24
CA SER A 72 57.62 2.05 -17.42
C SER A 72 57.56 0.77 -16.57
N GLY A 73 57.61 -0.36 -17.25
CA GLY A 73 57.20 -1.62 -16.64
C GLY A 73 58.32 -2.18 -15.80
N THR A 74 59.07 -3.08 -16.42
CA THR A 74 60.26 -3.59 -15.78
C THR A 74 61.49 -3.20 -16.58
N ASP A 75 61.32 -2.35 -17.59
CA ASP A 75 62.43 -1.97 -18.45
C ASP A 75 62.60 -0.46 -18.62
N PHE A 76 63.77 0.05 -18.23
CA PHE A 76 64.07 1.48 -18.28
C PHE A 76 65.34 1.77 -19.04
N THR A 77 65.32 2.86 -19.81
CA THR A 77 66.40 3.22 -20.72
C THR A 77 66.88 4.65 -20.51
N LEU A 78 68.18 4.80 -20.34
CA LEU A 78 68.84 6.10 -20.46
C LEU A 78 69.42 6.22 -21.86
N ARG A 79 69.09 7.29 -22.56
CA ARG A 79 69.76 7.55 -23.84
C ARG A 79 70.63 8.79 -23.68
N ILE A 80 71.82 8.73 -24.24
CA ILE A 80 72.60 9.94 -24.43
C ILE A 80 72.70 10.17 -25.93
N SER A 81 72.11 11.25 -26.39
CA SER A 81 72.26 11.63 -27.78
C SER A 81 73.56 12.43 -27.76
N ARG A 82 74.50 12.09 -28.62
CA ARG A 82 75.75 12.83 -28.72
C ARG A 82 76.56 12.80 -27.40
N VAL A 83 77.36 11.74 -27.23
CA VAL A 83 78.19 11.58 -26.04
C VAL A 83 79.42 12.50 -26.12
N GLU A 84 79.75 13.17 -25.02
CA GLU A 84 80.98 13.95 -24.93
C GLU A 84 81.93 13.26 -23.96
N ALA A 85 83.18 13.71 -23.93
CA ALA A 85 84.20 13.13 -23.07
C ALA A 85 83.84 13.25 -21.59
N GLU A 86 83.19 14.35 -21.22
CA GLU A 86 82.76 14.57 -19.84
C GLU A 86 81.67 13.59 -19.39
N ASP A 87 81.04 12.90 -20.34
CA ASP A 87 79.96 11.95 -20.04
C ASP A 87 80.47 10.56 -19.68
N LEU A 88 81.78 10.33 -19.80
CA LEU A 88 82.32 8.99 -19.67
C LEU A 88 82.42 8.59 -18.20
N GLY A 89 82.18 7.31 -17.92
CA GLY A 89 82.24 6.79 -16.58
C GLY A 89 81.29 5.59 -16.44
N VAL A 90 80.82 5.36 -15.22
CA VAL A 90 79.95 4.24 -14.92
C VAL A 90 78.57 4.75 -14.58
N TYR A 91 77.58 4.28 -15.34
CA TYR A 91 76.18 4.61 -15.10
C TYR A 91 75.48 3.54 -14.29
N TYR A 92 74.82 3.98 -13.21
CA TYR A 92 74.04 3.11 -12.33
C TYR A 92 72.55 3.51 -12.32
N CYS A 93 71.65 2.56 -12.54
CA CYS A 93 70.24 2.81 -12.24
C CYS A 93 69.98 2.54 -10.78
N PHE A 94 68.89 3.11 -10.27
CA PHE A 94 68.55 3.02 -8.87
C PHE A 94 67.03 3.11 -8.73
N GLN A 95 66.45 2.22 -7.93
CA GLN A 95 65.03 2.36 -7.56
C GLN A 95 64.90 2.78 -6.09
N GLY A 96 64.17 3.87 -5.88
CA GLY A 96 63.80 4.33 -4.53
C GLY A 96 62.32 4.12 -4.26
N SER A 97 61.68 3.21 -5.01
CA SER A 97 60.23 2.98 -4.86
C SER A 97 59.89 2.05 -3.71
N HIS A 98 60.74 1.07 -3.45
CA HIS A 98 60.49 0.06 -2.43
C HIS A 98 61.73 -0.19 -1.60
N ILE A 99 61.59 -0.19 -0.28
CA ILE A 99 62.70 -0.50 0.63
C ILE A 99 62.89 -2.02 0.67
N PRO A 100 64.16 -2.49 0.64
CA PRO A 100 65.42 -1.74 0.55
C PRO A 100 65.63 -1.11 -0.83
N TRP A 101 66.19 0.08 -0.85
CA TRP A 101 66.48 0.75 -2.12
C TRP A 101 67.64 0.06 -2.76
N THR A 102 67.58 -0.11 -4.07
CA THR A 102 68.57 -0.94 -4.75
C THR A 102 69.11 -0.31 -6.01
N PHE A 103 70.36 -0.66 -6.29
CA PHE A 103 71.10 -0.17 -7.46
C PHE A 103 71.28 -1.28 -8.48
N GLY A 104 71.26 -0.90 -9.76
CA GLY A 104 71.79 -1.75 -10.83
C GLY A 104 73.29 -1.89 -10.67
N GLY A 105 73.89 -2.83 -11.42
CA GLY A 105 75.29 -3.16 -11.20
C GLY A 105 76.27 -2.24 -11.91
N GLY A 106 75.74 -1.33 -12.72
CA GLY A 106 76.57 -0.36 -13.45
C GLY A 106 76.86 -0.73 -14.88
N THR A 107 76.98 0.31 -15.72
CA THR A 107 77.34 0.16 -17.12
C THR A 107 78.45 1.16 -17.39
N LYS A 108 79.57 0.66 -17.89
CA LYS A 108 80.75 1.48 -18.12
C LYS A 108 80.72 2.08 -19.52
N LEU A 109 80.63 3.41 -19.59
CA LEU A 109 80.60 4.10 -20.87
C LEU A 109 82.01 4.53 -21.23
N GLU A 110 82.50 4.06 -22.39
CA GLU A 110 83.89 4.25 -22.80
C GLU A 110 83.97 4.91 -24.18
N SER A 111 85.05 5.63 -24.46
CA SER A 111 85.23 6.21 -25.80
C SER A 111 85.92 5.23 -26.75
N LYS A 112 85.46 5.24 -28.01
CA LYS A 112 86.11 4.56 -29.14
C LYS A 112 87.24 5.42 -29.74
N ARG A 113 88.34 4.79 -30.10
CA ARG A 113 89.42 5.45 -30.82
C ARG A 113 90.00 4.48 -31.85
N ALA A 114 90.99 4.93 -32.64
CA ALA A 114 91.70 4.04 -33.56
C ALA A 114 92.47 2.97 -32.78
N ASP A 115 92.54 1.76 -33.34
CA ASP A 115 93.32 0.71 -32.70
C ASP A 115 94.78 1.13 -32.57
N ALA A 116 95.37 0.83 -31.42
CA ALA A 116 96.76 1.15 -31.12
C ALA A 116 97.45 -0.06 -30.53
N ALA A 117 98.60 -0.42 -31.11
CA ALA A 117 99.44 -1.49 -30.60
C ALA A 117 100.10 -1.06 -29.30
N PRO A 118 100.24 -1.98 -28.32
CA PRO A 118 100.87 -1.62 -27.06
C PRO A 118 102.36 -1.40 -27.22
N THR A 119 102.92 -0.56 -26.35
CA THR A 119 104.34 -0.46 -26.13
C THR A 119 104.70 -1.45 -25.04
N VAL A 120 105.53 -2.44 -25.37
CA VAL A 120 105.85 -3.55 -24.47
C VAL A 120 107.26 -3.42 -23.90
N SER A 121 107.37 -3.55 -22.58
CA SER A 121 108.63 -3.50 -21.83
C SER A 121 108.65 -4.67 -20.87
N ILE A 122 109.76 -5.41 -20.86
CA ILE A 122 109.94 -6.54 -19.92
C ILE A 122 111.03 -6.19 -18.90
N PHE A 123 110.86 -6.65 -17.65
CA PHE A 123 111.84 -6.38 -16.58
C PHE A 123 112.22 -7.65 -15.83
N PRO A 124 113.52 -7.91 -15.69
CA PRO A 124 113.96 -9.02 -14.84
C PRO A 124 113.66 -8.70 -13.38
N PRO A 125 113.62 -9.74 -12.50
CA PRO A 125 113.57 -9.45 -11.05
C PRO A 125 114.72 -8.54 -10.65
N SER A 126 114.49 -7.56 -9.78
CA SER A 126 115.60 -6.72 -9.34
C SER A 126 116.56 -7.59 -8.51
N SER A 127 117.82 -7.16 -8.42
CA SER A 127 118.76 -7.81 -7.51
C SER A 127 118.26 -7.79 -6.05
N GLU A 128 117.54 -6.74 -5.67
CA GLU A 128 117.02 -6.57 -4.31
C GLU A 128 115.98 -7.62 -3.96
N GLN A 129 115.14 -7.99 -4.94
CA GLN A 129 114.12 -8.98 -4.68
C GLN A 129 114.74 -10.37 -4.56
N LEU A 130 115.83 -10.60 -5.30
CA LEU A 130 116.54 -11.87 -5.26
C LEU A 130 117.19 -12.16 -3.89
N THR A 131 117.76 -11.14 -3.24
CA THR A 131 118.35 -11.30 -1.89
C THR A 131 117.34 -11.79 -0.86
N SER A 132 116.07 -11.45 -1.07
CA SER A 132 114.97 -11.88 -0.19
C SER A 132 114.35 -13.23 -0.57
N GLY A 133 114.81 -13.85 -1.65
CA GLY A 133 114.36 -15.19 -2.04
C GLY A 133 113.17 -15.22 -3.00
N GLY A 134 112.84 -14.07 -3.56
CA GLY A 134 111.71 -13.98 -4.50
C GLY A 134 112.17 -13.62 -5.89
N ALA A 135 111.31 -13.82 -6.89
CA ALA A 135 111.60 -13.40 -8.25
C ALA A 135 110.33 -13.12 -9.05
N SER A 136 110.00 -11.84 -9.23
CA SER A 136 108.90 -11.43 -10.11
C SER A 136 109.44 -10.88 -11.42
N VAL A 137 108.84 -11.29 -12.54
CA VAL A 137 109.16 -10.76 -13.84
C VAL A 137 107.99 -9.87 -14.27
N VAL A 138 108.29 -8.64 -14.65
CA VAL A 138 107.25 -7.66 -14.87
C VAL A 138 107.18 -7.25 -16.34
N CYS A 139 105.97 -7.26 -16.88
CA CYS A 139 105.74 -6.82 -18.25
C CYS A 139 104.68 -5.70 -18.30
N PHE A 140 105.05 -4.57 -18.93
CA PHE A 140 104.11 -3.47 -19.18
C PHE A 140 103.68 -3.44 -20.65
N LEU A 141 102.38 -3.44 -20.87
CA LEU A 141 101.85 -3.27 -22.21
C LEU A 141 101.06 -1.97 -22.14
N ASN A 142 101.70 -0.90 -22.60
CA ASN A 142 101.19 0.44 -22.42
C ASN A 142 100.57 1.08 -23.65
N ASN A 143 99.47 1.77 -23.41
CA ASN A 143 98.84 2.68 -24.38
C ASN A 143 98.33 1.99 -25.64
N PHE A 144 97.44 1.03 -25.44
CA PHE A 144 96.86 0.26 -26.53
C PHE A 144 95.33 0.42 -26.64
N TYR A 145 94.79 -0.01 -27.77
CA TYR A 145 93.34 -0.01 -27.98
C TYR A 145 93.02 -1.07 -29.02
N PRO A 146 91.93 -1.86 -28.82
CA PRO A 146 90.95 -1.84 -27.71
C PRO A 146 91.41 -2.47 -26.40
N LYS A 147 90.52 -2.51 -25.41
CA LYS A 147 90.82 -2.96 -24.04
C LYS A 147 91.29 -4.41 -23.97
N ASP A 148 90.61 -5.27 -24.74
CA ASP A 148 90.89 -6.71 -24.69
C ASP A 148 92.18 -7.04 -25.46
N ILE A 149 93.23 -7.35 -24.71
CA ILE A 149 94.49 -7.79 -25.31
C ILE A 149 94.94 -9.10 -24.66
N ASN A 150 95.61 -9.94 -25.44
CA ASN A 150 96.11 -11.20 -24.94
C ASN A 150 97.59 -11.12 -24.56
N VAL A 151 97.90 -11.41 -23.29
CA VAL A 151 99.29 -11.51 -22.83
C VAL A 151 99.67 -12.97 -22.61
N LYS A 152 100.75 -13.40 -23.24
CA LYS A 152 101.30 -14.75 -23.05
C LYS A 152 102.73 -14.69 -22.51
N TRP A 153 102.99 -15.44 -21.44
CA TRP A 153 104.35 -15.65 -20.94
C TRP A 153 104.91 -16.97 -21.44
N LYS A 154 106.20 -16.96 -21.75
CA LYS A 154 106.96 -18.15 -22.09
C LYS A 154 108.23 -18.23 -21.24
N ILE A 155 108.52 -19.42 -20.73
CA ILE A 155 109.76 -19.69 -20.01
C ILE A 155 110.54 -20.76 -20.76
N ASP A 156 111.68 -20.35 -21.32
CA ASP A 156 112.49 -21.18 -22.21
C ASP A 156 111.73 -21.73 -23.42
N GLY A 157 110.69 -21.01 -23.82
CA GLY A 157 109.89 -21.39 -25.00
C GLY A 157 108.61 -22.13 -24.64
N SER A 158 108.43 -22.45 -23.35
CA SER A 158 107.21 -23.12 -22.88
C SER A 158 106.27 -22.16 -22.16
N GLU A 159 105.00 -22.18 -22.55
CA GLU A 159 103.98 -21.28 -22.01
C GLU A 159 103.77 -21.48 -20.51
N ARG A 160 103.59 -20.36 -19.80
CA ARG A 160 103.27 -20.38 -18.38
C ARG A 160 102.05 -19.50 -18.12
N GLN A 161 100.95 -20.13 -17.71
CA GLN A 161 99.71 -19.40 -17.36
C GLN A 161 99.48 -19.25 -15.85
N ASN A 162 100.22 -20.01 -15.04
CA ASN A 162 99.88 -20.17 -13.61
C ASN A 162 100.21 -19.02 -12.65
N GLY A 163 101.48 -18.69 -12.49
CA GLY A 163 101.87 -17.69 -11.50
C GLY A 163 101.78 -16.23 -11.95
N VAL A 164 100.72 -15.89 -12.69
CA VAL A 164 100.64 -14.56 -13.32
C VAL A 164 99.44 -13.72 -12.85
N LEU A 165 99.73 -12.46 -12.57
CA LEU A 165 98.72 -11.51 -12.13
C LEU A 165 98.71 -10.32 -13.09
N ASN A 166 97.53 -10.06 -13.65
CA ASN A 166 97.33 -8.95 -14.56
C ASN A 166 96.49 -7.84 -13.92
N SER A 167 96.76 -6.61 -14.32
CA SER A 167 96.02 -5.46 -13.83
C SER A 167 95.97 -4.42 -14.93
N TRP A 168 94.78 -3.84 -15.14
CA TRP A 168 94.48 -2.91 -16.21
C TRP A 168 94.15 -1.54 -15.63
N THR A 169 94.65 -0.49 -16.25
CA THR A 169 94.28 0.87 -15.88
C THR A 169 92.90 1.23 -16.44
N ASP A 170 92.31 2.31 -15.92
CA ASP A 170 91.12 2.90 -16.51
C ASP A 170 91.50 3.60 -17.80
N GLN A 171 90.58 3.57 -18.77
CA GLN A 171 90.79 4.23 -20.05
C GLN A 171 91.36 5.62 -19.82
N ASP A 172 92.45 5.90 -20.52
CA ASP A 172 93.17 7.16 -20.37
C ASP A 172 92.31 8.31 -20.90
N SER A 173 92.18 9.37 -20.11
CA SER A 173 91.36 10.54 -20.49
C SER A 173 91.91 11.28 -21.69
N LYS A 174 93.23 11.48 -21.71
CA LYS A 174 93.86 12.27 -22.77
C LYS A 174 93.84 11.55 -24.13
N ASP A 175 94.24 10.27 -24.17
CA ASP A 175 94.39 9.58 -25.46
C ASP A 175 93.42 8.42 -25.71
N SER A 176 92.58 8.10 -24.72
CA SER A 176 91.58 7.01 -24.80
C SER A 176 92.16 5.58 -24.89
N THR A 177 93.44 5.41 -24.61
CA THR A 177 94.07 4.07 -24.60
C THR A 177 93.91 3.38 -23.24
N TYR A 178 94.18 2.08 -23.23
CA TYR A 178 94.33 1.31 -22.00
C TYR A 178 95.79 0.91 -21.88
N SER A 179 96.21 0.64 -20.64
CA SER A 179 97.51 0.06 -20.33
C SER A 179 97.31 -1.15 -19.42
N MET A 180 98.25 -2.08 -19.47
CA MET A 180 98.15 -3.26 -18.65
C MET A 180 99.49 -3.63 -18.05
N SER A 181 99.42 -4.19 -16.84
CA SER A 181 100.59 -4.73 -16.18
C SER A 181 100.40 -6.23 -16.00
N SER A 182 101.43 -6.99 -16.34
CA SER A 182 101.43 -8.45 -16.15
C SER A 182 102.64 -8.89 -15.32
N THR A 183 102.38 -9.60 -14.22
CA THR A 183 103.48 -10.04 -13.33
C THR A 183 103.55 -11.54 -13.20
N LEU A 184 104.72 -12.08 -13.50
CA LEU A 184 104.99 -13.49 -13.30
C LEU A 184 105.83 -13.65 -12.04
N THR A 185 105.26 -14.21 -10.98
CA THR A 185 106.06 -14.39 -9.75
C THR A 185 106.49 -15.84 -9.55
N LEU A 186 107.76 -15.99 -9.24
CA LEU A 186 108.43 -17.26 -9.20
C LEU A 186 109.27 -17.22 -7.95
N THR A 187 109.75 -18.37 -7.49
CA THR A 187 110.79 -18.32 -6.46
C THR A 187 112.11 -18.01 -7.15
N LYS A 188 113.10 -17.60 -6.34
CA LYS A 188 114.41 -17.27 -6.83
C LYS A 188 115.04 -18.50 -7.46
N ASP A 189 114.90 -19.66 -6.79
CA ASP A 189 115.41 -20.93 -7.26
C ASP A 189 114.79 -21.34 -8.60
N GLU A 190 113.46 -21.26 -8.67
CA GLU A 190 112.72 -21.52 -9.91
C GLU A 190 113.25 -20.61 -11.03
N TYR A 191 113.44 -19.33 -10.70
CA TYR A 191 113.95 -18.33 -11.64
C TYR A 191 115.34 -18.65 -12.18
N GLU A 192 116.21 -19.11 -11.27
CA GLU A 192 117.60 -19.44 -11.56
C GLU A 192 117.75 -20.77 -12.33
N ARG A 193 116.66 -21.51 -12.47
CA ARG A 193 116.70 -22.76 -13.21
C ARG A 193 116.41 -22.57 -14.70
N HIS A 194 115.93 -21.38 -15.07
CA HIS A 194 115.54 -21.11 -16.45
C HIS A 194 116.30 -19.94 -17.04
N ASN A 195 116.29 -19.81 -18.36
CA ASN A 195 117.04 -18.74 -19.00
C ASN A 195 116.25 -17.67 -19.73
N SER A 196 115.49 -18.06 -20.76
CA SER A 196 114.71 -17.08 -21.51
C SER A 196 113.32 -16.84 -20.94
N TYR A 197 113.05 -15.56 -20.68
CA TYR A 197 111.77 -15.07 -20.20
C TYR A 197 111.20 -14.11 -21.22
N THR A 198 109.98 -14.41 -21.67
CA THR A 198 109.38 -13.67 -22.77
C THR A 198 107.94 -13.31 -22.48
N CYS A 199 107.64 -12.06 -22.76
CA CYS A 199 106.31 -11.50 -22.63
C CYS A 199 105.80 -11.17 -24.02
N GLU A 200 104.60 -11.66 -24.33
CA GLU A 200 104.07 -11.58 -25.69
C GLU A 200 102.69 -10.93 -25.73
N ALA A 201 102.55 -9.95 -26.62
CA ALA A 201 101.30 -9.22 -26.78
C ALA A 201 100.63 -9.60 -28.10
N THR A 202 99.37 -10.02 -28.02
CA THR A 202 98.57 -10.26 -29.22
C THR A 202 97.06 -10.02 -28.99
N HIS A 203 96.33 -9.93 -30.09
CA HIS A 203 94.87 -10.07 -30.07
C HIS A 203 94.55 -11.58 -30.15
N LYS A 204 94.04 -11.99 -31.30
CA LYS A 204 93.79 -13.41 -31.61
C LYS A 204 93.76 -13.53 -33.14
N THR A 205 93.58 -12.39 -33.80
CA THR A 205 93.65 -12.27 -35.26
C THR A 205 94.79 -11.31 -35.65
N SER A 206 95.30 -10.56 -34.66
CA SER A 206 96.36 -9.57 -34.89
C SER A 206 97.64 -10.20 -35.39
N THR A 207 98.03 -9.87 -36.62
CA THR A 207 99.14 -10.51 -37.30
C THR A 207 100.48 -9.83 -36.95
N SER A 208 100.59 -9.32 -35.73
CA SER A 208 101.78 -8.57 -35.33
C SER A 208 102.39 -8.96 -33.96
N PRO A 209 102.35 -10.26 -33.57
CA PRO A 209 102.64 -10.54 -32.16
C PRO A 209 103.86 -9.75 -31.69
N ILE A 210 103.66 -8.89 -30.69
CA ILE A 210 104.79 -8.14 -30.14
C ILE A 210 105.45 -8.92 -29.00
N VAL A 211 106.67 -9.35 -29.25
CA VAL A 211 107.42 -10.18 -28.31
C VAL A 211 108.55 -9.38 -27.68
N LYS A 212 108.64 -9.40 -26.36
CA LYS A 212 109.81 -8.89 -25.65
C LYS A 212 110.42 -9.97 -24.75
N SER A 213 111.74 -10.12 -24.84
CA SER A 213 112.49 -11.17 -24.15
C SER A 213 113.71 -10.67 -23.38
N PHE A 214 114.07 -11.39 -22.33
CA PHE A 214 115.44 -11.33 -21.84
C PHE A 214 115.94 -12.74 -21.51
N ASN A 215 117.26 -12.88 -21.47
CA ASN A 215 117.93 -14.08 -21.00
C ASN A 215 118.60 -13.69 -19.69
N ARG A 216 118.39 -14.45 -18.62
CA ARG A 216 119.00 -14.09 -17.34
C ARG A 216 120.52 -14.30 -17.29
N ASN A 217 121.02 -15.13 -18.21
CA ASN A 217 122.46 -15.32 -18.55
C ASN A 217 123.04 -16.68 -18.13
N ASP B 1 78.23 26.29 -1.36
CA ASP B 1 78.92 24.99 -1.52
C ASP B 1 78.37 23.96 -0.52
N VAL B 2 77.44 23.14 -0.99
CA VAL B 2 76.89 22.05 -0.19
C VAL B 2 77.92 20.93 -0.08
N LYS B 3 78.26 20.54 1.14
CA LYS B 3 79.29 19.51 1.32
C LYS B 3 78.91 18.40 2.31
N LEU B 4 79.33 17.18 1.97
CA LEU B 4 79.32 16.06 2.91
C LEU B 4 80.74 15.51 3.02
N VAL B 5 81.29 15.50 4.23
CA VAL B 5 82.64 14.94 4.45
C VAL B 5 82.70 13.78 5.45
N GLU B 6 82.95 12.58 4.90
CA GLU B 6 83.07 11.36 5.71
C GLU B 6 84.44 11.20 6.36
N SER B 7 84.45 10.50 7.50
CA SER B 7 85.66 10.17 8.23
C SER B 7 85.44 8.92 9.10
N GLY B 8 86.52 8.35 9.61
CA GLY B 8 86.45 7.28 10.58
C GLY B 8 86.63 5.91 9.96
N GLY B 9 86.94 5.87 8.66
CA GLY B 9 87.16 4.60 7.99
C GLY B 9 88.51 4.04 8.35
N GLY B 10 88.56 2.75 8.68
CA GLY B 10 89.81 2.08 9.07
C GLY B 10 89.81 0.59 8.85
N LEU B 11 90.90 -0.07 9.23
CA LEU B 11 91.02 -1.51 9.20
C LEU B 11 90.55 -2.09 10.52
N VAL B 12 89.60 -3.02 10.45
CA VAL B 12 89.06 -3.72 11.63
C VAL B 12 89.17 -5.24 11.47
N LYS B 13 89.42 -5.94 12.57
CA LYS B 13 89.43 -7.40 12.55
C LYS B 13 87.99 -7.87 12.61
N PRO B 14 87.69 -9.01 11.98
CA PRO B 14 86.30 -9.50 11.98
C PRO B 14 85.81 -9.67 13.42
N GLY B 15 84.59 -9.22 13.69
CA GLY B 15 84.07 -9.17 15.06
C GLY B 15 84.32 -7.83 15.75
N GLY B 16 85.10 -6.96 15.10
CA GLY B 16 85.43 -5.64 15.64
C GLY B 16 84.38 -4.59 15.36
N SER B 17 84.61 -3.39 15.91
CA SER B 17 83.68 -2.24 15.83
C SER B 17 84.37 -1.02 15.19
N LEU B 18 83.56 -0.11 14.66
CA LEU B 18 84.01 1.13 14.03
C LEU B 18 82.86 2.14 13.99
N ARG B 19 83.14 3.41 14.26
CA ARG B 19 82.13 4.44 14.04
C ARG B 19 82.57 5.43 12.96
N LEU B 20 81.76 5.55 11.90
CA LEU B 20 82.03 6.53 10.85
C LEU B 20 81.29 7.82 11.09
N SER B 21 81.85 8.93 10.62
CA SER B 21 81.18 10.22 10.72
C SER B 21 81.01 10.86 9.36
N CYS B 22 80.03 11.76 9.28
CA CYS B 22 79.75 12.49 8.07
C CYS B 22 79.32 13.89 8.45
N ALA B 23 80.21 14.85 8.20
CA ALA B 23 79.96 16.24 8.54
C ALA B 23 79.33 16.93 7.33
N ALA B 24 78.20 17.59 7.57
CA ALA B 24 77.49 18.30 6.51
C ALA B 24 77.61 19.82 6.64
N SER B 25 77.57 20.52 5.50
CA SER B 25 77.55 21.99 5.48
C SER B 25 76.84 22.51 4.23
N GLY B 26 76.41 23.76 4.29
CA GLY B 26 75.78 24.42 3.16
C GLY B 26 74.27 24.26 3.08
N PHE B 27 73.70 23.48 4.01
CA PHE B 27 72.24 23.31 4.08
C PHE B 27 71.78 23.12 5.52
N THR B 28 70.48 23.33 5.76
CA THR B 28 69.88 23.07 7.07
C THR B 28 69.78 21.56 7.26
N PHE B 29 70.77 21.01 7.96
CA PHE B 29 70.92 19.56 8.16
C PHE B 29 69.64 18.84 8.61
N ARG B 30 69.02 19.30 9.70
CA ARG B 30 67.82 18.65 10.25
C ARG B 30 66.64 18.58 9.28
N ASN B 31 66.76 19.26 8.14
CA ASN B 31 65.66 19.30 7.17
C ASN B 31 65.65 18.14 6.19
N TYR B 32 66.72 17.34 6.20
CA TYR B 32 66.94 16.31 5.18
C TYR B 32 67.15 14.95 5.77
N GLY B 33 66.52 13.95 5.15
CA GLY B 33 66.82 12.55 5.42
C GLY B 33 68.24 12.29 4.91
N MET B 34 68.93 11.35 5.56
CA MET B 34 70.27 10.95 5.16
C MET B 34 70.37 9.44 5.10
N SER B 35 71.26 8.95 4.23
CA SER B 35 71.58 7.54 4.14
C SER B 35 73.08 7.29 4.15
N TRP B 36 73.45 6.05 4.46
CA TRP B 36 74.77 5.52 4.11
C TRP B 36 74.61 4.52 2.96
N VAL B 37 75.51 4.65 1.98
CA VAL B 37 75.59 3.78 0.83
C VAL B 37 77.06 3.36 0.65
N ARG B 38 77.32 2.06 0.64
CA ARG B 38 78.68 1.51 0.46
C ARG B 38 78.90 1.09 -0.99
N GLN B 39 80.15 1.21 -1.45
CA GLN B 39 80.57 0.64 -2.71
C GLN B 39 81.64 -0.43 -2.48
N THR B 40 81.36 -1.64 -2.94
CA THR B 40 82.26 -2.78 -2.74
C THR B 40 83.52 -2.71 -3.65
N PRO B 41 84.56 -3.51 -3.35
CA PRO B 41 85.70 -3.59 -4.26
C PRO B 41 85.31 -3.99 -5.70
N GLU B 42 84.26 -4.79 -5.85
CA GLU B 42 83.68 -5.12 -7.15
C GLU B 42 82.83 -3.95 -7.74
N LYS B 43 82.77 -2.83 -7.01
CA LYS B 43 82.04 -1.60 -7.36
C LYS B 43 80.50 -1.65 -7.38
N ARG B 44 79.91 -2.65 -6.73
CA ARG B 44 78.45 -2.62 -6.51
C ARG B 44 78.11 -1.56 -5.47
N LEU B 45 77.11 -0.74 -5.75
CA LEU B 45 76.57 0.17 -4.74
C LEU B 45 75.43 -0.48 -3.93
N GLU B 46 75.49 -0.32 -2.62
CA GLU B 46 74.52 -0.97 -1.73
C GLU B 46 74.06 0.02 -0.69
N TRP B 47 72.76 0.27 -0.64
CA TRP B 47 72.19 1.14 0.37
C TRP B 47 72.21 0.43 1.72
N VAL B 48 72.69 1.12 2.74
CA VAL B 48 73.08 0.51 4.01
C VAL B 48 72.23 0.95 5.22
N ALA B 49 71.73 2.19 5.19
CA ALA B 49 70.95 2.74 6.32
C ALA B 49 70.43 4.13 6.00
N ALA B 50 69.24 4.43 6.52
CA ALA B 50 68.61 5.75 6.32
C ALA B 50 68.05 6.24 7.63
N ILE B 51 68.06 7.55 7.80
CA ILE B 51 67.49 8.20 8.98
C ILE B 51 66.74 9.46 8.57
N SER B 52 65.64 9.76 9.25
CA SER B 52 64.85 10.95 8.98
C SER B 52 65.54 12.23 9.48
N GLY B 53 65.15 13.37 8.90
CA GLY B 53 65.68 14.66 9.30
C GLY B 53 65.64 14.81 10.81
N ASN B 54 64.48 14.50 11.39
CA ASN B 54 64.28 14.66 12.82
C ASN B 54 64.93 13.58 13.69
N SER B 55 65.44 12.53 13.07
CA SER B 55 66.19 11.49 13.80
C SER B 55 65.32 10.33 14.27
N LEU B 56 64.00 10.47 14.14
CA LEU B 56 63.09 9.53 14.82
C LEU B 56 62.89 8.22 14.07
N TYR B 57 63.13 8.23 12.76
CA TYR B 57 62.84 7.06 11.93
C TYR B 57 64.07 6.60 11.18
N THR B 58 64.27 5.28 11.20
CA THR B 58 65.42 4.64 10.60
C THR B 58 64.98 3.39 9.83
N SER B 59 65.77 3.01 8.84
CA SER B 59 65.62 1.73 8.16
C SER B 59 66.95 1.14 7.72
N TYR B 60 66.93 -0.18 7.54
CA TYR B 60 68.13 -0.95 7.23
C TYR B 60 67.74 -2.06 6.29
N PRO B 61 68.66 -2.44 5.39
CA PRO B 61 68.45 -3.75 4.76
C PRO B 61 68.62 -4.85 5.82
N ASP B 62 68.02 -6.02 5.60
CA ASP B 62 68.15 -7.15 6.51
C ASP B 62 69.61 -7.61 6.68
N SER B 63 70.44 -7.45 5.65
CA SER B 63 71.85 -7.89 5.72
C SER B 63 72.72 -7.09 6.69
N VAL B 64 72.24 -5.94 7.17
CA VAL B 64 73.00 -5.16 8.18
C VAL B 64 72.23 -4.89 9.48
N LYS B 65 70.92 -5.20 9.50
CA LYS B 65 70.05 -5.04 10.69
C LYS B 65 70.68 -5.69 11.91
N GLY B 66 70.75 -4.97 13.01
CA GLY B 66 71.30 -5.54 14.24
C GLY B 66 72.82 -5.55 14.30
N ARG B 67 73.47 -5.06 13.24
CA ARG B 67 74.93 -4.91 13.24
C ARG B 67 75.30 -3.43 13.12
N PHE B 68 74.55 -2.70 12.29
CA PHE B 68 74.83 -1.29 12.01
C PHE B 68 73.75 -0.42 12.63
N THR B 69 74.11 0.77 13.10
CA THR B 69 73.14 1.72 13.67
C THR B 69 73.47 3.08 13.13
N ILE B 70 72.47 3.68 12.49
CA ILE B 70 72.59 5.02 11.94
C ILE B 70 72.04 5.99 12.99
N SER B 71 72.70 7.14 13.11
CA SER B 71 72.25 8.20 14.00
C SER B 71 72.73 9.53 13.43
N ARG B 72 72.29 10.61 14.04
CA ARG B 72 72.70 11.92 13.64
C ARG B 72 72.69 12.86 14.84
N ASP B 73 73.59 13.83 14.82
CA ASP B 73 73.58 14.93 15.81
C ASP B 73 73.32 16.23 15.05
N ASN B 74 72.06 16.61 15.00
CA ASN B 74 71.63 17.78 14.21
C ASN B 74 72.27 19.08 14.65
N ALA B 75 72.44 19.24 15.97
CA ALA B 75 73.19 20.36 16.56
C ALA B 75 74.65 20.44 16.08
N LYS B 76 75.20 19.30 15.67
CA LYS B 76 76.59 19.22 15.18
C LYS B 76 76.74 19.05 13.65
N ASN B 77 75.63 18.97 12.92
CA ASN B 77 75.65 18.68 11.47
C ASN B 77 76.39 17.38 11.13
N ASN B 78 76.28 16.39 12.00
CA ASN B 78 76.96 15.10 11.84
C ASN B 78 76.02 13.94 11.71
N LEU B 79 76.29 13.10 10.72
CA LEU B 79 75.68 11.79 10.59
C LEU B 79 76.69 10.73 11.01
N TYR B 80 76.21 9.68 11.67
CA TYR B 80 77.09 8.61 12.14
C TYR B 80 76.63 7.22 11.65
N LEU B 81 77.59 6.32 11.52
CA LEU B 81 77.30 4.90 11.30
C LEU B 81 78.14 4.07 12.25
N GLN B 82 77.49 3.47 13.23
CA GLN B 82 78.16 2.60 14.17
C GLN B 82 78.08 1.18 13.64
N MET B 83 79.23 0.59 13.39
CA MET B 83 79.32 -0.73 12.79
C MET B 83 79.92 -1.64 13.83
N SER B 84 79.28 -2.80 14.03
CA SER B 84 79.76 -3.80 14.97
C SER B 84 79.60 -5.21 14.40
N SER B 85 80.23 -6.16 15.07
CA SER B 85 80.40 -7.52 14.57
C SER B 85 80.64 -7.55 13.05
N LEU B 86 81.74 -6.94 12.64
CA LEU B 86 82.05 -6.78 11.22
C LEU B 86 82.58 -8.05 10.57
N ARG B 87 82.19 -8.31 9.32
CA ARG B 87 82.85 -9.36 8.54
C ARG B 87 83.37 -8.76 7.25
N SER B 88 84.19 -9.53 6.54
CA SER B 88 84.86 -9.09 5.33
C SER B 88 83.88 -8.66 4.24
N GLU B 89 82.63 -9.14 4.32
CA GLU B 89 81.57 -8.77 3.38
C GLU B 89 81.27 -7.26 3.46
N ASP B 90 81.63 -6.66 4.58
CA ASP B 90 81.38 -5.24 4.88
C ASP B 90 82.49 -4.32 4.37
N THR B 91 83.55 -4.94 3.85
CA THR B 91 84.64 -4.18 3.25
C THR B 91 84.13 -3.42 2.03
N ALA B 92 84.29 -2.10 2.07
CA ALA B 92 83.71 -1.19 1.09
C ALA B 92 84.10 0.27 1.33
N LEU B 93 83.84 1.10 0.33
CA LEU B 93 83.90 2.56 0.47
C LEU B 93 82.51 3.02 0.91
N TYR B 94 82.44 3.67 2.06
CA TYR B 94 81.18 4.08 2.65
C TYR B 94 80.88 5.56 2.38
N PHE B 95 79.81 5.78 1.60
CA PHE B 95 79.34 7.11 1.25
C PHE B 95 78.20 7.52 2.15
N CYS B 96 78.26 8.78 2.52
CA CYS B 96 77.20 9.55 3.12
C CYS B 96 76.39 10.20 1.99
N ALA B 97 75.08 10.11 2.02
CA ALA B 97 74.24 10.69 0.96
C ALA B 97 72.96 11.33 1.49
N ARG B 98 72.53 12.39 0.83
CA ARG B 98 71.37 13.17 1.27
C ARG B 98 70.13 12.83 0.43
N HIS B 99 68.96 12.73 1.06
CA HIS B 99 67.70 12.50 0.35
C HIS B 99 67.17 13.81 -0.24
N ASP B 100 66.57 13.73 -1.44
CA ASP B 100 66.04 14.90 -2.15
C ASP B 100 64.75 15.42 -1.51
N PHE B 109 66.28 10.29 -2.99
CA PHE B 109 67.13 9.56 -3.90
C PHE B 109 68.46 10.29 -4.04
N PHE B 110 69.02 10.68 -2.92
CA PHE B 110 70.39 11.13 -2.88
C PHE B 110 70.71 12.13 -4.02
N ASP B 111 70.79 13.42 -3.70
CA ASP B 111 71.19 14.41 -4.69
C ASP B 111 72.60 14.93 -4.39
N VAL B 112 73.10 14.62 -3.20
CA VAL B 112 74.42 15.02 -2.75
C VAL B 112 75.07 13.82 -2.09
N TRP B 113 76.30 13.49 -2.53
CA TRP B 113 77.11 12.39 -1.99
C TRP B 113 78.42 12.94 -1.43
N GLY B 114 78.93 12.34 -0.37
CA GLY B 114 80.29 12.63 0.06
C GLY B 114 81.32 11.93 -0.83
N ALA B 115 82.60 12.08 -0.51
CA ALA B 115 83.65 11.42 -1.26
C ALA B 115 83.88 9.99 -0.77
N GLY B 116 83.35 9.66 0.40
CA GLY B 116 83.45 8.33 0.97
C GLY B 116 84.63 8.14 1.91
N THR B 117 84.54 7.13 2.77
CA THR B 117 85.63 6.72 3.68
C THR B 117 85.73 5.19 3.63
N THR B 118 86.94 4.67 3.58
CA THR B 118 87.15 3.23 3.34
C THR B 118 87.13 2.45 4.65
N VAL B 119 86.33 1.38 4.66
CA VAL B 119 86.35 0.40 5.74
C VAL B 119 86.82 -0.92 5.19
N THR B 120 87.78 -1.54 5.87
CA THR B 120 88.22 -2.89 5.52
C THR B 120 88.23 -3.81 6.77
N ALA B 121 87.45 -4.89 6.70
CA ALA B 121 87.34 -5.86 7.79
C ALA B 121 88.06 -7.12 7.37
N SER B 122 89.10 -7.47 8.10
CA SER B 122 90.04 -8.49 7.66
C SER B 122 90.87 -8.95 8.85
N SER B 123 91.20 -10.24 8.85
CA SER B 123 92.04 -10.83 9.86
C SER B 123 93.50 -10.74 9.41
N ALA B 124 93.72 -10.33 8.17
CA ALA B 124 95.05 -10.19 7.59
C ALA B 124 95.80 -9.05 8.27
N LYS B 125 97.10 -9.26 8.49
CA LYS B 125 97.92 -8.34 9.26
C LYS B 125 98.48 -7.18 8.47
N THR B 126 98.54 -6.01 9.10
CA THR B 126 99.19 -4.83 8.54
C THR B 126 100.65 -5.14 8.21
N THR B 127 101.04 -4.88 6.95
CA THR B 127 102.34 -5.28 6.41
C THR B 127 102.84 -4.18 5.50
N PRO B 128 104.07 -3.68 5.76
CA PRO B 128 104.69 -2.69 4.88
C PRO B 128 105.06 -3.34 3.55
N PRO B 129 105.10 -2.54 2.46
CA PRO B 129 105.47 -3.10 1.17
C PRO B 129 107.00 -3.22 0.99
N SER B 130 107.43 -4.20 0.19
CA SER B 130 108.78 -4.20 -0.37
C SER B 130 108.76 -3.43 -1.70
N VAL B 131 109.65 -2.47 -1.86
CA VAL B 131 109.71 -1.69 -3.09
C VAL B 131 110.93 -2.06 -3.95
N TYR B 132 110.67 -2.57 -5.15
CA TYR B 132 111.74 -3.01 -6.02
C TYR B 132 111.79 -2.15 -7.26
N PRO B 133 113.00 -1.72 -7.65
CA PRO B 133 113.21 -0.91 -8.86
C PRO B 133 113.15 -1.77 -10.12
N LEU B 134 112.58 -1.22 -11.19
CA LEU B 134 112.52 -1.90 -12.49
C LEU B 134 113.29 -1.06 -13.51
N ALA B 135 114.54 -1.43 -13.73
CA ALA B 135 115.41 -0.81 -14.74
C ALA B 135 115.46 -1.76 -15.93
N PRO B 136 115.60 -1.22 -17.17
CA PRO B 136 115.64 -2.01 -18.38
C PRO B 136 116.64 -3.17 -18.32
N GLY B 137 116.17 -4.36 -18.74
CA GLY B 137 117.02 -5.55 -18.88
C GLY B 137 118.35 -5.13 -19.48
N SER B 138 119.44 -5.59 -18.85
CA SER B 138 120.79 -5.02 -18.99
C SER B 138 121.21 -4.51 -20.38
N ALA B 139 120.60 -5.05 -21.44
CA ALA B 139 120.88 -4.63 -22.83
C ALA B 139 120.39 -3.21 -23.13
N ALA B 140 121.31 -2.35 -23.56
CA ALA B 140 121.05 -0.94 -23.83
C ALA B 140 120.19 -0.74 -25.08
N GLN B 141 118.93 -0.39 -24.85
CA GLN B 141 117.92 -0.26 -25.91
C GLN B 141 116.96 0.91 -25.64
N THR B 142 116.53 1.68 -26.66
CA THR B 142 117.05 1.72 -28.03
C THR B 142 116.47 2.99 -28.69
N ASN B 143 115.15 3.13 -28.63
CA ASN B 143 114.45 4.23 -29.32
C ASN B 143 114.47 5.56 -28.55
N SER B 144 113.54 6.44 -28.91
CA SER B 144 113.43 7.76 -28.30
C SER B 144 113.04 7.73 -26.80
N MET B 145 112.32 6.68 -26.39
CA MET B 145 111.70 6.61 -25.06
C MET B 145 112.12 5.38 -24.25
N VAL B 146 112.32 5.56 -22.95
CA VAL B 146 112.66 4.46 -22.06
C VAL B 146 111.63 4.30 -20.95
N THR B 147 111.12 3.08 -20.78
CA THR B 147 110.16 2.79 -19.71
C THR B 147 110.88 2.20 -18.51
N LEU B 148 110.63 2.82 -17.36
CA LEU B 148 111.14 2.36 -16.06
C LEU B 148 109.96 1.99 -15.17
N GLY B 149 110.24 1.43 -14.00
CA GLY B 149 109.17 0.98 -13.14
C GLY B 149 109.57 0.80 -11.69
N CYS B 150 108.54 0.68 -10.85
CA CYS B 150 108.69 0.26 -9.45
C CYS B 150 107.63 -0.77 -9.13
N LEU B 151 108.07 -1.81 -8.44
CA LEU B 151 107.22 -2.92 -8.07
C LEU B 151 106.99 -2.81 -6.57
N VAL B 152 105.72 -2.73 -6.19
CA VAL B 152 105.37 -2.49 -4.78
C VAL B 152 104.64 -3.73 -4.30
N LYS B 153 105.31 -4.52 -3.47
CA LYS B 153 104.87 -5.89 -3.24
C LYS B 153 104.65 -6.26 -1.77
N GLY B 154 103.55 -6.98 -1.53
CA GLY B 154 103.29 -7.63 -0.24
C GLY B 154 102.90 -6.70 0.91
N TYR B 155 102.09 -5.69 0.60
CA TYR B 155 101.57 -4.81 1.62
C TYR B 155 100.11 -5.12 1.96
N PHE B 156 99.66 -4.64 3.12
CA PHE B 156 98.27 -4.71 3.55
C PHE B 156 98.08 -3.75 4.73
N PRO B 157 96.94 -3.01 4.77
CA PRO B 157 95.88 -2.92 3.77
C PRO B 157 96.23 -1.94 2.65
N GLU B 158 95.27 -1.73 1.75
CA GLU B 158 95.29 -0.62 0.82
C GLU B 158 94.96 0.65 1.61
N PRO B 159 95.33 1.84 1.10
CA PRO B 159 96.08 2.05 -0.14
C PRO B 159 97.56 2.32 0.06
N VAL B 160 98.25 2.33 -1.08
CA VAL B 160 99.58 2.85 -1.20
C VAL B 160 99.48 4.08 -2.13
N THR B 161 100.45 4.98 -2.00
CA THR B 161 100.58 6.15 -2.84
C THR B 161 101.91 6.04 -3.57
N VAL B 162 101.89 6.19 -4.89
CA VAL B 162 103.12 6.15 -5.67
C VAL B 162 103.28 7.45 -6.43
N THR B 163 104.43 8.10 -6.25
CA THR B 163 104.79 9.26 -7.07
C THR B 163 106.14 9.03 -7.72
N TRP B 164 106.45 9.86 -8.71
CA TRP B 164 107.74 9.85 -9.38
C TRP B 164 108.39 11.21 -9.18
N ASN B 165 109.67 11.18 -8.83
CA ASN B 165 110.45 12.38 -8.50
C ASN B 165 109.74 13.36 -7.59
N SER B 166 109.04 12.81 -6.59
CA SER B 166 108.27 13.58 -5.59
C SER B 166 107.02 14.27 -6.16
N GLY B 167 106.63 13.90 -7.38
CA GLY B 167 105.42 14.42 -8.00
C GLY B 167 105.71 15.35 -9.17
N SER B 168 106.98 15.75 -9.28
CA SER B 168 107.44 16.60 -10.38
C SER B 168 107.52 15.84 -11.72
N LEU B 169 107.55 14.52 -11.65
CA LEU B 169 107.46 13.68 -12.84
C LEU B 169 106.08 13.02 -12.85
N SER B 170 105.14 13.64 -13.56
CA SER B 170 103.73 13.23 -13.52
C SER B 170 103.21 12.74 -14.87
N SER B 171 103.72 13.32 -15.95
CA SER B 171 103.35 12.93 -17.30
C SER B 171 103.98 11.58 -17.66
N GLY B 172 103.24 10.76 -18.40
CA GLY B 172 103.78 9.51 -18.93
C GLY B 172 103.82 8.34 -17.96
N VAL B 173 103.03 8.43 -16.88
CA VAL B 173 103.01 7.37 -15.88
C VAL B 173 101.73 6.54 -15.84
N HIS B 174 101.89 5.25 -15.56
CA HIS B 174 100.74 4.38 -15.37
C HIS B 174 100.94 3.67 -14.03
N THR B 175 100.11 4.00 -13.06
CA THR B 175 100.11 3.27 -11.81
C THR B 175 98.91 2.34 -11.81
N PHE B 176 99.17 1.03 -11.71
CA PHE B 176 98.17 0.00 -11.91
C PHE B 176 97.42 -0.34 -10.62
N PRO B 177 96.16 -0.79 -10.73
CA PRO B 177 95.45 -1.22 -9.54
C PRO B 177 96.17 -2.38 -8.87
N ALA B 178 96.16 -2.38 -7.54
CA ALA B 178 96.73 -3.46 -6.77
C ALA B 178 95.93 -4.72 -7.01
N VAL B 179 96.60 -5.86 -6.90
CA VAL B 179 95.96 -7.17 -6.95
C VAL B 179 96.29 -7.89 -5.66
N LEU B 180 95.30 -8.60 -5.14
CA LEU B 180 95.35 -9.29 -3.88
C LEU B 180 95.73 -10.75 -4.11
N GLN B 181 96.91 -11.15 -3.66
CA GLN B 181 97.30 -12.56 -3.72
C GLN B 181 97.55 -13.13 -2.32
N SER B 182 96.55 -13.87 -1.82
CA SER B 182 96.56 -14.47 -0.48
C SER B 182 97.02 -13.52 0.63
N ASP B 183 96.11 -12.61 0.99
CA ASP B 183 96.24 -11.67 2.10
C ASP B 183 97.07 -10.42 1.84
N LEU B 184 97.80 -10.38 0.72
CA LEU B 184 98.69 -9.25 0.46
C LEU B 184 98.53 -8.65 -0.92
N TYR B 185 98.73 -7.34 -1.00
CA TYR B 185 98.62 -6.61 -2.25
C TYR B 185 99.95 -6.46 -2.98
N THR B 186 99.88 -6.47 -4.30
CA THR B 186 101.00 -6.11 -5.17
C THR B 186 100.51 -5.12 -6.22
N LEU B 187 101.26 -4.04 -6.37
CA LEU B 187 101.03 -3.07 -7.42
C LEU B 187 102.36 -2.73 -8.12
N SER B 188 102.27 -2.27 -9.37
CA SER B 188 103.42 -1.73 -10.10
C SER B 188 103.04 -0.40 -10.73
N SER B 189 104.05 0.42 -11.02
CA SER B 189 103.88 1.72 -11.67
C SER B 189 104.96 1.88 -12.72
N SER B 190 104.56 2.33 -13.91
CA SER B 190 105.54 2.58 -14.97
C SER B 190 105.64 4.08 -15.20
N VAL B 191 106.82 4.50 -15.63
CA VAL B 191 107.07 5.85 -16.09
C VAL B 191 107.92 5.77 -17.38
N THR B 192 107.55 6.55 -18.37
CA THR B 192 108.27 6.59 -19.64
C THR B 192 108.84 7.98 -19.82
N VAL B 193 110.15 8.07 -20.10
CA VAL B 193 110.83 9.36 -20.30
C VAL B 193 111.61 9.35 -21.62
N PRO B 194 111.99 10.55 -22.15
CA PRO B 194 112.93 10.52 -23.28
C PRO B 194 114.17 9.72 -22.90
N SER B 195 114.64 8.90 -23.85
CA SER B 195 115.77 8.00 -23.62
C SER B 195 117.08 8.74 -23.37
N SER B 196 117.08 10.03 -23.69
CA SER B 196 118.24 10.90 -23.48
C SER B 196 118.36 11.42 -22.04
N THR B 197 117.26 11.36 -21.30
CA THR B 197 117.18 11.96 -19.95
C THR B 197 117.47 10.96 -18.82
N TRP B 198 117.63 9.68 -19.18
CA TRP B 198 117.97 8.64 -18.21
C TRP B 198 119.05 7.74 -18.76
N PRO B 199 120.10 7.45 -17.96
CA PRO B 199 120.26 7.75 -16.53
C PRO B 199 120.87 9.11 -16.16
N SER B 200 121.09 9.99 -17.12
CA SER B 200 121.73 11.28 -16.82
C SER B 200 120.93 12.13 -15.82
N GLU B 201 119.60 11.99 -15.83
CA GLU B 201 118.73 12.67 -14.87
C GLU B 201 118.01 11.61 -14.03
N THR B 202 118.04 11.79 -12.71
CA THR B 202 117.57 10.78 -11.77
C THR B 202 116.06 10.56 -11.85
N VAL B 203 115.67 9.29 -11.82
CA VAL B 203 114.26 8.93 -11.74
C VAL B 203 114.10 8.12 -10.47
N THR B 204 113.22 8.58 -9.58
CA THR B 204 113.02 7.97 -8.27
C THR B 204 111.53 7.78 -8.09
N CYS B 205 111.12 6.59 -7.67
CA CYS B 205 109.74 6.43 -7.26
C CYS B 205 109.67 6.51 -5.75
N ASN B 206 108.61 7.17 -5.30
CA ASN B 206 108.36 7.40 -3.89
C ASN B 206 107.09 6.63 -3.61
N VAL B 207 107.15 5.75 -2.61
CA VAL B 207 106.01 4.94 -2.23
C VAL B 207 105.65 5.25 -0.77
N ALA B 208 104.40 5.64 -0.54
CA ALA B 208 103.89 5.81 0.82
C ALA B 208 102.85 4.75 1.16
N HIS B 209 103.01 4.15 2.34
CA HIS B 209 102.02 3.25 2.92
C HIS B 209 101.67 3.76 4.32
N PRO B 210 100.63 4.61 4.43
CA PRO B 210 100.24 5.19 5.72
C PRO B 210 99.89 4.17 6.79
N ALA B 211 99.21 3.08 6.42
CA ALA B 211 98.78 2.10 7.41
C ALA B 211 99.97 1.60 8.22
N SER B 212 101.10 1.41 7.56
CA SER B 212 102.29 0.92 8.22
C SER B 212 103.24 2.06 8.60
N SER B 213 102.86 3.29 8.28
CA SER B 213 103.67 4.49 8.60
C SER B 213 105.06 4.40 7.95
N THR B 214 105.06 4.05 6.67
CA THR B 214 106.27 3.79 5.92
C THR B 214 106.29 4.66 4.69
N LYS B 215 107.47 5.18 4.39
CA LYS B 215 107.75 5.74 3.07
C LYS B 215 109.06 5.15 2.56
N VAL B 216 109.10 4.85 1.26
CA VAL B 216 110.30 4.30 0.62
C VAL B 216 110.52 5.05 -0.68
N ASP B 217 111.73 5.57 -0.87
CA ASP B 217 112.15 6.17 -2.13
C ASP B 217 113.19 5.25 -2.75
N LYS B 218 112.98 4.91 -4.02
CA LYS B 218 113.81 3.96 -4.71
C LYS B 218 114.25 4.61 -6.02
N LYS B 219 115.53 5.00 -6.06
CA LYS B 219 116.11 5.60 -7.23
C LYS B 219 116.33 4.47 -8.23
N ILE B 220 115.93 4.67 -9.49
CA ILE B 220 116.11 3.66 -10.52
C ILE B 220 117.48 3.80 -11.16
N VAL B 221 118.37 2.85 -10.91
CA VAL B 221 119.73 2.85 -11.49
C VAL B 221 119.90 1.79 -12.59
N PRO B 222 120.72 2.07 -13.62
CA PRO B 222 120.97 1.05 -14.65
C PRO B 222 121.52 -0.23 -14.03
N ARG B 223 121.05 -1.38 -14.50
CA ARG B 223 121.52 -2.64 -13.91
C ARG B 223 122.83 -3.12 -14.51
N ASP B 224 123.54 -3.97 -13.77
CA ASP B 224 124.84 -4.52 -14.19
C ASP B 224 124.82 -6.04 -14.16
N ASP C 1 -47.96 -10.21 -6.37
CA ASP C 1 -47.45 -8.82 -6.56
C ASP C 1 -47.52 -8.43 -8.04
N VAL C 2 -47.54 -7.13 -8.32
CA VAL C 2 -47.47 -6.70 -9.72
C VAL C 2 -46.02 -6.80 -10.18
N LEU C 3 -45.77 -7.70 -11.12
CA LEU C 3 -44.43 -7.89 -11.66
C LEU C 3 -44.25 -7.11 -12.95
N MET C 4 -43.12 -6.41 -13.04
CA MET C 4 -42.89 -5.44 -14.10
C MET C 4 -41.74 -5.90 -14.95
N THR C 5 -42.02 -6.16 -16.22
CA THR C 5 -41.03 -6.70 -17.14
C THR C 5 -40.66 -5.69 -18.23
N GLN C 6 -39.36 -5.44 -18.39
CA GLN C 6 -38.83 -4.42 -19.29
C GLN C 6 -38.07 -5.00 -20.47
N SER C 7 -38.26 -4.41 -21.65
CA SER C 7 -37.55 -4.81 -22.87
C SER C 7 -37.22 -3.60 -23.76
N PRO C 8 -36.00 -3.56 -24.34
CA PRO C 8 -34.94 -4.57 -24.21
C PRO C 8 -34.18 -4.40 -22.90
N LEU C 9 -33.16 -5.23 -22.68
CA LEU C 9 -32.31 -5.06 -21.49
C LEU C 9 -31.26 -3.96 -21.67
N SER C 10 -30.78 -3.80 -22.89
CA SER C 10 -29.91 -2.69 -23.23
C SER C 10 -30.19 -2.25 -24.66
N LEU C 11 -30.14 -0.93 -24.86
CA LEU C 11 -30.49 -0.32 -26.13
C LEU C 11 -29.40 0.64 -26.58
N PRO C 12 -28.60 0.24 -27.60
CA PRO C 12 -27.77 1.20 -28.32
C PRO C 12 -28.64 2.09 -29.22
N VAL C 13 -28.34 3.39 -29.22
CA VAL C 13 -28.96 4.38 -30.12
C VAL C 13 -27.91 5.37 -30.61
N SER C 14 -28.09 5.88 -31.82
CA SER C 14 -27.27 7.01 -32.28
C SER C 14 -27.75 8.29 -31.60
N LEU C 15 -26.81 9.13 -31.14
CA LEU C 15 -27.15 10.45 -30.61
C LEU C 15 -27.93 11.25 -31.64
N GLY C 16 -29.15 11.62 -31.28
CA GLY C 16 -30.04 12.38 -32.19
C GLY C 16 -31.19 11.55 -32.77
N ASP C 17 -31.16 10.25 -32.53
CA ASP C 17 -32.17 9.33 -33.02
C ASP C 17 -33.16 8.99 -31.90
N GLN C 18 -34.24 8.29 -32.25
CA GLN C 18 -35.22 7.86 -31.24
C GLN C 18 -34.92 6.53 -30.54
N ALA C 19 -35.21 6.48 -29.24
CA ALA C 19 -35.17 5.26 -28.43
C ALA C 19 -36.54 4.95 -27.86
N SER C 20 -36.90 3.67 -27.82
CA SER C 20 -38.17 3.19 -27.25
C SER C 20 -37.95 2.01 -26.30
N ILE C 21 -38.64 2.05 -25.16
CA ILE C 21 -38.43 1.12 -24.06
C ILE C 21 -39.80 0.72 -23.52
N SER C 22 -40.08 -0.59 -23.53
CA SER C 22 -41.40 -1.11 -23.15
C SER C 22 -41.39 -1.71 -21.75
N CYS C 23 -42.55 -1.66 -21.11
CA CYS C 23 -42.72 -2.16 -19.74
C CYS C 23 -44.04 -2.87 -19.64
N ARG C 24 -43.98 -4.17 -19.33
CA ARG C 24 -45.19 -4.99 -19.13
C ARG C 24 -45.48 -5.27 -17.65
N CYS C 25 -46.74 -5.11 -17.27
CA CYS C 25 -47.25 -5.53 -15.97
C CYS C 25 -47.91 -6.90 -16.06
N SER C 26 -47.81 -7.66 -14.96
CA SER C 26 -48.42 -8.99 -14.86
C SER C 26 -49.93 -8.94 -14.62
N GLN C 27 -50.41 -7.80 -14.12
CA GLN C 27 -51.83 -7.55 -13.89
C GLN C 27 -52.13 -6.06 -14.06
N SER C 28 -53.40 -5.67 -14.11
CA SER C 28 -53.76 -4.25 -14.28
C SER C 28 -53.27 -3.40 -13.12
N ILE C 29 -53.00 -2.14 -13.42
CA ILE C 29 -52.57 -1.20 -12.42
C ILE C 29 -53.47 0.06 -12.40
N VAL C 30 -54.78 -0.18 -12.48
CA VAL C 30 -55.76 0.89 -12.38
C VAL C 30 -56.31 0.97 -10.94
N LYS C 31 -56.08 2.10 -10.30
CA LYS C 31 -56.64 2.39 -8.97
C LYS C 31 -58.14 2.69 -9.00
N SER C 32 -58.77 2.64 -7.82
CA SER C 32 -60.20 2.93 -7.68
C SER C 32 -60.64 4.27 -8.25
N ASN C 33 -59.72 5.22 -8.35
CA ASN C 33 -60.02 6.51 -8.98
C ASN C 33 -59.92 6.53 -10.52
N GLY C 34 -59.64 5.39 -11.13
CA GLY C 34 -59.53 5.29 -12.58
C GLY C 34 -58.19 5.72 -13.17
N HIS C 35 -57.26 6.12 -12.30
CA HIS C 35 -55.93 6.57 -12.73
C HIS C 35 -54.86 5.49 -12.55
N THR C 36 -53.79 5.57 -13.34
CA THR C 36 -52.76 4.55 -13.42
C THR C 36 -51.41 5.15 -13.04
N TYR C 37 -50.77 4.60 -12.02
CA TYR C 37 -49.58 5.24 -11.46
C TYR C 37 -48.32 4.54 -11.96
N LEU C 38 -48.14 4.57 -13.27
CA LEU C 38 -46.90 4.09 -13.88
C LEU C 38 -45.89 5.24 -14.05
N GLU C 39 -44.72 5.08 -13.46
CA GLU C 39 -43.65 6.07 -13.55
C GLU C 39 -42.44 5.49 -14.27
N TRP C 40 -41.67 6.39 -14.90
CA TRP C 40 -40.35 6.06 -15.42
C TRP C 40 -39.30 6.86 -14.65
N TYR C 41 -38.23 6.20 -14.23
CA TYR C 41 -37.10 6.84 -13.54
C TYR C 41 -35.85 6.72 -14.40
N LEU C 42 -34.97 7.71 -14.33
CA LEU C 42 -33.64 7.55 -14.91
C LEU C 42 -32.58 7.54 -13.80
N GLN C 43 -31.74 6.51 -13.82
CA GLN C 43 -30.53 6.48 -13.01
C GLN C 43 -29.32 6.65 -13.94
N LYS C 44 -28.66 7.79 -13.82
CA LYS C 44 -27.44 8.08 -14.56
C LYS C 44 -26.25 7.51 -13.78
N PRO C 45 -25.18 7.13 -14.49
CA PRO C 45 -23.99 6.58 -13.86
C PRO C 45 -23.57 7.40 -12.61
N GLY C 46 -23.46 6.72 -11.47
CA GLY C 46 -23.03 7.34 -10.22
C GLY C 46 -24.09 8.05 -9.38
N ARG C 47 -25.32 8.14 -9.89
CA ARG C 47 -26.36 8.96 -9.26
C ARG C 47 -27.56 8.16 -8.75
N SER C 48 -28.49 8.86 -8.12
CA SER C 48 -29.74 8.27 -7.64
C SER C 48 -30.80 8.30 -8.75
N PRO C 49 -31.79 7.40 -8.70
CA PRO C 49 -32.89 7.50 -9.66
C PRO C 49 -33.54 8.87 -9.59
N LYS C 50 -33.85 9.46 -10.74
CA LYS C 50 -34.66 10.67 -10.75
C LYS C 50 -35.90 10.46 -11.62
N LEU C 51 -37.04 10.98 -11.14
CA LEU C 51 -38.34 10.76 -11.77
C LEU C 51 -38.42 11.51 -13.10
N LEU C 52 -38.81 10.81 -14.16
CA LEU C 52 -38.98 11.46 -15.47
C LEU C 52 -40.44 11.61 -15.83
N ILE C 53 -41.16 10.48 -15.79
CA ILE C 53 -42.56 10.41 -16.19
C ILE C 53 -43.39 9.89 -15.01
N TYR C 54 -44.55 10.50 -14.76
CA TYR C 54 -45.50 10.01 -13.76
C TYR C 54 -46.89 9.84 -14.36
N LYS C 55 -47.68 8.93 -13.79
CA LYS C 55 -49.02 8.62 -14.31
C LYS C 55 -49.03 8.49 -15.83
N VAL C 56 -48.12 7.63 -16.31
CA VAL C 56 -48.12 7.13 -17.69
C VAL C 56 -47.50 8.09 -18.72
N SER C 57 -47.96 9.33 -18.74
CA SER C 57 -47.70 10.23 -19.88
C SER C 57 -47.31 11.65 -19.52
N ASN C 58 -47.23 11.95 -18.22
CA ASN C 58 -46.96 13.31 -17.78
C ASN C 58 -45.47 13.45 -17.48
N ARG C 59 -44.87 14.50 -18.03
CA ARG C 59 -43.49 14.86 -17.76
C ARG C 59 -43.37 15.49 -16.40
N PHE C 60 -42.39 15.03 -15.64
CA PHE C 60 -42.12 15.62 -14.35
C PHE C 60 -41.41 16.98 -14.50
N SER C 61 -41.38 17.75 -13.42
CA SER C 61 -40.67 19.02 -13.34
C SER C 61 -39.24 18.95 -13.88
N GLY C 62 -38.95 19.84 -14.83
CA GLY C 62 -37.62 19.96 -15.43
C GLY C 62 -37.33 18.97 -16.56
N VAL C 63 -38.28 18.07 -16.84
CA VAL C 63 -38.03 17.04 -17.85
C VAL C 63 -38.24 17.59 -19.27
N PRO C 64 -37.19 17.51 -20.12
CA PRO C 64 -37.31 18.06 -21.48
C PRO C 64 -38.32 17.32 -22.37
N ASP C 65 -38.62 17.91 -23.53
CA ASP C 65 -39.76 17.50 -24.37
C ASP C 65 -39.57 16.19 -25.11
N ARG C 66 -38.30 15.78 -25.23
CA ARG C 66 -37.97 14.54 -25.93
C ARG C 66 -38.43 13.28 -25.19
N PHE C 67 -38.84 13.42 -23.93
CA PHE C 67 -39.33 12.26 -23.16
C PHE C 67 -40.85 12.25 -23.15
N SER C 68 -41.44 11.21 -23.70
CA SER C 68 -42.89 11.04 -23.66
C SER C 68 -43.25 9.60 -23.31
N GLY C 69 -44.27 9.44 -22.47
CA GLY C 69 -44.74 8.11 -22.09
C GLY C 69 -46.12 7.84 -22.64
N SER C 70 -46.42 6.57 -22.92
CA SER C 70 -47.77 6.17 -23.34
C SER C 70 -48.10 4.77 -22.85
N GLY C 71 -49.26 4.28 -23.28
CA GLY C 71 -49.66 2.91 -23.05
C GLY C 71 -50.94 2.80 -22.26
N SER C 72 -51.40 1.57 -22.08
CA SER C 72 -52.62 1.27 -21.35
C SER C 72 -52.67 -0.21 -20.93
N GLY C 73 -53.64 -0.54 -20.08
CA GLY C 73 -53.80 -1.89 -19.53
C GLY C 73 -52.58 -2.38 -18.79
N THR C 74 -51.74 -3.14 -19.50
CA THR C 74 -50.57 -3.77 -18.92
C THR C 74 -49.29 -3.48 -19.71
N ASP C 75 -49.40 -2.68 -20.78
CA ASP C 75 -48.27 -2.38 -21.65
C ASP C 75 -48.04 -0.87 -21.73
N PHE C 76 -46.80 -0.46 -21.44
CA PHE C 76 -46.43 0.95 -21.33
C PHE C 76 -45.08 1.22 -21.99
N THR C 77 -44.96 2.36 -22.66
CA THR C 77 -43.76 2.70 -23.43
C THR C 77 -43.23 4.09 -23.07
N LEU C 78 -41.91 4.19 -22.93
CA LEU C 78 -41.19 5.46 -22.86
C LEU C 78 -40.47 5.66 -24.18
N ARG C 79 -40.77 6.79 -24.84
CA ARG C 79 -40.07 7.17 -26.06
C ARG C 79 -39.14 8.36 -25.79
N ILE C 80 -37.86 8.18 -26.11
CA ILE C 80 -36.89 9.26 -26.05
C ILE C 80 -36.45 9.69 -27.46
N SER C 81 -36.92 10.87 -27.89
CA SER C 81 -36.52 11.44 -29.18
C SER C 81 -35.16 12.15 -29.06
N ARG C 82 -34.52 12.39 -30.20
CA ARG C 82 -33.32 13.24 -30.26
C ARG C 82 -32.35 12.98 -29.07
N VAL C 83 -32.13 11.70 -28.78
CA VAL C 83 -31.36 11.29 -27.61
C VAL C 83 -30.03 12.04 -27.51
N GLU C 84 -29.68 12.43 -26.29
CA GLU C 84 -28.43 13.15 -26.03
C GLU C 84 -27.44 12.30 -25.26
N ALA C 85 -26.19 12.73 -25.22
CA ALA C 85 -25.17 12.06 -24.41
C ALA C 85 -25.59 11.97 -22.94
N GLU C 86 -26.21 13.03 -22.43
CA GLU C 86 -26.62 13.09 -21.01
C GLU C 86 -27.78 12.16 -20.67
N ASP C 87 -28.53 11.72 -21.69
CA ASP C 87 -29.68 10.83 -21.49
C ASP C 87 -29.29 9.38 -21.21
N LEU C 88 -27.99 9.09 -21.34
CA LEU C 88 -27.51 7.72 -21.14
C LEU C 88 -27.49 7.31 -19.66
N GLY C 89 -27.94 6.08 -19.40
CA GLY C 89 -28.04 5.52 -18.06
C GLY C 89 -29.06 4.40 -18.08
N VAL C 90 -29.56 4.04 -16.90
CA VAL C 90 -30.56 2.96 -16.79
C VAL C 90 -31.95 3.55 -16.53
N TYR C 91 -32.90 3.14 -17.35
CA TYR C 91 -34.30 3.51 -17.20
C TYR C 91 -35.07 2.34 -16.56
N TYR C 92 -35.83 2.65 -15.52
CA TYR C 92 -36.70 1.70 -14.81
C TYR C 92 -38.15 2.17 -14.90
N CYS C 93 -39.07 1.25 -15.20
CA CYS C 93 -40.48 1.56 -14.98
C CYS C 93 -40.85 1.23 -13.53
N PHE C 94 -42.00 1.73 -13.09
CA PHE C 94 -42.43 1.62 -11.69
C PHE C 94 -43.94 1.76 -11.62
N GLN C 95 -44.59 0.89 -10.85
CA GLN C 95 -46.01 1.08 -10.55
C GLN C 95 -46.24 1.35 -9.07
N GLY C 96 -47.09 2.33 -8.79
CA GLY C 96 -47.52 2.64 -7.44
C GLY C 96 -49.03 2.51 -7.26
N SER C 97 -49.65 1.71 -8.12
CA SER C 97 -51.10 1.46 -8.06
C SER C 97 -51.52 0.43 -7.01
N HIS C 98 -50.67 -0.59 -6.78
CA HIS C 98 -50.99 -1.63 -5.80
C HIS C 98 -49.82 -1.95 -4.87
N ILE C 99 -50.02 -1.82 -3.56
CA ILE C 99 -49.02 -2.22 -2.57
C ILE C 99 -48.76 -3.74 -2.63
N PRO C 100 -47.48 -4.18 -2.69
CA PRO C 100 -46.25 -3.40 -2.72
C PRO C 100 -45.96 -2.70 -4.05
N TRP C 101 -45.53 -1.44 -3.95
CA TRP C 101 -44.91 -0.68 -5.03
C TRP C 101 -43.74 -1.49 -5.61
N THR C 102 -43.72 -1.64 -6.93
CA THR C 102 -42.76 -2.50 -7.63
C THR C 102 -42.10 -1.77 -8.81
N PHE C 103 -40.83 -2.11 -9.04
CA PHE C 103 -40.01 -1.58 -10.14
C PHE C 103 -39.80 -2.62 -11.25
N GLY C 104 -39.54 -2.13 -12.46
CA GLY C 104 -39.05 -2.96 -13.57
C GLY C 104 -37.56 -3.25 -13.41
N GLY C 105 -37.06 -4.18 -14.22
CA GLY C 105 -35.66 -4.61 -14.15
C GLY C 105 -34.61 -3.63 -14.65
N GLY C 106 -35.03 -2.65 -15.45
CA GLY C 106 -34.10 -1.66 -16.00
C GLY C 106 -33.66 -1.91 -17.42
N THR C 107 -33.54 -0.85 -18.21
CA THR C 107 -32.96 -0.88 -19.56
C THR C 107 -31.79 0.12 -19.60
N LYS C 108 -30.60 -0.34 -19.98
CA LYS C 108 -29.46 0.58 -20.13
C LYS C 108 -29.46 1.20 -21.53
N LEU C 109 -29.55 2.53 -21.56
CA LEU C 109 -29.44 3.27 -22.81
C LEU C 109 -27.96 3.58 -23.09
N GLU C 110 -27.50 3.17 -24.27
CA GLU C 110 -26.10 3.27 -24.67
C GLU C 110 -26.05 3.96 -26.01
N SER C 111 -24.92 4.57 -26.32
CA SER C 111 -24.76 5.27 -27.61
C SER C 111 -23.95 4.46 -28.61
N LYS C 112 -24.31 4.60 -29.88
CA LYS C 112 -23.57 3.97 -30.98
C LYS C 112 -22.38 4.81 -31.37
N ARG C 113 -21.40 4.15 -32.00
CA ARG C 113 -20.23 4.82 -32.56
C ARG C 113 -19.56 3.92 -33.62
N ALA C 114 -18.56 4.48 -34.30
CA ALA C 114 -17.76 3.75 -35.26
C ALA C 114 -17.04 2.59 -34.59
N ASP C 115 -16.81 1.52 -35.36
CA ASP C 115 -16.11 0.36 -34.82
C ASP C 115 -14.69 0.72 -34.40
N ALA C 116 -14.21 0.02 -33.38
CA ALA C 116 -12.88 0.23 -32.86
C ALA C 116 -12.33 -1.05 -32.27
N ALA C 117 -11.25 -1.55 -32.85
CA ALA C 117 -10.54 -2.70 -32.28
C ALA C 117 -9.97 -2.33 -30.92
N PRO C 118 -10.07 -3.25 -29.95
CA PRO C 118 -9.47 -3.03 -28.64
C PRO C 118 -7.95 -2.85 -28.70
N THR C 119 -7.42 -2.08 -27.76
CA THR C 119 -6.00 -2.08 -27.51
C THR C 119 -5.77 -3.14 -26.43
N VAL C 120 -5.03 -4.18 -26.80
CA VAL C 120 -4.82 -5.35 -25.94
C VAL C 120 -3.40 -5.32 -25.37
N SER C 121 -3.31 -5.43 -24.05
CA SER C 121 -2.05 -5.45 -23.31
C SER C 121 -2.08 -6.64 -22.35
N ILE C 122 -1.06 -7.50 -22.42
CA ILE C 122 -0.95 -8.64 -21.51
C ILE C 122 0.19 -8.42 -20.48
N PHE C 123 -0.02 -8.91 -19.26
CA PHE C 123 0.91 -8.74 -18.16
C PHE C 123 1.18 -10.02 -17.38
N PRO C 124 2.47 -10.37 -17.21
CA PRO C 124 2.82 -11.54 -16.40
C PRO C 124 2.54 -11.28 -14.92
N PRO C 125 2.51 -12.34 -14.10
CA PRO C 125 2.51 -12.18 -12.64
C PRO C 125 3.68 -11.30 -12.18
N SER C 126 3.43 -10.46 -11.17
CA SER C 126 4.50 -9.67 -10.57
C SER C 126 5.47 -10.56 -9.78
N SER C 127 6.70 -10.13 -9.61
CA SER C 127 7.57 -10.90 -8.75
C SER C 127 7.03 -10.90 -7.31
N GLU C 128 6.38 -9.80 -6.91
CA GLU C 128 5.77 -9.67 -5.58
C GLU C 128 4.72 -10.74 -5.32
N GLN C 129 3.81 -10.93 -6.27
CA GLN C 129 2.76 -11.92 -6.09
C GLN C 129 3.33 -13.31 -5.99
N LEU C 130 4.33 -13.59 -6.83
CA LEU C 130 4.92 -14.91 -6.86
C LEU C 130 5.47 -15.31 -5.49
N THR C 131 6.03 -14.34 -4.74
CA THR C 131 6.51 -14.58 -3.37
C THR C 131 5.41 -15.02 -2.38
N SER C 132 4.15 -14.78 -2.74
CA SER C 132 3.04 -15.19 -1.92
C SER C 132 2.44 -16.52 -2.41
N GLY C 133 2.96 -17.04 -3.54
CA GLY C 133 2.54 -18.34 -4.06
C GLY C 133 1.36 -18.32 -5.04
N GLY C 134 0.92 -17.12 -5.40
CA GLY C 134 -0.15 -16.91 -6.38
C GLY C 134 0.43 -16.36 -7.67
N ALA C 135 -0.34 -16.41 -8.75
CA ALA C 135 0.12 -15.90 -10.05
C ALA C 135 -1.04 -15.46 -10.94
N SER C 136 -1.29 -14.16 -11.01
CA SER C 136 -2.37 -13.61 -11.84
C SER C 136 -1.78 -13.09 -13.14
N VAL C 137 -2.30 -13.59 -14.25
CA VAL C 137 -1.94 -13.07 -15.56
C VAL C 137 -3.08 -12.13 -15.97
N VAL C 138 -2.75 -10.87 -16.23
CA VAL C 138 -3.77 -9.83 -16.49
C VAL C 138 -3.71 -9.36 -17.93
N CYS C 139 -4.88 -9.16 -18.52
CA CYS C 139 -5.01 -8.67 -19.88
C CYS C 139 -6.02 -7.50 -19.94
N PHE C 140 -5.57 -6.35 -20.44
CA PHE C 140 -6.47 -5.22 -20.66
C PHE C 140 -6.86 -5.17 -22.12
N LEU C 141 -8.16 -5.08 -22.35
CA LEU C 141 -8.73 -4.91 -23.69
C LEU C 141 -9.44 -3.58 -23.64
N ASN C 142 -8.79 -2.55 -24.15
CA ASN C 142 -9.21 -1.17 -23.93
C ASN C 142 -9.71 -0.41 -25.14
N ASN C 143 -10.73 0.40 -24.88
CA ASN C 143 -11.32 1.30 -25.87
C ASN C 143 -11.81 0.64 -27.14
N PHE C 144 -12.67 -0.36 -26.98
CA PHE C 144 -13.25 -1.04 -28.12
C PHE C 144 -14.75 -0.71 -28.29
N TYR C 145 -15.25 -0.94 -29.48
CA TYR C 145 -16.70 -0.88 -29.74
C TYR C 145 -17.05 -1.81 -30.90
N PRO C 146 -18.19 -2.53 -30.80
CA PRO C 146 -19.21 -2.70 -29.74
C PRO C 146 -18.78 -3.41 -28.44
N LYS C 147 -19.70 -3.42 -27.48
CA LYS C 147 -19.49 -3.90 -26.10
C LYS C 147 -19.12 -5.39 -26.02
N ASP C 148 -19.78 -6.20 -26.84
CA ASP C 148 -19.52 -7.63 -26.82
C ASP C 148 -18.28 -7.98 -27.64
N ILE C 149 -17.35 -8.65 -26.99
CA ILE C 149 -16.21 -9.29 -27.64
C ILE C 149 -15.82 -10.52 -26.84
N ASN C 150 -15.21 -11.49 -27.52
CA ASN C 150 -14.76 -12.73 -26.88
C ASN C 150 -13.30 -12.65 -26.47
N VAL C 151 -13.02 -12.94 -25.20
CA VAL C 151 -11.66 -13.08 -24.68
C VAL C 151 -11.31 -14.55 -24.40
N LYS C 152 -10.22 -15.00 -25.00
CA LYS C 152 -9.78 -16.38 -24.89
C LYS C 152 -8.35 -16.48 -24.33
N TRP C 153 -8.21 -17.21 -23.24
CA TRP C 153 -6.89 -17.50 -22.67
C TRP C 153 -6.40 -18.84 -23.18
N LYS C 154 -5.10 -18.89 -23.48
CA LYS C 154 -4.40 -20.10 -23.87
C LYS C 154 -3.16 -20.21 -22.97
N ILE C 155 -2.93 -21.39 -22.38
CA ILE C 155 -1.70 -21.62 -21.64
C ILE C 155 -1.02 -22.81 -22.28
N ASP C 156 0.19 -22.56 -22.81
CA ASP C 156 0.90 -23.54 -23.63
C ASP C 156 0.03 -24.07 -24.78
N GLY C 157 -0.76 -23.20 -25.38
CA GLY C 157 -1.60 -23.57 -26.52
C GLY C 157 -2.95 -24.17 -26.15
N SER C 158 -3.07 -24.60 -24.90
CA SER C 158 -4.33 -25.18 -24.44
C SER C 158 -5.25 -24.07 -23.98
N GLU C 159 -6.39 -23.96 -24.65
CA GLU C 159 -7.45 -23.06 -24.25
C GLU C 159 -7.68 -23.23 -22.77
N ARG C 160 -7.90 -22.14 -22.07
CA ARG C 160 -8.09 -22.22 -20.65
C ARG C 160 -9.34 -21.43 -20.27
N GLN C 161 -10.49 -21.95 -20.69
CA GLN C 161 -11.77 -21.39 -20.23
C GLN C 161 -11.96 -21.70 -18.71
N ASN C 162 -10.82 -21.82 -17.98
CA ASN C 162 -10.78 -22.22 -16.56
C ASN C 162 -11.06 -21.05 -15.58
N GLY C 163 -10.06 -20.71 -14.75
CA GLY C 163 -10.20 -19.70 -13.68
C GLY C 163 -9.95 -18.25 -14.07
N VAL C 164 -10.76 -17.76 -15.00
CA VAL C 164 -10.66 -16.38 -15.47
C VAL C 164 -11.78 -15.51 -14.88
N LEU C 165 -11.42 -14.37 -14.29
CA LEU C 165 -12.38 -13.36 -13.85
C LEU C 165 -12.39 -12.17 -14.81
N ASN C 166 -13.59 -11.72 -15.18
CA ASN C 166 -13.74 -10.59 -16.08
C ASN C 166 -14.45 -9.39 -15.46
N SER C 167 -14.07 -8.20 -15.91
CA SER C 167 -14.69 -6.95 -15.48
C SER C 167 -14.79 -5.96 -16.63
N TRP C 168 -15.90 -5.22 -16.68
CA TRP C 168 -16.17 -4.22 -17.72
C TRP C 168 -16.43 -2.84 -17.14
N THR C 169 -15.91 -1.82 -17.82
CA THR C 169 -16.22 -0.45 -17.45
C THR C 169 -17.55 -0.05 -18.06
N ASP C 170 -18.13 1.02 -17.52
CA ASP C 170 -19.27 1.68 -18.15
C ASP C 170 -18.80 2.28 -19.45
N GLN C 171 -19.69 2.34 -20.43
CA GLN C 171 -19.40 3.01 -21.70
C GLN C 171 -18.73 4.33 -21.39
N ASP C 172 -17.59 4.58 -22.02
CA ASP C 172 -16.82 5.79 -21.79
C ASP C 172 -17.61 7.02 -22.23
N SER C 173 -17.69 7.98 -21.31
CA SER C 173 -18.37 9.24 -21.49
C SER C 173 -17.84 10.02 -22.69
N LYS C 174 -16.53 10.01 -22.84
CA LYS C 174 -15.85 10.88 -23.81
C LYS C 174 -15.91 10.31 -25.22
N ASP C 175 -15.53 9.04 -25.38
CA ASP C 175 -15.36 8.43 -26.71
C ASP C 175 -16.36 7.34 -27.07
N SER C 176 -17.30 7.04 -26.17
CA SER C 176 -18.34 6.01 -26.39
C SER C 176 -17.82 4.57 -26.47
N THR C 177 -16.55 4.35 -26.12
CA THR C 177 -15.99 3.00 -26.17
C THR C 177 -16.22 2.21 -24.86
N TYR C 178 -15.95 0.92 -24.91
CA TYR C 178 -15.95 0.07 -23.71
C TYR C 178 -14.53 -0.41 -23.44
N SER C 179 -14.27 -0.79 -22.19
CA SER C 179 -13.01 -1.46 -21.85
C SER C 179 -13.27 -2.69 -20.99
N MET C 180 -12.41 -3.69 -21.12
CA MET C 180 -12.48 -4.91 -20.33
C MET C 180 -11.11 -5.29 -19.72
N SER C 181 -11.13 -5.82 -18.49
CA SER C 181 -9.94 -6.50 -17.96
C SER C 181 -10.25 -7.95 -17.65
N SER C 182 -9.29 -8.80 -17.99
CA SER C 182 -9.41 -10.23 -17.81
C SER C 182 -8.20 -10.71 -17.03
N THR C 183 -8.45 -11.30 -15.87
CA THR C 183 -7.40 -11.83 -14.99
C THR C 183 -7.55 -13.34 -14.87
N LEU C 184 -6.46 -14.06 -15.11
CA LEU C 184 -6.41 -15.52 -14.97
C LEU C 184 -5.55 -15.83 -13.74
N THR C 185 -6.13 -16.45 -12.70
CA THR C 185 -5.36 -16.67 -11.47
C THR C 185 -4.94 -18.14 -11.30
N LEU C 186 -3.64 -18.39 -11.32
CA LEU C 186 -3.06 -19.73 -11.12
C LEU C 186 -2.27 -19.75 -9.82
N THR C 187 -1.87 -20.93 -9.38
CA THR C 187 -0.86 -21.03 -8.34
C THR C 187 0.49 -20.69 -8.98
N LYS C 188 1.46 -20.29 -8.15
CA LYS C 188 2.83 -20.10 -8.60
C LYS C 188 3.41 -21.37 -9.24
N ASP C 189 3.17 -22.53 -8.62
CA ASP C 189 3.68 -23.80 -9.17
C ASP C 189 3.13 -24.09 -10.56
N GLU C 190 1.84 -23.86 -10.78
CA GLU C 190 1.28 -24.07 -12.13
C GLU C 190 1.84 -23.11 -13.17
N TYR C 191 1.92 -21.84 -12.80
CA TYR C 191 2.53 -20.81 -13.64
C TYR C 191 3.93 -21.24 -14.09
N GLU C 192 4.73 -21.74 -13.16
CA GLU C 192 6.10 -22.16 -13.46
C GLU C 192 6.21 -23.47 -14.28
N ARG C 193 5.09 -24.18 -14.43
CA ARG C 193 5.01 -25.39 -15.27
C ARG C 193 4.86 -25.10 -16.77
N HIS C 194 4.54 -23.86 -17.11
CA HIS C 194 4.12 -23.54 -18.46
C HIS C 194 4.91 -22.36 -19.00
N ASN C 195 4.93 -22.19 -20.30
CA ASN C 195 5.73 -21.14 -20.90
C ASN C 195 4.98 -20.02 -21.61
N SER C 196 4.12 -20.38 -22.56
CA SER C 196 3.39 -19.40 -23.34
C SER C 196 2.04 -19.03 -22.71
N TYR C 197 1.77 -17.73 -22.63
CA TYR C 197 0.55 -17.19 -22.04
C TYR C 197 0.00 -16.21 -23.04
N THR C 198 -1.16 -16.52 -23.61
CA THR C 198 -1.75 -15.66 -24.62
C THR C 198 -3.15 -15.19 -24.25
N CYS C 199 -3.41 -13.94 -24.59
CA CYS C 199 -4.69 -13.29 -24.40
C CYS C 199 -5.22 -12.99 -25.79
N GLU C 200 -6.47 -13.32 -26.03
CA GLU C 200 -7.01 -13.28 -27.38
C GLU C 200 -8.38 -12.61 -27.45
N ALA C 201 -8.43 -11.49 -28.18
CA ALA C 201 -9.68 -10.76 -28.41
C ALA C 201 -10.21 -11.06 -29.82
N THR C 202 -11.46 -11.48 -29.92
CA THR C 202 -12.06 -11.70 -31.26
C THR C 202 -13.45 -11.08 -31.44
N HIS C 203 -13.75 -10.74 -32.70
CA HIS C 203 -15.01 -10.13 -33.16
C HIS C 203 -15.35 -8.81 -32.44
N THR C 207 -12.65 -10.35 -36.49
CA THR C 207 -11.85 -10.82 -37.63
C THR C 207 -10.72 -9.83 -37.94
N SER C 208 -9.47 -10.28 -37.80
CA SER C 208 -9.15 -11.56 -37.16
C SER C 208 -8.89 -11.30 -35.67
N PRO C 209 -8.60 -12.35 -34.86
CA PRO C 209 -8.37 -12.10 -33.44
C PRO C 209 -7.07 -11.33 -33.18
N ILE C 210 -7.15 -10.32 -32.31
CA ILE C 210 -5.96 -9.65 -31.79
C ILE C 210 -5.38 -10.51 -30.69
N VAL C 211 -4.19 -11.06 -30.94
CA VAL C 211 -3.52 -11.95 -30.01
C VAL C 211 -2.35 -11.26 -29.33
N LYS C 212 -2.31 -11.35 -28.00
CA LYS C 212 -1.21 -10.80 -27.22
C LYS C 212 -0.57 -11.92 -26.41
N SER C 213 0.75 -12.02 -26.47
CA SER C 213 1.48 -13.13 -25.85
C SER C 213 2.71 -12.67 -25.08
N PHE C 214 3.04 -13.45 -24.06
CA PHE C 214 4.36 -13.40 -23.47
C PHE C 214 4.83 -14.82 -23.14
N ASN C 215 6.12 -14.96 -22.94
CA ASN C 215 6.76 -16.22 -22.57
C ASN C 215 7.44 -15.95 -21.25
N ARG C 216 7.28 -16.83 -20.27
CA ARG C 216 7.85 -16.49 -18.96
C ARG C 216 9.37 -16.58 -18.84
N ASN C 217 10.00 -17.33 -19.74
CA ASN C 217 11.46 -17.19 -19.92
C ASN C 217 11.76 -16.15 -21.01
N ASP D 1 -33.45 24.14 -2.02
CA ASP D 1 -33.98 22.91 -2.68
C ASP D 1 -34.31 21.79 -1.67
N VAL D 2 -35.10 20.82 -2.14
CA VAL D 2 -35.50 19.66 -1.35
C VAL D 2 -34.31 18.68 -1.24
N LYS D 3 -34.04 18.20 -0.03
CA LYS D 3 -32.88 17.33 0.22
C LYS D 3 -33.16 16.16 1.19
N LEU D 4 -32.61 14.98 0.87
CA LEU D 4 -32.63 13.84 1.80
C LEU D 4 -31.21 13.28 2.00
N VAL D 5 -30.75 13.22 3.25
CA VAL D 5 -29.38 12.78 3.57
C VAL D 5 -29.34 11.55 4.50
N GLU D 6 -29.08 10.39 3.92
CA GLU D 6 -28.97 9.14 4.68
C GLU D 6 -27.61 8.97 5.36
N SER D 7 -27.65 8.40 6.56
CA SER D 7 -26.46 7.95 7.26
C SER D 7 -26.77 6.59 7.90
N GLY D 8 -25.74 5.92 8.40
CA GLY D 8 -25.93 4.77 9.27
C GLY D 8 -25.55 3.45 8.66
N GLY D 9 -25.29 3.44 7.35
CA GLY D 9 -24.88 2.24 6.65
C GLY D 9 -23.51 1.76 7.08
N GLY D 10 -23.33 0.44 7.13
CA GLY D 10 -22.04 -0.14 7.48
C GLY D 10 -21.95 -1.63 7.23
N LEU D 11 -20.95 -2.26 7.84
CA LEU D 11 -20.77 -3.70 7.73
C LEU D 11 -21.37 -4.41 8.95
N VAL D 12 -22.22 -5.39 8.67
CA VAL D 12 -22.80 -6.23 9.73
C VAL D 12 -22.62 -7.71 9.43
N LYS D 13 -22.25 -8.48 10.46
CA LYS D 13 -22.21 -9.93 10.34
C LYS D 13 -23.65 -10.42 10.29
N PRO D 14 -23.94 -11.42 9.43
CA PRO D 14 -25.32 -11.88 9.27
C PRO D 14 -25.94 -12.21 10.62
N GLY D 15 -27.19 -11.79 10.82
CA GLY D 15 -27.86 -11.91 12.11
C GLY D 15 -27.71 -10.66 12.96
N GLY D 16 -26.77 -9.79 12.56
CA GLY D 16 -26.56 -8.50 13.23
C GLY D 16 -27.63 -7.47 12.87
N SER D 17 -27.53 -6.30 13.50
CA SER D 17 -28.54 -5.23 13.36
C SER D 17 -27.91 -3.90 12.98
N LEU D 18 -28.72 -3.01 12.41
CA LEU D 18 -28.27 -1.71 11.96
C LEU D 18 -29.43 -0.71 11.87
N ARG D 19 -29.19 0.51 12.35
CA ARG D 19 -30.20 1.57 12.27
C ARG D 19 -29.80 2.58 11.20
N LEU D 20 -30.69 2.80 10.24
CA LEU D 20 -30.46 3.84 9.24
C LEU D 20 -31.23 5.09 9.62
N SER D 21 -30.61 6.23 9.37
CA SER D 21 -31.26 7.51 9.60
C SER D 21 -31.28 8.32 8.29
N CYS D 22 -32.24 9.21 8.18
CA CYS D 22 -32.39 10.07 7.01
C CYS D 22 -32.81 11.50 7.36
N ALA D 23 -31.92 12.46 7.10
CA ALA D 23 -32.17 13.86 7.42
C ALA D 23 -32.96 14.54 6.30
N ALA D 24 -34.17 15.00 6.61
CA ALA D 24 -35.00 15.74 5.65
C ALA D 24 -34.78 17.26 5.71
N SER D 25 -34.76 17.90 4.54
CA SER D 25 -34.49 19.33 4.40
C SER D 25 -35.21 19.96 3.19
N GLY D 26 -35.64 21.21 3.32
CA GLY D 26 -36.12 21.99 2.16
C GLY D 26 -37.60 21.94 1.85
N PHE D 27 -38.36 21.29 2.73
CA PHE D 27 -39.81 21.14 2.57
C PHE D 27 -40.40 20.84 3.94
N THR D 28 -41.75 20.73 4.01
CA THR D 28 -42.42 20.44 5.27
C THR D 28 -42.53 18.91 5.44
N PHE D 29 -41.56 18.36 6.16
CA PHE D 29 -41.38 16.91 6.32
C PHE D 29 -42.63 16.18 6.82
N ARG D 30 -43.35 16.78 7.75
CA ARG D 30 -44.48 16.09 8.38
C ARG D 30 -45.74 15.99 7.50
N ASN D 31 -45.70 16.65 6.35
CA ASN D 31 -46.79 16.61 5.39
C ASN D 31 -46.72 15.43 4.44
N TYR D 32 -45.58 14.73 4.44
CA TYR D 32 -45.30 13.69 3.46
C TYR D 32 -45.05 12.32 4.05
N GLY D 33 -45.64 11.33 3.40
CA GLY D 33 -45.24 9.93 3.57
C GLY D 33 -43.81 9.76 3.08
N MET D 34 -43.17 8.69 3.55
CA MET D 34 -41.77 8.43 3.23
C MET D 34 -41.55 6.95 3.03
N SER D 35 -40.49 6.63 2.30
CA SER D 35 -40.09 5.25 2.06
C SER D 35 -38.59 5.06 2.07
N TRP D 36 -38.21 3.81 2.28
CA TRP D 36 -36.88 3.30 2.00
C TRP D 36 -36.98 2.39 0.78
N VAL D 37 -36.02 2.56 -0.13
CA VAL D 37 -35.90 1.73 -1.35
C VAL D 37 -34.43 1.32 -1.49
N ARG D 38 -34.17 0.01 -1.59
CA ARG D 38 -32.80 -0.52 -1.79
C ARG D 38 -32.50 -0.79 -3.28
N GLN D 39 -31.24 -0.60 -3.65
CA GLN D 39 -30.75 -1.09 -4.93
C GLN D 39 -29.70 -2.15 -4.65
N THR D 40 -29.94 -3.34 -5.19
CA THR D 40 -29.05 -4.49 -5.00
C THR D 40 -27.75 -4.32 -5.79
N PRO D 41 -26.72 -5.13 -5.46
CA PRO D 41 -25.47 -5.11 -6.19
C PRO D 41 -25.67 -5.28 -7.70
N GLU D 42 -26.69 -6.03 -8.10
CA GLU D 42 -27.02 -6.19 -9.52
C GLU D 42 -27.99 -5.13 -10.08
N LYS D 43 -28.20 -4.06 -9.31
CA LYS D 43 -28.92 -2.85 -9.73
C LYS D 43 -30.47 -2.98 -9.84
N ARG D 44 -31.00 -4.01 -9.19
CA ARG D 44 -32.44 -4.17 -9.06
C ARG D 44 -32.91 -3.25 -7.92
N LEU D 45 -33.91 -2.43 -8.22
CA LEU D 45 -34.54 -1.52 -7.24
C LEU D 45 -35.72 -2.22 -6.54
N GLU D 46 -35.73 -2.17 -5.20
CA GLU D 46 -36.78 -2.82 -4.42
C GLU D 46 -37.31 -1.91 -3.30
N TRP D 47 -38.62 -1.67 -3.26
CA TRP D 47 -39.24 -0.93 -2.16
C TRP D 47 -39.17 -1.75 -0.87
N VAL D 48 -38.81 -1.11 0.24
CA VAL D 48 -38.60 -1.86 1.46
C VAL D 48 -39.46 -1.47 2.68
N ALA D 49 -39.94 -0.23 2.72
CA ALA D 49 -40.75 0.24 3.83
C ALA D 49 -41.35 1.59 3.53
N ALA D 50 -42.59 1.77 3.98
CA ALA D 50 -43.32 3.01 3.83
C ALA D 50 -43.87 3.42 5.18
N ILE D 51 -43.94 4.73 5.43
CA ILE D 51 -44.58 5.28 6.63
C ILE D 51 -45.31 6.59 6.27
N SER D 52 -46.53 6.75 6.79
CA SER D 52 -47.32 7.97 6.58
C SER D 52 -46.77 9.14 7.41
N GLY D 53 -47.21 10.36 7.09
CA GLY D 53 -46.82 11.55 7.86
C GLY D 53 -47.06 11.44 9.36
N ASN D 54 -48.27 10.97 9.73
CA ASN D 54 -48.64 10.78 11.14
C ASN D 54 -48.16 9.47 11.83
N SER D 55 -47.40 8.64 11.10
CA SER D 55 -46.85 7.39 11.63
C SER D 55 -47.91 6.32 11.97
N LEU D 56 -49.17 6.57 11.65
CA LEU D 56 -50.22 5.59 11.94
C LEU D 56 -50.27 4.47 10.90
N TYR D 57 -49.65 4.72 9.75
CA TYR D 57 -49.47 3.69 8.75
C TYR D 57 -47.98 3.41 8.55
N THR D 58 -47.60 2.16 8.73
CA THR D 58 -46.33 1.63 8.25
C THR D 58 -46.65 0.36 7.45
N SER D 59 -45.83 0.05 6.45
CA SER D 59 -45.94 -1.24 5.72
C SER D 59 -44.60 -1.73 5.19
N TYR D 60 -44.54 -3.02 4.83
CA TYR D 60 -43.31 -3.68 4.40
C TYR D 60 -43.62 -4.78 3.39
N PRO D 61 -42.69 -5.04 2.44
CA PRO D 61 -42.86 -6.24 1.63
C PRO D 61 -42.50 -7.49 2.44
N ASP D 62 -43.02 -8.63 1.99
CA ASP D 62 -42.85 -9.88 2.67
C ASP D 62 -41.41 -10.23 2.92
N SER D 63 -40.55 -9.86 1.97
CA SER D 63 -39.11 -10.12 2.07
C SER D 63 -38.42 -9.53 3.32
N VAL D 64 -39.00 -8.47 3.89
CA VAL D 64 -38.37 -7.78 5.05
C VAL D 64 -39.25 -7.66 6.30
N LYS D 65 -40.55 -7.87 6.11
CA LYS D 65 -41.54 -7.80 7.20
C LYS D 65 -41.15 -8.65 8.41
N GLY D 66 -41.21 -8.04 9.59
CA GLY D 66 -40.78 -8.71 10.82
C GLY D 66 -39.36 -8.35 11.22
N ARG D 67 -38.54 -7.98 10.24
CA ARG D 67 -37.12 -7.69 10.51
C ARG D 67 -36.79 -6.20 10.48
N PHE D 68 -37.51 -5.46 9.63
CA PHE D 68 -37.28 -4.04 9.37
C PHE D 68 -38.35 -3.21 10.05
N THR D 69 -37.95 -2.12 10.71
CA THR D 69 -38.91 -1.22 11.33
C THR D 69 -38.67 0.23 10.94
N ILE D 70 -39.59 0.76 10.14
CA ILE D 70 -39.58 2.16 9.75
C ILE D 70 -40.24 3.01 10.85
N SER D 71 -39.65 4.16 11.14
CA SER D 71 -40.20 5.13 12.09
C SER D 71 -39.74 6.52 11.70
N ARG D 72 -40.28 7.54 12.38
CA ARG D 72 -39.89 8.92 12.12
C ARG D 72 -40.03 9.82 13.36
N ASP D 73 -39.37 10.98 13.29
CA ASP D 73 -39.44 11.99 14.34
C ASP D 73 -39.52 13.32 13.62
N ASN D 74 -40.74 13.83 13.48
CA ASN D 74 -41.01 15.01 12.64
C ASN D 74 -40.41 16.28 13.21
N ALA D 75 -40.38 16.36 14.54
CA ALA D 75 -39.73 17.47 15.25
C ALA D 75 -38.21 17.45 15.08
N LYS D 76 -37.69 16.29 14.67
CA LYS D 76 -36.26 16.14 14.40
C LYS D 76 -35.97 16.16 12.89
N ASN D 77 -37.03 16.06 12.09
CA ASN D 77 -36.93 15.91 10.63
C ASN D 77 -36.16 14.66 10.21
N ASN D 78 -36.38 13.57 10.96
CA ASN D 78 -35.66 12.33 10.71
C ASN D 78 -36.55 11.16 10.36
N LEU D 79 -36.13 10.43 9.33
CA LEU D 79 -36.68 9.14 8.99
C LEU D 79 -35.70 8.06 9.46
N TYR D 80 -36.24 6.99 10.04
CA TYR D 80 -35.40 5.88 10.47
C TYR D 80 -35.82 4.53 9.88
N LEU D 81 -34.84 3.62 9.84
CA LEU D 81 -35.08 2.22 9.52
C LEU D 81 -34.18 1.34 10.41
N GLN D 82 -34.81 0.66 11.36
CA GLN D 82 -34.16 -0.35 12.15
C GLN D 82 -34.19 -1.62 11.30
N MET D 83 -33.04 -2.28 11.14
CA MET D 83 -32.94 -3.52 10.36
C MET D 83 -32.28 -4.58 11.23
N SER D 84 -32.92 -5.74 11.34
CA SER D 84 -32.42 -6.77 12.24
C SER D 84 -32.39 -8.16 11.60
N SER D 85 -31.66 -9.08 12.22
CA SER D 85 -31.34 -10.39 11.63
C SER D 85 -31.05 -10.31 10.12
N LEU D 86 -30.07 -9.47 9.77
CA LEU D 86 -29.69 -9.20 8.39
C LEU D 86 -28.96 -10.37 7.73
N ARG D 87 -29.17 -10.54 6.42
CA ARG D 87 -28.50 -11.55 5.62
C ARG D 87 -27.98 -10.95 4.31
N SER D 88 -27.14 -11.70 3.60
CA SER D 88 -26.53 -11.24 2.34
C SER D 88 -27.53 -10.67 1.33
N GLU D 89 -28.78 -11.13 1.40
CA GLU D 89 -29.86 -10.63 0.52
C GLU D 89 -30.19 -9.17 0.82
N ASP D 90 -29.78 -8.72 1.99
CA ASP D 90 -30.03 -7.37 2.46
C ASP D 90 -28.93 -6.39 2.04
N THR D 91 -27.78 -6.93 1.63
CA THR D 91 -26.69 -6.11 1.10
C THR D 91 -27.19 -5.25 -0.07
N ALA D 92 -27.10 -3.93 0.09
CA ALA D 92 -27.64 -3.01 -0.89
C ALA D 92 -27.30 -1.58 -0.58
N LEU D 93 -27.50 -0.72 -1.57
CA LEU D 93 -27.50 0.72 -1.38
C LEU D 93 -28.91 1.14 -1.02
N TYR D 94 -29.07 1.73 0.17
CA TYR D 94 -30.38 2.02 0.72
C TYR D 94 -30.73 3.49 0.53
N PHE D 95 -31.82 3.73 -0.19
CA PHE D 95 -32.32 5.07 -0.45
C PHE D 95 -33.49 5.48 0.44
N CYS D 96 -33.40 6.70 0.95
CA CYS D 96 -34.49 7.46 1.54
C CYS D 96 -35.24 8.15 0.38
N ALA D 97 -36.57 8.14 0.40
CA ALA D 97 -37.34 8.76 -0.68
C ALA D 97 -38.66 9.37 -0.21
N ARG D 98 -38.98 10.56 -0.74
CA ARG D 98 -40.25 11.20 -0.46
C ARG D 98 -41.34 10.50 -1.28
N HIS D 99 -42.42 10.13 -0.62
CA HIS D 99 -43.39 9.19 -1.15
C HIS D 99 -44.75 9.87 -1.27
N ASP D 100 -45.12 10.22 -2.51
CA ASP D 100 -46.30 11.07 -2.78
C ASP D 100 -46.88 10.98 -4.20
N ASP D 101 -47.56 12.07 -4.59
CA ASP D 101 -48.33 12.23 -5.81
C ASP D 101 -47.92 13.53 -6.52
N TYR D 102 -48.63 13.90 -7.59
CA TYR D 102 -48.45 15.17 -8.33
C TYR D 102 -48.10 16.35 -7.40
N TYR D 103 -49.11 16.78 -6.68
CA TYR D 103 -49.05 17.82 -5.69
C TYR D 103 -49.79 17.24 -4.48
N GLY D 104 -50.24 15.99 -4.64
CA GLY D 104 -51.00 15.30 -3.61
C GLY D 104 -50.09 14.61 -2.62
N LYS D 105 -50.68 14.16 -1.52
CA LYS D 105 -49.94 13.52 -0.42
C LYS D 105 -50.16 12.00 -0.35
N SER D 106 -50.95 11.47 -1.29
CA SER D 106 -51.19 10.03 -1.34
C SER D 106 -49.93 9.33 -1.82
N PRO D 107 -49.50 8.29 -1.09
CA PRO D 107 -48.21 7.68 -1.36
C PRO D 107 -48.20 6.85 -2.65
N TYR D 108 -47.87 7.50 -3.76
CA TYR D 108 -47.90 6.86 -5.07
C TYR D 108 -46.58 6.59 -5.80
N PHE D 109 -45.54 7.42 -5.62
CA PHE D 109 -44.31 7.18 -6.43
C PHE D 109 -42.89 7.64 -6.08
N PHE D 110 -42.64 8.36 -4.99
CA PHE D 110 -41.24 8.80 -4.69
C PHE D 110 -40.74 9.83 -5.69
N ASP D 111 -40.72 11.10 -5.32
CA ASP D 111 -40.29 12.16 -6.25
C ASP D 111 -38.94 12.80 -5.94
N VAL D 112 -38.35 12.47 -4.79
CA VAL D 112 -37.04 12.99 -4.38
C VAL D 112 -36.30 11.84 -3.71
N TRP D 113 -35.06 11.59 -4.13
CA TRP D 113 -34.26 10.50 -3.57
C TRP D 113 -33.01 11.01 -2.85
N GLY D 114 -32.56 10.27 -1.83
CA GLY D 114 -31.27 10.52 -1.20
C GLY D 114 -30.13 9.96 -2.05
N ALA D 115 -28.90 10.27 -1.65
CA ALA D 115 -27.71 9.72 -2.33
C ALA D 115 -27.51 8.23 -2.00
N GLY D 116 -28.12 7.78 -0.90
CA GLY D 116 -28.07 6.39 -0.50
C GLY D 116 -27.04 6.13 0.58
N THR D 117 -27.29 5.14 1.41
CA THR D 117 -26.27 4.64 2.34
C THR D 117 -26.10 3.14 2.13
N THR D 118 -24.85 2.68 2.20
CA THR D 118 -24.55 1.29 1.90
C THR D 118 -24.69 0.39 3.12
N VAL D 119 -25.42 -0.69 2.95
CA VAL D 119 -25.51 -1.74 3.97
C VAL D 119 -24.96 -3.02 3.38
N THR D 120 -24.04 -3.64 4.10
CA THR D 120 -23.54 -4.92 3.68
C THR D 120 -23.54 -5.93 4.82
N ALA D 121 -24.23 -7.05 4.61
CA ALA D 121 -24.30 -8.13 5.59
C ALA D 121 -23.40 -9.28 5.17
N SER D 122 -22.30 -9.49 5.89
CA SER D 122 -21.30 -10.48 5.49
C SER D 122 -20.51 -11.08 6.63
N SER D 123 -20.17 -12.35 6.50
CA SER D 123 -19.29 -12.98 7.46
C SER D 123 -17.83 -12.86 7.02
N ALA D 124 -17.59 -12.23 5.86
CA ALA D 124 -16.24 -11.96 5.40
C ALA D 124 -15.57 -10.96 6.33
N LYS D 125 -14.27 -11.10 6.49
CA LYS D 125 -13.51 -10.29 7.42
C LYS D 125 -12.74 -9.23 6.68
N THR D 126 -12.65 -8.05 7.30
CA THR D 126 -11.83 -6.94 6.82
C THR D 126 -10.38 -7.37 6.54
N THR D 127 -9.96 -7.17 5.29
CA THR D 127 -8.67 -7.58 4.81
C THR D 127 -8.10 -6.46 3.93
N PRO D 128 -6.84 -6.07 4.18
CA PRO D 128 -6.20 -5.07 3.31
C PRO D 128 -5.87 -5.67 1.94
N PRO D 129 -5.84 -4.84 0.88
CA PRO D 129 -5.44 -5.38 -0.42
C PRO D 129 -3.96 -5.70 -0.52
N SER D 130 -3.63 -6.63 -1.40
CA SER D 130 -2.28 -6.75 -1.93
C SER D 130 -2.25 -5.98 -3.22
N VAL D 131 -1.28 -5.08 -3.33
CA VAL D 131 -1.12 -4.23 -4.50
C VAL D 131 0.08 -4.72 -5.34
N TYR D 132 -0.20 -5.24 -6.54
CA TYR D 132 0.85 -5.71 -7.44
C TYR D 132 0.96 -4.87 -8.70
N PRO D 133 2.21 -4.59 -9.15
CA PRO D 133 2.47 -3.76 -10.33
C PRO D 133 2.28 -4.57 -11.60
N LEU D 134 1.75 -3.94 -12.64
CA LEU D 134 1.62 -4.58 -13.95
C LEU D 134 2.52 -3.82 -14.91
N ALA D 135 3.66 -4.44 -15.24
CA ALA D 135 4.60 -3.90 -16.22
C ALA D 135 4.67 -4.85 -17.42
N PRO D 136 4.88 -4.31 -18.65
CA PRO D 136 4.97 -5.16 -19.84
C PRO D 136 6.19 -6.09 -19.82
N GLY D 137 6.03 -7.27 -20.42
CA GLY D 137 7.09 -8.31 -20.55
C GLY D 137 8.50 -7.82 -20.84
N SER D 138 9.47 -8.45 -20.17
CA SER D 138 10.89 -7.99 -20.10
C SER D 138 11.57 -7.64 -21.44
N ALA D 139 11.16 -8.33 -22.51
CA ALA D 139 11.75 -8.10 -23.84
C ALA D 139 10.69 -7.95 -24.93
N ALA D 140 9.77 -6.99 -24.73
CA ALA D 140 8.64 -6.79 -25.64
C ALA D 140 8.53 -5.36 -26.21
N GLN D 141 8.07 -5.27 -27.46
CA GLN D 141 7.93 -4.01 -28.21
C GLN D 141 6.93 -3.03 -27.60
N THR D 142 7.33 -1.76 -27.56
CA THR D 142 6.39 -0.67 -27.33
C THR D 142 6.05 0.00 -28.68
N ASN D 143 5.00 0.82 -28.67
CA ASN D 143 4.63 1.65 -29.82
C ASN D 143 4.69 3.12 -29.40
N SER D 144 3.73 3.94 -29.84
CA SER D 144 3.69 5.34 -29.39
C SER D 144 3.22 5.45 -27.93
N MET D 145 2.40 4.50 -27.47
CA MET D 145 1.85 4.53 -26.13
C MET D 145 2.09 3.22 -25.35
N VAL D 146 2.38 3.35 -24.06
CA VAL D 146 2.58 2.18 -23.20
C VAL D 146 1.46 2.12 -22.15
N THR D 147 0.91 0.92 -21.95
CA THR D 147 -0.09 0.69 -20.92
C THR D 147 0.58 0.01 -19.73
N LEU D 148 0.30 0.54 -18.54
CA LEU D 148 0.74 -0.05 -17.29
C LEU D 148 -0.47 -0.34 -16.45
N GLY D 149 -0.26 -0.85 -15.24
CA GLY D 149 -1.37 -1.09 -14.35
C GLY D 149 -1.00 -1.55 -12.97
N CYS D 150 -2.02 -1.58 -12.11
CA CYS D 150 -1.90 -2.16 -10.79
C CYS D 150 -3.03 -3.12 -10.59
N LEU D 151 -2.66 -4.27 -10.04
CA LEU D 151 -3.61 -5.27 -9.62
C LEU D 151 -3.77 -5.16 -8.10
N VAL D 152 -5.01 -4.98 -7.67
CA VAL D 152 -5.34 -4.78 -6.26
C VAL D 152 -6.22 -5.94 -5.79
N LYS D 153 -5.64 -6.84 -5.00
CA LYS D 153 -6.21 -8.17 -4.80
C LYS D 153 -6.46 -8.55 -3.33
N GLY D 154 -7.62 -9.16 -3.09
CA GLY D 154 -7.90 -9.84 -1.83
C GLY D 154 -8.27 -8.92 -0.67
N TYR D 155 -9.07 -7.90 -0.96
CA TYR D 155 -9.50 -6.96 0.06
C TYR D 155 -10.98 -7.07 0.37
N PHE D 156 -11.34 -6.70 1.60
CA PHE D 156 -12.73 -6.61 2.01
C PHE D 156 -12.79 -5.59 3.14
N PRO D 157 -13.85 -4.78 3.19
CA PRO D 157 -14.93 -4.61 2.22
C PRO D 157 -14.54 -3.57 1.18
N GLU D 158 -15.44 -3.29 0.24
CA GLU D 158 -15.37 -2.11 -0.60
C GLU D 158 -15.65 -0.88 0.27
N PRO D 159 -15.17 0.32 -0.15
CA PRO D 159 -14.37 0.58 -1.34
C PRO D 159 -12.86 0.65 -1.14
N VAL D 160 -12.17 0.63 -2.27
CA VAL D 160 -10.77 1.02 -2.38
C VAL D 160 -10.75 2.25 -3.30
N THR D 161 -9.74 3.10 -3.17
CA THR D 161 -9.54 4.22 -4.11
C THR D 161 -8.21 4.06 -4.82
N VAL D 162 -8.23 4.21 -6.14
CA VAL D 162 -7.01 4.11 -6.93
C VAL D 162 -6.77 5.40 -7.69
N THR D 163 -5.63 6.04 -7.39
CA THR D 163 -5.14 7.12 -8.23
C THR D 163 -3.79 6.72 -8.82
N TRP D 164 -3.32 7.53 -9.77
CA TRP D 164 -1.99 7.40 -10.37
C TRP D 164 -1.20 8.68 -10.19
N ASN D 165 0.09 8.54 -9.87
CA ASN D 165 0.97 9.69 -9.54
C ASN D 165 0.35 10.73 -8.60
N SER D 166 -0.36 10.27 -7.58
CA SER D 166 -1.03 11.11 -6.59
C SER D 166 -2.20 11.93 -7.15
N GLY D 167 -2.73 11.50 -8.30
CA GLY D 167 -3.84 12.20 -8.96
C GLY D 167 -3.41 13.03 -10.16
N SER D 168 -2.09 13.26 -10.27
CA SER D 168 -1.50 14.06 -11.35
C SER D 168 -1.71 13.39 -12.72
N LEU D 169 -1.92 12.08 -12.68
CA LEU D 169 -2.11 11.28 -13.87
C LEU D 169 -3.55 10.80 -13.89
N SER D 170 -4.38 11.46 -14.68
CA SER D 170 -5.82 11.26 -14.65
C SER D 170 -6.36 10.79 -16.01
N SER D 171 -5.82 11.39 -17.08
CA SER D 171 -6.18 11.04 -18.45
C SER D 171 -5.69 9.65 -18.83
N GLY D 172 -6.47 8.97 -19.67
CA GLY D 172 -6.12 7.65 -20.15
C GLY D 172 -6.05 6.54 -19.12
N VAL D 173 -6.83 6.66 -18.05
CA VAL D 173 -6.93 5.58 -17.07
C VAL D 173 -8.27 4.83 -17.19
N HIS D 174 -8.24 3.52 -16.93
CA HIS D 174 -9.45 2.73 -16.77
C HIS D 174 -9.31 1.98 -15.46
N THR D 175 -10.11 2.37 -14.48
CA THR D 175 -10.18 1.62 -13.24
C THR D 175 -11.43 0.76 -13.28
N PHE D 176 -11.25 -0.56 -13.17
CA PHE D 176 -12.32 -1.51 -13.44
C PHE D 176 -13.11 -1.89 -12.19
N PRO D 177 -14.43 -2.12 -12.33
CA PRO D 177 -15.26 -2.54 -11.22
C PRO D 177 -14.68 -3.74 -10.48
N ALA D 178 -14.73 -3.68 -9.15
CA ALA D 178 -14.27 -4.78 -8.30
C ALA D 178 -15.12 -6.00 -8.56
N VAL D 179 -14.52 -7.17 -8.43
CA VAL D 179 -15.25 -8.42 -8.51
C VAL D 179 -14.97 -9.24 -7.25
N LEU D 180 -16.05 -9.78 -6.68
CA LEU D 180 -16.02 -10.61 -5.48
C LEU D 180 -15.73 -12.03 -5.88
N GLN D 181 -14.70 -12.59 -5.29
CA GLN D 181 -14.24 -13.95 -5.56
C GLN D 181 -13.95 -14.64 -4.22
N SER D 182 -14.91 -15.47 -3.78
CA SER D 182 -14.87 -16.14 -2.47
C SER D 182 -14.44 -15.21 -1.33
N ASP D 183 -15.36 -14.32 -0.95
CA ASP D 183 -15.24 -13.46 0.24
C ASP D 183 -14.24 -12.32 0.14
N LEU D 184 -13.68 -12.11 -1.05
CA LEU D 184 -12.67 -11.07 -1.25
C LEU D 184 -12.80 -10.40 -2.60
N TYR D 185 -12.47 -9.12 -2.65
CA TYR D 185 -12.54 -8.36 -3.90
C TYR D 185 -11.20 -8.28 -4.61
N THR D 186 -11.29 -8.23 -5.93
CA THR D 186 -10.15 -8.04 -6.81
C THR D 186 -10.53 -6.93 -7.79
N LEU D 187 -9.60 -5.99 -7.97
CA LEU D 187 -9.77 -4.88 -8.88
C LEU D 187 -8.44 -4.62 -9.62
N SER D 188 -8.54 -4.07 -10.83
CA SER D 188 -7.36 -3.63 -11.61
C SER D 188 -7.60 -2.26 -12.21
N SER D 189 -6.50 -1.53 -12.37
CA SER D 189 -6.48 -0.22 -13.02
C SER D 189 -5.36 -0.22 -14.06
N SER D 190 -5.65 0.30 -15.24
CA SER D 190 -4.64 0.48 -16.26
C SER D 190 -4.43 1.96 -16.49
N VAL D 191 -3.18 2.34 -16.75
CA VAL D 191 -2.86 3.68 -17.19
C VAL D 191 -2.06 3.62 -18.49
N THR D 192 -2.45 4.46 -19.44
CA THR D 192 -1.77 4.54 -20.73
C THR D 192 -1.06 5.89 -20.89
N VAL D 193 0.25 5.84 -21.18
CA VAL D 193 1.08 7.05 -21.30
C VAL D 193 1.99 6.98 -22.54
N PRO D 194 2.50 8.15 -23.02
CA PRO D 194 3.46 8.08 -24.14
C PRO D 194 4.65 7.22 -23.76
N SER D 195 5.10 6.37 -24.67
CA SER D 195 6.18 5.44 -24.34
C SER D 195 7.48 6.20 -24.14
N SER D 196 7.48 7.45 -24.60
CA SER D 196 8.52 8.46 -24.37
C SER D 196 8.75 8.76 -22.90
N THR D 197 7.70 8.57 -22.10
CA THR D 197 7.64 9.07 -20.73
C THR D 197 7.85 7.97 -19.68
N TRP D 198 7.66 6.72 -20.07
CA TRP D 198 7.96 5.61 -19.17
C TRP D 198 9.00 4.71 -19.82
N PRO D 199 10.06 4.33 -19.08
CA PRO D 199 10.28 4.54 -17.64
C PRO D 199 10.99 5.81 -17.14
N SER D 200 11.40 6.71 -18.02
CA SER D 200 12.18 7.91 -17.62
C SER D 200 11.44 8.84 -16.64
N GLU D 201 10.11 8.79 -16.67
CA GLU D 201 9.29 9.51 -15.72
C GLU D 201 8.48 8.49 -14.93
N THR D 202 8.65 8.51 -13.61
CA THR D 202 8.06 7.51 -12.72
C THR D 202 6.52 7.45 -12.84
N VAL D 203 5.98 6.23 -12.84
CA VAL D 203 4.53 6.01 -12.77
C VAL D 203 4.22 5.12 -11.56
N THR D 204 3.35 5.62 -10.68
CA THR D 204 3.06 4.99 -9.39
C THR D 204 1.56 4.96 -9.15
N CYS D 205 1.03 3.79 -8.81
CA CYS D 205 -0.37 3.76 -8.40
C CYS D 205 -0.49 3.85 -6.89
N ASN D 206 -1.46 4.64 -6.45
CA ASN D 206 -1.71 4.87 -5.04
C ASN D 206 -3.06 4.21 -4.71
N VAL D 207 -3.04 3.26 -3.77
CA VAL D 207 -4.25 2.54 -3.38
C VAL D 207 -4.57 2.77 -1.90
N ALA D 208 -5.73 3.35 -1.64
CA ALA D 208 -6.23 3.51 -0.29
C ALA D 208 -7.39 2.55 0.03
N HIS D 209 -7.32 1.92 1.19
CA HIS D 209 -8.42 1.11 1.68
C HIS D 209 -8.79 1.61 3.07
N PRO D 210 -9.80 2.51 3.14
CA PRO D 210 -10.28 3.09 4.40
C PRO D 210 -10.51 2.09 5.51
N ALA D 211 -11.14 0.96 5.18
CA ALA D 211 -11.66 0.04 6.19
C ALA D 211 -10.54 -0.63 6.98
N SER D 212 -9.43 -0.95 6.30
CA SER D 212 -8.29 -1.58 6.98
C SER D 212 -7.22 -0.55 7.35
N SER D 213 -7.51 0.72 7.05
CA SER D 213 -6.62 1.83 7.38
C SER D 213 -5.26 1.70 6.68
N THR D 214 -5.31 1.40 5.38
CA THR D 214 -4.14 1.04 4.59
C THR D 214 -4.01 1.89 3.34
N LYS D 215 -2.80 2.43 3.15
CA LYS D 215 -2.42 3.12 1.93
C LYS D 215 -1.17 2.41 1.41
N VAL D 216 -1.20 2.01 0.15
CA VAL D 216 -0.03 1.40 -0.49
C VAL D 216 0.29 2.19 -1.75
N ASP D 217 1.58 2.42 -2.00
CA ASP D 217 2.03 3.01 -3.25
C ASP D 217 3.01 2.04 -3.90
N LYS D 218 2.72 1.69 -5.15
CA LYS D 218 3.58 0.82 -5.91
C LYS D 218 4.12 1.56 -7.12
N LYS D 219 5.43 1.81 -7.14
CA LYS D 219 6.08 2.31 -8.34
C LYS D 219 6.17 1.20 -9.40
N ILE D 220 5.70 1.51 -10.62
CA ILE D 220 5.78 0.58 -11.72
C ILE D 220 7.17 0.67 -12.35
N VAL D 221 8.01 -0.33 -12.12
CA VAL D 221 9.35 -0.34 -12.74
C VAL D 221 9.48 -1.36 -13.86
N PRO D 222 10.26 -1.03 -14.91
CA PRO D 222 10.44 -2.01 -15.99
C PRO D 222 10.95 -3.35 -15.46
N ARG D 223 10.56 -4.42 -16.13
CA ARG D 223 10.99 -5.75 -15.72
C ARG D 223 12.01 -6.34 -16.70
N ASP E 1 -63.33 -9.96 4.18
CA ASP E 1 -63.57 -8.48 4.08
C ASP E 1 -63.57 -7.89 5.49
N VAL E 2 -63.63 -6.57 5.60
CA VAL E 2 -63.71 -5.95 6.94
C VAL E 2 -65.16 -5.88 7.46
N LEU E 3 -65.41 -6.73 8.45
CA LEU E 3 -66.71 -6.82 9.08
C LEU E 3 -66.93 -5.66 10.03
N MET E 4 -68.05 -4.97 9.85
CA MET E 4 -68.46 -3.86 10.69
C MET E 4 -69.53 -4.30 11.67
N THR E 5 -69.21 -4.27 12.96
CA THR E 5 -70.12 -4.76 13.99
C THR E 5 -70.55 -3.63 14.94
N GLN E 6 -71.83 -3.27 14.87
CA GLN E 6 -72.37 -2.20 15.69
C GLN E 6 -73.07 -2.75 16.93
N SER E 7 -72.77 -2.14 18.07
CA SER E 7 -73.48 -2.40 19.32
C SER E 7 -73.87 -1.06 19.96
N PRO E 8 -75.11 -0.95 20.45
CA PRO E 8 -76.17 -1.96 20.40
C PRO E 8 -76.90 -1.94 19.05
N LEU E 9 -77.89 -2.82 18.90
CA LEU E 9 -78.70 -2.86 17.69
C LEU E 9 -79.81 -1.83 17.79
N SER E 10 -80.28 -1.60 19.01
CA SER E 10 -81.16 -0.47 19.31
C SER E 10 -80.84 0.18 20.66
N LEU E 11 -81.10 1.48 20.75
CA LEU E 11 -80.73 2.27 21.91
C LEU E 11 -81.83 3.30 22.26
N PRO E 12 -82.60 3.02 23.32
CA PRO E 12 -83.53 4.03 23.81
C PRO E 12 -82.77 5.13 24.56
N VAL E 13 -83.19 6.38 24.38
CA VAL E 13 -82.54 7.53 25.00
C VAL E 13 -83.59 8.61 25.30
N SER E 14 -83.44 9.31 26.41
CA SER E 14 -84.31 10.44 26.72
C SER E 14 -83.82 11.62 25.88
N LEU E 15 -84.76 12.41 25.35
CA LEU E 15 -84.40 13.61 24.63
C LEU E 15 -83.61 14.57 25.54
N GLY E 16 -82.52 15.10 25.02
CA GLY E 16 -81.64 15.97 25.79
C GLY E 16 -80.47 15.23 26.41
N ASP E 17 -80.56 13.90 26.47
CA ASP E 17 -79.48 13.10 27.04
C ASP E 17 -78.48 12.66 25.96
N GLN E 18 -77.38 12.08 26.41
CA GLN E 18 -76.34 11.61 25.51
C GLN E 18 -76.59 10.16 25.12
N ALA E 19 -76.30 9.85 23.85
CA ALA E 19 -76.31 8.50 23.35
C ALA E 19 -74.95 8.21 22.75
N SER E 20 -74.41 7.02 23.06
CA SER E 20 -73.17 6.52 22.47
C SER E 20 -73.41 5.22 21.72
N ILE E 21 -72.95 5.20 20.47
CA ILE E 21 -73.07 4.01 19.61
C ILE E 21 -71.66 3.56 19.19
N SER E 22 -71.38 2.27 19.36
CA SER E 22 -70.08 1.72 19.08
C SER E 22 -70.04 0.89 17.80
N CYS E 23 -68.91 1.00 17.11
CA CYS E 23 -68.66 0.27 15.87
C CYS E 23 -67.32 -0.47 15.92
N ARG E 24 -67.39 -1.80 15.92
CA ARG E 24 -66.22 -2.67 15.94
C ARG E 24 -65.90 -3.21 14.55
N CYS E 25 -64.66 -3.07 14.10
CA CYS E 25 -64.23 -3.73 12.85
C CYS E 25 -63.32 -4.95 13.11
N SER E 26 -63.45 -5.95 12.24
CA SER E 26 -62.75 -7.24 12.38
C SER E 26 -61.25 -7.15 12.08
N GLN E 27 -60.87 -6.11 11.37
CA GLN E 27 -59.47 -5.80 11.08
C GLN E 27 -59.24 -4.29 11.02
N SER E 28 -57.96 -3.91 11.03
CA SER E 28 -57.50 -2.53 10.93
C SER E 28 -58.04 -1.78 9.68
N ILE E 29 -58.31 -0.49 9.84
CA ILE E 29 -58.78 0.34 8.71
C ILE E 29 -58.00 1.63 8.52
N VAL E 30 -56.68 1.53 8.65
CA VAL E 30 -55.77 2.63 8.36
C VAL E 30 -55.29 2.46 6.91
N LYS E 31 -55.51 3.48 6.08
CA LYS E 31 -55.06 3.44 4.69
C LYS E 31 -53.57 3.84 4.61
N SER E 32 -52.97 3.65 3.44
CA SER E 32 -51.76 4.38 3.09
C SER E 32 -52.18 5.85 2.88
N ASN E 33 -51.41 6.74 3.51
CA ASN E 33 -51.74 8.17 3.81
C ASN E 33 -51.91 8.39 5.33
N GLY E 34 -52.23 7.31 6.04
CA GLY E 34 -52.22 7.29 7.50
C GLY E 34 -53.56 7.52 8.15
N HIS E 35 -54.59 7.76 7.31
CA HIS E 35 -55.92 8.14 7.76
C HIS E 35 -56.94 6.99 7.78
N THR E 36 -57.94 7.15 8.63
CA THR E 36 -58.96 6.14 8.85
C THR E 36 -60.29 6.66 8.32
N TYR E 37 -60.87 5.94 7.36
CA TYR E 37 -62.06 6.43 6.67
C TYR E 37 -63.33 5.76 7.19
N LEU E 38 -63.53 5.97 8.50
CA LEU E 38 -64.70 5.50 9.20
C LEU E 38 -65.74 6.62 9.25
N GLU E 39 -66.91 6.33 8.67
CA GLU E 39 -68.00 7.29 8.53
C GLU E 39 -69.19 6.82 9.31
N TRP E 40 -70.04 7.77 9.66
CA TRP E 40 -71.31 7.47 10.28
C TRP E 40 -72.40 8.06 9.39
N TYR E 41 -73.43 7.26 9.11
CA TYR E 41 -74.60 7.73 8.39
C TYR E 41 -75.82 7.69 9.31
N LEU E 42 -76.77 8.61 9.07
CA LEU E 42 -78.09 8.52 9.68
C LEU E 42 -79.16 8.37 8.61
N GLN E 43 -79.99 7.34 8.77
CA GLN E 43 -81.19 7.20 7.97
C GLN E 43 -82.42 7.34 8.86
N LYS E 44 -83.10 8.48 8.73
CA LYS E 44 -84.35 8.77 9.45
C LYS E 44 -85.54 8.05 8.81
N PRO E 45 -86.67 7.95 9.55
CA PRO E 45 -87.88 7.30 9.08
C PRO E 45 -88.37 7.84 7.72
N GLY E 46 -88.48 6.94 6.74
CA GLY E 46 -88.94 7.28 5.39
C GLY E 46 -88.02 8.22 4.61
N ARG E 47 -86.72 8.11 4.88
CA ARG E 47 -85.72 8.98 4.26
C ARG E 47 -84.57 8.16 3.65
N SER E 48 -83.57 8.87 3.12
CA SER E 48 -82.35 8.29 2.59
C SER E 48 -81.18 8.52 3.53
N PRO E 49 -80.24 7.55 3.62
CA PRO E 49 -79.08 7.72 4.49
C PRO E 49 -78.32 9.00 4.15
N LYS E 50 -77.91 9.75 5.16
CA LYS E 50 -77.11 10.95 4.91
C LYS E 50 -75.87 11.01 5.82
N LEU E 51 -74.80 11.58 5.27
CA LEU E 51 -73.49 11.57 5.92
C LEU E 51 -73.46 12.53 7.10
N LEU E 52 -73.04 12.03 8.25
CA LEU E 52 -72.88 12.86 9.46
C LEU E 52 -71.43 13.12 9.77
N ILE E 53 -70.68 12.04 9.98
CA ILE E 53 -69.28 12.09 10.41
C ILE E 53 -68.39 11.41 9.36
N TYR E 54 -67.27 12.06 9.00
CA TYR E 54 -66.27 11.41 8.15
C TYR E 54 -64.88 11.37 8.82
N LYS E 55 -64.06 10.40 8.40
CA LYS E 55 -62.71 10.23 8.93
C LYS E 55 -62.69 10.22 10.45
N VAL E 56 -63.48 9.32 11.03
CA VAL E 56 -63.60 9.12 12.48
C VAL E 56 -64.33 10.24 13.24
N SER E 57 -63.95 11.50 12.97
CA SER E 57 -64.28 12.60 13.87
C SER E 57 -64.70 13.92 13.23
N ASN E 58 -64.62 14.02 11.91
CA ASN E 58 -64.95 15.26 11.21
C ASN E 58 -66.42 15.34 10.84
N ARG E 59 -67.03 16.49 11.06
CA ARG E 59 -68.46 16.69 10.81
C ARG E 59 -68.71 17.12 9.37
N PHE E 60 -69.66 16.47 8.72
CA PHE E 60 -70.07 16.79 7.35
C PHE E 60 -70.85 18.11 7.33
N SER E 61 -71.19 18.57 6.13
CA SER E 61 -71.91 19.85 5.90
C SER E 61 -73.24 19.93 6.65
N GLY E 62 -73.43 21.00 7.42
CA GLY E 62 -74.67 21.20 8.18
C GLY E 62 -74.87 20.34 9.43
N VAL E 63 -73.98 19.39 9.69
CA VAL E 63 -74.07 18.54 10.88
C VAL E 63 -73.78 19.38 12.14
N PRO E 64 -74.74 19.41 13.09
CA PRO E 64 -74.53 20.17 14.33
C PRO E 64 -73.45 19.57 15.26
N ASP E 65 -73.08 20.35 16.27
CA ASP E 65 -71.93 20.09 17.15
C ASP E 65 -72.18 18.96 18.15
N ARG E 66 -73.44 18.58 18.33
CA ARG E 66 -73.80 17.52 19.27
C ARG E 66 -73.38 16.12 18.82
N PHE E 67 -72.96 16.00 17.55
CA PHE E 67 -72.47 14.75 17.01
C PHE E 67 -70.94 14.80 17.00
N SER E 68 -70.30 13.92 17.76
CA SER E 68 -68.86 13.75 17.65
C SER E 68 -68.51 12.27 17.51
N GLY E 69 -67.71 11.97 16.50
CA GLY E 69 -67.11 10.65 16.36
C GLY E 69 -65.74 10.64 17.02
N SER E 70 -65.37 9.50 17.59
CA SER E 70 -64.03 9.28 18.15
C SER E 70 -63.63 7.80 18.06
N GLY E 71 -62.43 7.48 18.52
CA GLY E 71 -61.98 6.11 18.64
C GLY E 71 -60.89 5.76 17.67
N SER E 72 -60.23 4.64 17.92
CA SER E 72 -59.20 4.12 17.02
C SER E 72 -58.99 2.63 17.26
N GLY E 73 -58.12 2.04 16.43
CA GLY E 73 -57.68 0.65 16.61
C GLY E 73 -58.86 -0.28 16.76
N THR E 74 -59.64 -0.38 15.69
CA THR E 74 -60.80 -1.29 15.58
C THR E 74 -62.07 -0.94 16.37
N ASP E 75 -62.01 0.10 17.22
CA ASP E 75 -63.17 0.48 18.03
C ASP E 75 -63.48 1.97 17.94
N PHE E 76 -64.69 2.27 17.44
CA PHE E 76 -65.09 3.65 17.18
C PHE E 76 -66.42 3.98 17.80
N THR E 77 -66.58 5.23 18.22
CA THR E 77 -67.76 5.66 18.94
C THR E 77 -68.33 6.97 18.40
N LEU E 78 -69.57 6.91 17.92
CA LEU E 78 -70.37 8.11 17.67
C LEU E 78 -71.10 8.51 18.94
N ARG E 79 -70.88 9.75 19.35
CA ARG E 79 -71.47 10.33 20.54
C ARG E 79 -72.48 11.39 20.13
N ILE E 80 -73.74 11.24 20.55
CA ILE E 80 -74.77 12.27 20.32
C ILE E 80 -75.19 12.87 21.66
N SER E 81 -74.75 14.09 21.93
CA SER E 81 -74.67 14.56 23.33
C SER E 81 -75.91 15.24 23.92
N ARG E 82 -76.94 15.44 23.08
CA ARG E 82 -78.15 16.15 23.49
C ARG E 82 -79.23 15.83 22.45
N VAL E 83 -79.73 14.60 22.50
CA VAL E 83 -80.53 14.06 21.42
C VAL E 83 -81.84 14.83 21.22
N GLU E 84 -82.13 15.16 19.96
CA GLU E 84 -83.41 15.77 19.59
C GLU E 84 -84.31 14.72 18.97
N ALA E 85 -85.60 15.03 18.83
CA ALA E 85 -86.54 14.16 18.12
C ALA E 85 -86.07 13.93 16.68
N GLU E 86 -85.58 14.98 16.03
CA GLU E 86 -85.02 14.92 14.66
C GLU E 86 -83.84 13.94 14.50
N ASP E 87 -83.12 13.66 15.60
CA ASP E 87 -81.95 12.76 15.56
C ASP E 87 -82.29 11.27 15.51
N LEU E 88 -83.54 10.90 15.74
CA LEU E 88 -83.92 9.48 15.83
C LEU E 88 -83.97 8.82 14.46
N GLY E 89 -83.63 7.53 14.42
CA GLY E 89 -83.55 6.78 13.17
C GLY E 89 -82.47 5.73 13.27
N VAL E 90 -81.98 5.26 12.12
CA VAL E 90 -80.95 4.21 12.09
C VAL E 90 -79.59 4.79 11.73
N TYR E 91 -78.60 4.51 12.59
CA TYR E 91 -77.24 4.99 12.40
C TYR E 91 -76.38 3.85 11.87
N TYR E 92 -75.69 4.10 10.77
CA TYR E 92 -74.81 3.11 10.15
C TYR E 92 -73.36 3.57 10.18
N CYS E 93 -72.49 2.82 10.85
CA CYS E 93 -71.05 3.06 10.65
C CYS E 93 -70.65 2.48 9.30
N PHE E 94 -69.50 2.90 8.79
CA PHE E 94 -69.08 2.54 7.44
C PHE E 94 -67.57 2.71 7.29
N GLN E 95 -66.92 1.71 6.68
CA GLN E 95 -65.51 1.86 6.31
C GLN E 95 -65.27 1.92 4.79
N GLY E 96 -64.47 2.90 4.38
CA GLY E 96 -64.07 3.03 2.99
C GLY E 96 -62.56 2.98 2.79
N SER E 97 -61.89 2.33 3.75
CA SER E 97 -60.44 2.20 3.78
C SER E 97 -59.92 1.04 2.93
N HIS E 98 -60.63 -0.09 2.98
CA HIS E 98 -60.24 -1.32 2.29
C HIS E 98 -61.44 -1.89 1.55
N ILE E 99 -61.38 -1.85 0.22
CA ILE E 99 -62.39 -2.46 -0.66
C ILE E 99 -62.46 -3.99 -0.43
N PRO E 100 -63.70 -4.55 -0.34
CA PRO E 100 -65.02 -3.95 -0.51
C PRO E 100 -65.53 -3.00 0.59
N TRP E 101 -66.21 -1.95 0.14
CA TRP E 101 -66.88 -0.94 0.97
C TRP E 101 -67.97 -1.58 1.83
N THR E 102 -67.76 -1.59 3.15
CA THR E 102 -68.69 -2.29 4.04
C THR E 102 -69.41 -1.37 5.01
N PHE E 103 -70.64 -1.75 5.34
CA PHE E 103 -71.49 -1.06 6.31
C PHE E 103 -71.65 -1.91 7.54
N GLY E 104 -71.73 -1.28 8.72
CA GLY E 104 -72.19 -1.97 9.93
C GLY E 104 -73.64 -2.39 9.79
N GLY E 105 -74.13 -3.21 10.74
CA GLY E 105 -75.53 -3.67 10.74
C GLY E 105 -76.58 -2.60 11.06
N GLY E 106 -76.14 -1.44 11.51
CA GLY E 106 -77.06 -0.36 11.83
C GLY E 106 -77.51 -0.37 13.27
N THR E 107 -77.79 0.82 13.81
CA THR E 107 -78.21 0.95 15.19
C THR E 107 -79.42 1.86 15.24
N LYS E 108 -80.56 1.33 15.69
CA LYS E 108 -81.79 2.11 15.82
C LYS E 108 -81.74 2.96 17.09
N LEU E 109 -81.74 4.28 16.91
CA LEU E 109 -81.79 5.22 18.02
C LEU E 109 -83.23 5.60 18.26
N GLU E 110 -83.68 5.41 19.50
CA GLU E 110 -85.09 5.59 19.88
C GLU E 110 -85.25 6.42 21.15
N SER E 111 -86.37 7.14 21.26
CA SER E 111 -86.61 7.95 22.46
C SER E 111 -87.30 7.15 23.56
N LYS E 112 -86.99 7.50 24.79
CA LYS E 112 -87.61 6.92 25.97
C LYS E 112 -88.84 7.72 26.34
N ARG E 113 -89.80 7.02 26.92
CA ARG E 113 -90.96 7.65 27.54
C ARG E 113 -91.40 6.77 28.72
N ALA E 114 -92.44 7.20 29.42
CA ALA E 114 -93.04 6.41 30.50
C ALA E 114 -93.73 5.17 29.92
N ASP E 115 -93.76 4.09 30.70
CA ASP E 115 -94.45 2.87 30.29
C ASP E 115 -95.91 3.15 30.01
N ALA E 116 -96.40 2.61 28.90
CA ALA E 116 -97.79 2.75 28.50
C ALA E 116 -98.33 1.37 28.13
N ALA E 117 -99.46 1.01 28.74
CA ALA E 117 -100.17 -0.19 28.37
C ALA E 117 -100.84 0.05 27.01
N PRO E 118 -100.98 -1.01 26.19
CA PRO E 118 -101.62 -0.91 24.89
C PRO E 118 -103.13 -0.63 24.93
N THR E 119 -103.60 0.17 23.97
CA THR E 119 -105.03 0.30 23.67
C THR E 119 -105.37 -0.86 22.76
N VAL E 120 -106.06 -1.85 23.30
CA VAL E 120 -106.31 -3.08 22.55
C VAL E 120 -107.70 -3.03 21.93
N SER E 121 -107.74 -3.29 20.62
CA SER E 121 -108.98 -3.34 19.84
C SER E 121 -109.11 -4.69 19.14
N ILE E 122 -110.25 -5.36 19.31
CA ILE E 122 -110.51 -6.61 18.61
C ILE E 122 -111.64 -6.48 17.58
N PHE E 123 -111.44 -7.08 16.40
CA PHE E 123 -112.43 -7.00 15.32
C PHE E 123 -112.77 -8.38 14.79
N PRO E 124 -114.08 -8.71 14.71
CA PRO E 124 -114.53 -9.92 14.04
C PRO E 124 -114.30 -9.83 12.54
N PRO E 125 -114.26 -10.99 11.86
CA PRO E 125 -114.28 -11.00 10.40
C PRO E 125 -115.40 -10.12 9.86
N SER E 126 -115.15 -9.46 8.73
CA SER E 126 -116.21 -8.75 8.02
C SER E 126 -117.09 -9.78 7.34
N SER E 127 -118.37 -9.43 7.17
CA SER E 127 -119.27 -10.21 6.33
C SER E 127 -118.68 -10.35 4.90
N GLU E 128 -117.98 -9.32 4.44
CA GLU E 128 -117.34 -9.34 3.12
C GLU E 128 -116.34 -10.48 2.99
N GLN E 129 -115.47 -10.64 4.00
CA GLN E 129 -114.47 -11.71 3.96
C GLN E 129 -115.13 -13.09 4.02
N LEU E 130 -116.13 -13.21 4.88
CA LEU E 130 -116.80 -14.48 5.11
C LEU E 130 -117.43 -15.03 3.83
N THR E 131 -117.90 -14.15 2.95
CA THR E 131 -118.45 -14.56 1.65
C THR E 131 -117.41 -15.24 0.74
N SER E 132 -116.13 -15.05 1.04
CA SER E 132 -115.02 -15.62 0.25
C SER E 132 -114.45 -16.92 0.80
N GLY E 133 -115.00 -17.38 1.92
CA GLY E 133 -114.57 -18.65 2.52
C GLY E 133 -113.52 -18.49 3.59
N GLY E 134 -112.98 -17.28 3.72
CA GLY E 134 -111.95 -16.97 4.73
C GLY E 134 -112.49 -16.21 5.94
N ALA E 135 -111.68 -16.14 6.99
CA ALA E 135 -112.06 -15.47 8.26
C ALA E 135 -110.85 -15.01 9.10
N SER E 136 -110.56 -13.71 9.06
CA SER E 136 -109.45 -13.13 9.80
C SER E 136 -109.95 -12.35 11.00
N VAL E 137 -109.37 -12.64 12.16
CA VAL E 137 -109.69 -11.92 13.39
C VAL E 137 -108.53 -10.97 13.68
N VAL E 138 -108.81 -9.68 13.68
CA VAL E 138 -107.77 -8.65 13.79
C VAL E 138 -107.77 -8.04 15.18
N CYS E 139 -106.56 -7.84 15.71
CA CYS E 139 -106.38 -7.22 16.99
C CYS E 139 -105.25 -6.19 16.89
N PHE E 140 -105.57 -4.93 17.21
CA PHE E 140 -104.57 -3.88 17.35
C PHE E 140 -104.13 -3.70 18.81
N LEU E 141 -102.83 -3.61 19.05
CA LEU E 141 -102.29 -3.16 20.33
C LEU E 141 -101.65 -1.81 20.09
N ASN E 142 -102.37 -0.74 20.42
CA ASN E 142 -101.96 0.60 19.99
C ASN E 142 -101.34 1.48 21.06
N ASN E 143 -100.30 2.20 20.66
CA ASN E 143 -99.61 3.20 21.48
C ASN E 143 -99.14 2.70 22.86
N PHE E 144 -98.36 1.64 22.83
CA PHE E 144 -97.77 1.06 24.05
C PHE E 144 -96.26 1.37 24.18
N TYR E 145 -95.71 1.14 25.36
CA TYR E 145 -94.29 1.28 25.62
C TYR E 145 -93.89 0.41 26.82
N PRO E 146 -92.75 -0.33 26.74
CA PRO E 146 -91.70 -0.37 25.72
C PRO E 146 -92.08 -1.18 24.49
N LYS E 147 -91.15 -1.30 23.52
CA LYS E 147 -91.40 -2.00 22.25
C LYS E 147 -91.79 -3.47 22.39
N ASP E 148 -91.16 -4.19 23.32
CA ASP E 148 -91.46 -5.60 23.56
C ASP E 148 -92.82 -5.74 24.24
N ILE E 149 -93.64 -6.64 23.69
CA ILE E 149 -94.93 -7.02 24.25
C ILE E 149 -95.32 -8.37 23.64
N ASN E 150 -96.21 -9.10 24.29
CA ASN E 150 -96.67 -10.37 23.75
C ASN E 150 -98.17 -10.36 23.52
N VAL E 151 -98.58 -10.90 22.37
CA VAL E 151 -99.98 -11.14 22.09
C VAL E 151 -100.26 -12.61 22.25
N LYS E 152 -101.49 -12.92 22.65
CA LYS E 152 -101.91 -14.30 22.82
C LYS E 152 -103.35 -14.41 22.33
N TRP E 153 -103.61 -15.40 21.47
CA TRP E 153 -104.96 -15.67 21.01
C TRP E 153 -105.57 -16.82 21.78
N LYS E 154 -106.87 -16.73 22.02
CA LYS E 154 -107.64 -17.79 22.65
C LYS E 154 -108.90 -18.03 21.85
N ILE E 155 -109.19 -19.30 21.58
CA ILE E 155 -110.42 -19.71 20.92
C ILE E 155 -111.18 -20.67 21.85
N ASP E 156 -112.22 -20.14 22.50
CA ASP E 156 -112.93 -20.83 23.57
C ASP E 156 -112.01 -21.17 24.76
N GLY E 157 -111.08 -20.25 25.05
CA GLY E 157 -110.16 -20.40 26.18
C GLY E 157 -108.93 -21.25 25.91
N SER E 158 -108.92 -21.91 24.74
CA SER E 158 -107.78 -22.71 24.32
C SER E 158 -106.87 -21.83 23.48
N GLU E 159 -105.59 -21.78 23.87
CA GLU E 159 -104.62 -20.96 23.15
C GLU E 159 -104.42 -21.44 21.72
N ARG E 160 -104.51 -20.50 20.79
CA ARG E 160 -104.22 -20.75 19.39
C ARG E 160 -102.95 -19.99 19.03
N GLN E 161 -102.01 -20.68 18.38
CA GLN E 161 -100.83 -20.01 17.82
C GLN E 161 -100.59 -20.48 16.38
N ASN E 162 -101.47 -21.36 15.91
CA ASN E 162 -101.25 -22.12 14.67
C ASN E 162 -101.76 -21.43 13.38
N GLY E 163 -101.95 -20.11 13.42
CA GLY E 163 -102.39 -19.35 12.24
C GLY E 163 -102.33 -17.83 12.32
N VAL E 164 -101.50 -17.32 13.23
CA VAL E 164 -101.47 -15.88 13.56
C VAL E 164 -100.22 -15.19 13.05
N LEU E 165 -100.39 -13.99 12.50
CA LEU E 165 -99.28 -13.17 12.02
C LEU E 165 -99.28 -11.77 12.65
N ASN E 166 -98.11 -11.36 13.15
CA ASN E 166 -97.90 -10.09 13.85
C ASN E 166 -97.07 -9.09 13.05
N SER E 167 -97.36 -7.79 13.21
CA SER E 167 -96.59 -6.75 12.56
C SER E 167 -96.49 -5.51 13.45
N TRP E 168 -95.31 -4.89 13.45
CA TRP E 168 -95.01 -3.78 14.35
C TRP E 168 -94.70 -2.51 13.60
N THR E 169 -95.31 -1.39 13.99
CA THR E 169 -94.92 -0.10 13.44
C THR E 169 -93.54 0.31 13.96
N ASP E 170 -92.95 1.34 13.35
CA ASP E 170 -91.77 1.97 13.95
C ASP E 170 -92.26 2.92 15.05
N GLN E 171 -91.33 3.48 15.83
CA GLN E 171 -91.70 4.39 16.90
C GLN E 171 -92.48 5.61 16.42
N ASP E 172 -93.64 5.83 17.03
CA ASP E 172 -94.46 7.02 16.77
C ASP E 172 -93.68 8.25 17.21
N SER E 173 -93.55 9.23 16.31
CA SER E 173 -92.76 10.42 16.61
C SER E 173 -93.48 11.49 17.44
N LYS E 174 -94.81 11.43 17.49
CA LYS E 174 -95.59 12.36 18.30
C LYS E 174 -95.46 12.00 19.78
N ASP E 175 -95.65 10.73 20.10
CA ASP E 175 -95.71 10.29 21.51
C ASP E 175 -94.65 9.25 21.95
N SER E 176 -93.75 8.87 21.03
CA SER E 176 -92.67 7.91 21.31
C SER E 176 -93.15 6.47 21.60
N THR E 177 -94.42 6.19 21.30
CA THR E 177 -94.98 4.87 21.53
C THR E 177 -94.82 3.95 20.33
N TYR E 178 -95.16 2.68 20.53
CA TYR E 178 -95.19 1.67 19.46
C TYR E 178 -96.60 1.12 19.31
N SER E 179 -96.87 0.57 18.15
CA SER E 179 -98.14 -0.11 17.93
C SER E 179 -97.91 -1.45 17.27
N MET E 180 -98.89 -2.33 17.44
CA MET E 180 -98.81 -3.69 16.92
C MET E 180 -100.19 -4.14 16.46
N SER E 181 -100.23 -4.86 15.36
CA SER E 181 -101.46 -5.56 14.94
C SER E 181 -101.24 -7.08 14.88
N SER E 182 -102.21 -7.82 15.40
CA SER E 182 -102.17 -9.28 15.39
C SER E 182 -103.38 -9.82 14.63
N THR E 183 -103.14 -10.58 13.58
CA THR E 183 -104.21 -11.12 12.74
C THR E 183 -104.20 -12.65 12.77
N LEU E 184 -105.30 -13.22 13.25
CA LEU E 184 -105.50 -14.67 13.25
C LEU E 184 -106.43 -15.04 12.10
N THR E 185 -105.87 -15.70 11.09
CA THR E 185 -106.62 -16.02 9.88
C THR E 185 -107.04 -17.49 9.89
N LEU E 186 -108.34 -17.70 9.71
CA LEU E 186 -108.94 -19.04 9.70
C LEU E 186 -109.88 -19.16 8.51
N THR E 187 -110.32 -20.38 8.22
CA THR E 187 -111.38 -20.60 7.25
C THR E 187 -112.74 -20.24 7.85
N LYS E 188 -113.76 -20.07 7.00
CA LYS E 188 -115.11 -19.80 7.45
C LYS E 188 -115.59 -20.87 8.42
N ASP E 189 -115.38 -22.13 8.04
CA ASP E 189 -115.82 -23.28 8.84
C ASP E 189 -115.24 -23.32 10.26
N GLU E 190 -113.91 -23.24 10.36
CA GLU E 190 -113.21 -23.15 11.65
C GLU E 190 -113.81 -22.05 12.52
N TYR E 191 -114.04 -20.89 11.90
CA TYR E 191 -114.58 -19.72 12.60
C TYR E 191 -116.03 -19.91 13.05
N GLU E 192 -116.83 -20.61 12.25
CA GLU E 192 -118.23 -20.82 12.60
C GLU E 192 -118.41 -21.91 13.65
N ARG E 193 -117.36 -22.71 13.85
CA ARG E 193 -117.36 -23.80 14.83
C ARG E 193 -117.27 -23.33 16.30
N HIS E 194 -116.79 -22.10 16.51
CA HIS E 194 -116.52 -21.58 17.86
C HIS E 194 -117.17 -20.22 18.12
N ASN E 195 -117.33 -19.89 19.41
CA ASN E 195 -118.06 -18.70 19.83
C ASN E 195 -117.16 -17.58 20.34
N SER E 196 -116.28 -17.93 21.28
CA SER E 196 -115.48 -16.94 21.98
C SER E 196 -114.10 -16.75 21.36
N TYR E 197 -113.81 -15.50 20.98
CA TYR E 197 -112.52 -15.12 20.40
C TYR E 197 -111.88 -14.03 21.25
N THR E 198 -110.64 -14.27 21.67
CA THR E 198 -109.99 -13.45 22.69
C THR E 198 -108.56 -13.05 22.34
N CYS E 199 -108.30 -11.75 22.43
CA CYS E 199 -106.97 -11.19 22.22
C CYS E 199 -106.35 -10.70 23.53
N GLU E 200 -105.14 -11.16 23.85
CA GLU E 200 -104.51 -10.85 25.13
C GLU E 200 -103.10 -10.26 25.00
N ALA E 201 -102.90 -9.07 25.58
CA ALA E 201 -101.60 -8.42 25.59
C ALA E 201 -100.93 -8.50 26.97
N THR E 202 -99.67 -8.93 27.00
CA THR E 202 -98.91 -9.07 28.25
C THR E 202 -97.48 -8.52 28.17
N HIS E 203 -97.01 -8.03 29.32
CA HIS E 203 -95.61 -7.68 29.55
C HIS E 203 -95.46 -7.47 31.05
N LYS E 204 -95.18 -8.57 31.75
CA LYS E 204 -95.30 -8.67 33.21
C LYS E 204 -94.60 -7.58 34.02
N THR E 205 -93.70 -6.85 33.37
CA THR E 205 -92.84 -5.90 34.04
C THR E 205 -93.37 -4.45 33.99
N SER E 206 -94.03 -4.10 32.90
CA SER E 206 -94.50 -2.73 32.69
C SER E 206 -96.03 -2.59 32.77
N THR E 207 -96.73 -3.72 32.64
CA THR E 207 -98.20 -3.74 32.62
C THR E 207 -98.72 -5.09 33.15
N SER E 208 -100.00 -5.12 33.52
CA SER E 208 -100.69 -6.38 33.82
C SER E 208 -101.54 -6.81 32.59
N PRO E 209 -101.87 -8.12 32.47
CA PRO E 209 -102.60 -8.63 31.29
C PRO E 209 -103.83 -7.82 30.87
N ILE E 210 -103.82 -7.35 29.63
CA ILE E 210 -104.95 -6.57 29.07
C ILE E 210 -105.63 -7.35 27.93
N VAL E 211 -106.91 -7.64 28.13
CA VAL E 211 -107.63 -8.64 27.38
C VAL E 211 -108.85 -8.06 26.66
N LYS E 212 -108.96 -8.33 25.36
CA LYS E 212 -110.16 -8.01 24.58
C LYS E 212 -110.75 -9.25 23.91
N SER E 213 -112.08 -9.35 23.92
CA SER E 213 -112.77 -10.53 23.42
C SER E 213 -114.06 -10.14 22.70
N PHE E 214 -114.60 -11.09 21.94
CA PHE E 214 -115.96 -10.99 21.43
C PHE E 214 -116.59 -12.37 21.31
N ASN E 215 -117.91 -12.42 21.40
CA ASN E 215 -118.70 -13.59 21.04
C ASN E 215 -119.41 -13.26 19.74
N ARG E 216 -119.26 -14.12 18.74
CA ARG E 216 -119.96 -13.92 17.46
C ARG E 216 -121.46 -14.24 17.57
N ASP F 1 -77.47 22.46 -3.80
CA ASP F 1 -78.60 21.70 -4.39
C ASP F 1 -78.09 20.56 -5.28
N VAL F 2 -77.19 19.75 -4.71
CA VAL F 2 -76.73 18.52 -5.35
C VAL F 2 -77.84 17.47 -5.22
N LYS F 3 -78.26 16.92 -6.35
CA LYS F 3 -79.37 15.96 -6.42
C LYS F 3 -78.98 14.70 -7.19
N LEU F 4 -79.55 13.56 -6.77
CA LEU F 4 -79.47 12.31 -7.51
C LEU F 4 -80.86 11.70 -7.54
N VAL F 5 -81.44 11.50 -8.71
CA VAL F 5 -82.77 10.90 -8.80
C VAL F 5 -82.73 9.53 -9.50
N GLU F 6 -83.12 8.49 -8.76
CA GLU F 6 -83.18 7.11 -9.29
C GLU F 6 -84.48 6.80 -10.04
N SER F 7 -84.34 6.03 -11.10
CA SER F 7 -85.47 5.49 -11.86
C SER F 7 -85.12 4.07 -12.32
N GLY F 8 -86.13 3.28 -12.65
CA GLY F 8 -85.90 2.01 -13.30
C GLY F 8 -86.35 0.77 -12.54
N GLY F 9 -86.84 0.97 -11.33
CA GLY F 9 -87.31 -0.14 -10.49
C GLY F 9 -88.66 -0.70 -10.88
N GLY F 10 -88.91 -1.94 -10.45
CA GLY F 10 -90.16 -2.65 -10.75
C GLY F 10 -90.07 -4.13 -10.45
N LEU F 11 -91.04 -4.92 -11.02
CA LEU F 11 -91.13 -6.35 -10.71
C LEU F 11 -90.65 -7.20 -11.89
N VAL F 12 -89.69 -8.12 -11.62
CA VAL F 12 -89.12 -8.97 -12.67
C VAL F 12 -89.15 -10.44 -12.25
N LYS F 13 -89.38 -11.35 -13.22
CA LYS F 13 -89.38 -12.78 -12.89
C LYS F 13 -87.90 -13.24 -12.86
N PRO F 14 -87.60 -14.25 -11.96
CA PRO F 14 -86.20 -14.63 -11.74
C PRO F 14 -85.43 -14.94 -13.05
N GLY F 15 -84.20 -14.33 -13.20
CA GLY F 15 -83.35 -14.63 -14.39
C GLY F 15 -83.65 -13.66 -15.57
N GLY F 16 -84.48 -12.64 -15.23
CA GLY F 16 -84.80 -11.57 -16.21
C GLY F 16 -83.80 -10.45 -16.10
N SER F 17 -84.24 -9.23 -16.62
CA SER F 17 -83.38 -8.04 -16.69
C SER F 17 -84.12 -6.74 -16.36
N LEU F 18 -83.35 -5.73 -15.95
CA LEU F 18 -83.90 -4.40 -15.66
C LEU F 18 -82.77 -3.36 -15.73
N ARG F 19 -83.10 -2.16 -16.19
CA ARG F 19 -82.11 -1.08 -16.27
C ARG F 19 -82.40 0.02 -15.27
N LEU F 20 -81.44 0.26 -14.38
CA LEU F 20 -81.53 1.36 -13.43
C LEU F 20 -80.79 2.59 -13.96
N SER F 21 -81.44 3.73 -13.80
CA SER F 21 -80.88 5.01 -14.18
C SER F 21 -80.69 5.90 -12.96
N CYS F 22 -79.78 6.88 -13.07
CA CYS F 22 -79.63 7.90 -12.04
C CYS F 22 -79.18 9.21 -12.67
N ALA F 23 -80.04 10.23 -12.59
CA ALA F 23 -79.78 11.54 -13.16
C ALA F 23 -79.11 12.46 -12.12
N ALA F 24 -77.92 12.95 -12.45
CA ALA F 24 -77.16 13.80 -11.55
C ALA F 24 -77.28 15.28 -11.89
N SER F 25 -77.42 16.11 -10.85
CA SER F 25 -77.46 17.57 -11.01
C SER F 25 -76.82 18.28 -9.82
N GLY F 26 -76.31 19.49 -10.06
CA GLY F 26 -75.73 20.30 -9.00
C GLY F 26 -74.22 20.39 -9.00
N PHE F 27 -73.55 19.32 -9.41
CA PHE F 27 -72.08 19.25 -9.46
C PHE F 27 -71.60 18.89 -10.88
N THR F 28 -70.30 18.98 -11.13
CA THR F 28 -69.77 18.51 -12.42
C THR F 28 -69.52 17.00 -12.32
N PHE F 29 -70.46 16.25 -12.90
CA PHE F 29 -70.57 14.81 -12.78
C PHE F 29 -69.26 14.10 -13.17
N ARG F 30 -68.63 14.62 -14.22
CA ARG F 30 -67.38 14.12 -14.79
C ARG F 30 -66.26 13.80 -13.79
N ASN F 31 -66.12 14.60 -12.76
CA ASN F 31 -64.97 14.44 -11.86
C ASN F 31 -65.23 13.75 -10.52
N TYR F 32 -66.40 13.11 -10.40
CA TYR F 32 -66.75 12.34 -9.20
C TYR F 32 -66.96 10.86 -9.51
N GLY F 33 -66.32 10.01 -8.72
CA GLY F 33 -66.65 8.59 -8.70
C GLY F 33 -68.08 8.41 -8.22
N MET F 34 -68.67 7.26 -8.57
CA MET F 34 -70.03 6.95 -8.17
C MET F 34 -70.12 5.50 -7.71
N SER F 35 -71.16 5.21 -6.95
CA SER F 35 -71.50 3.84 -6.63
C SER F 35 -73.01 3.67 -6.58
N TRP F 36 -73.44 2.41 -6.68
CA TRP F 36 -74.80 2.00 -6.38
C TRP F 36 -74.78 1.24 -5.05
N VAL F 37 -75.71 1.60 -4.17
CA VAL F 37 -75.85 0.96 -2.88
C VAL F 37 -77.28 0.44 -2.79
N ARG F 38 -77.43 -0.78 -2.30
CA ARG F 38 -78.73 -1.41 -2.22
C ARG F 38 -79.10 -1.51 -0.74
N GLN F 39 -80.38 -1.38 -0.43
CA GLN F 39 -80.86 -1.69 0.91
C GLN F 39 -81.83 -2.85 0.87
N THR F 40 -81.49 -3.95 1.53
CA THR F 40 -82.35 -5.13 1.56
C THR F 40 -83.67 -4.85 2.32
N PRO F 41 -84.69 -5.72 2.16
CA PRO F 41 -85.89 -5.61 2.99
C PRO F 41 -85.57 -5.64 4.48
N GLU F 42 -84.51 -6.33 4.86
CA GLU F 42 -84.07 -6.39 6.26
C GLU F 42 -83.17 -5.20 6.64
N LYS F 43 -83.12 -4.19 5.76
CA LYS F 43 -82.44 -2.92 6.02
C LYS F 43 -80.91 -3.03 6.17
N ARG F 44 -80.30 -4.00 5.51
CA ARG F 44 -78.84 -4.04 5.40
C ARG F 44 -78.42 -3.18 4.22
N LEU F 45 -77.40 -2.36 4.43
CA LEU F 45 -76.85 -1.57 3.33
C LEU F 45 -75.69 -2.32 2.69
N GLU F 46 -75.75 -2.44 1.36
CA GLU F 46 -74.77 -3.21 0.63
C GLU F 46 -74.28 -2.44 -0.58
N TRP F 47 -72.97 -2.20 -0.61
CA TRP F 47 -72.35 -1.61 -1.80
C TRP F 47 -72.34 -2.69 -2.88
N VAL F 48 -72.79 -2.34 -4.08
CA VAL F 48 -72.94 -3.33 -5.15
C VAL F 48 -72.14 -3.03 -6.41
N ALA F 49 -71.68 -1.79 -6.56
CA ALA F 49 -71.04 -1.35 -7.80
C ALA F 49 -70.33 -0.01 -7.63
N ALA F 50 -69.09 0.07 -8.13
CA ALA F 50 -68.39 1.36 -8.18
C ALA F 50 -67.87 1.63 -9.58
N ILE F 51 -67.83 2.92 -9.93
CA ILE F 51 -67.23 3.38 -11.18
C ILE F 51 -66.51 4.70 -10.95
N SER F 52 -65.32 4.83 -11.54
CA SER F 52 -64.56 6.07 -11.47
C SER F 52 -65.14 7.14 -12.41
N GLY F 53 -64.71 8.38 -12.21
CA GLY F 53 -65.13 9.49 -13.07
C GLY F 53 -64.99 9.18 -14.55
N ASN F 54 -63.88 8.53 -14.91
CA ASN F 54 -63.52 8.28 -16.32
C ASN F 54 -63.91 6.90 -16.88
N SER F 55 -64.59 6.09 -16.06
CA SER F 55 -65.10 4.77 -16.45
C SER F 55 -64.03 3.67 -16.54
N LEU F 56 -62.77 4.05 -16.36
CA LEU F 56 -61.63 3.12 -16.49
C LEU F 56 -61.54 2.10 -15.36
N TYR F 57 -62.10 2.44 -14.19
CA TYR F 57 -62.20 1.53 -13.06
C TYR F 57 -63.66 1.25 -12.73
N THR F 58 -63.99 -0.04 -12.69
CA THR F 58 -65.26 -0.51 -12.16
C THR F 58 -64.98 -1.67 -11.21
N SER F 59 -65.82 -1.82 -10.18
CA SER F 59 -65.78 -2.99 -9.30
C SER F 59 -67.15 -3.34 -8.71
N TYR F 60 -67.27 -4.55 -8.18
CA TYR F 60 -68.49 -5.12 -7.63
C TYR F 60 -68.10 -6.04 -6.47
N PRO F 61 -69.02 -6.27 -5.51
CA PRO F 61 -68.74 -7.33 -4.54
C PRO F 61 -68.89 -8.70 -5.21
N ASP F 62 -68.42 -9.75 -4.54
CA ASP F 62 -68.54 -11.11 -5.06
C ASP F 62 -69.98 -11.45 -5.42
N SER F 63 -70.91 -11.07 -4.56
CA SER F 63 -72.32 -11.46 -4.69
C SER F 63 -72.99 -11.05 -6.00
N VAL F 64 -72.54 -9.94 -6.59
CA VAL F 64 -73.15 -9.40 -7.83
C VAL F 64 -72.23 -9.43 -9.06
N LYS F 65 -70.96 -9.81 -8.87
CA LYS F 65 -69.98 -9.93 -9.96
C LYS F 65 -70.53 -10.75 -11.13
N GLY F 66 -70.39 -10.22 -12.34
CA GLY F 66 -70.76 -10.94 -13.56
C GLY F 66 -72.21 -10.85 -14.01
N ARG F 67 -73.06 -10.23 -13.18
CA ARG F 67 -74.49 -10.09 -13.49
C ARG F 67 -74.86 -8.62 -13.62
N PHE F 68 -74.27 -7.83 -12.72
CA PHE F 68 -74.47 -6.40 -12.65
C PHE F 68 -73.38 -5.72 -13.46
N THR F 69 -73.77 -4.73 -14.26
CA THR F 69 -72.82 -3.90 -14.98
C THR F 69 -73.09 -2.43 -14.63
N ILE F 70 -72.08 -1.75 -14.11
CA ILE F 70 -72.21 -0.31 -13.83
C ILE F 70 -71.60 0.46 -14.99
N SER F 71 -72.22 1.59 -15.34
CA SER F 71 -71.74 2.45 -16.42
C SER F 71 -72.26 3.86 -16.20
N ARG F 72 -71.68 4.82 -16.93
CA ARG F 72 -72.12 6.22 -16.81
C ARG F 72 -72.21 6.95 -18.16
N ASP F 73 -72.95 8.06 -18.18
CA ASP F 73 -72.88 9.02 -19.27
C ASP F 73 -72.57 10.39 -18.67
N ASN F 74 -71.35 10.87 -18.92
CA ASN F 74 -70.90 12.14 -18.36
C ASN F 74 -71.56 13.35 -19.02
N ALA F 75 -71.66 13.32 -20.34
CA ALA F 75 -72.33 14.39 -21.09
C ALA F 75 -73.82 14.51 -20.76
N LYS F 76 -74.48 13.36 -20.57
CA LYS F 76 -75.91 13.31 -20.23
C LYS F 76 -76.18 13.41 -18.74
N ASN F 77 -75.11 13.46 -17.94
CA ASN F 77 -75.17 13.48 -16.46
C ASN F 77 -75.83 12.26 -15.82
N ASN F 78 -75.72 11.11 -16.46
CA ASN F 78 -76.41 9.90 -16.00
C ASN F 78 -75.50 8.73 -15.61
N LEU F 79 -75.81 8.12 -14.46
CA LEU F 79 -75.22 6.86 -14.00
C LEU F 79 -76.20 5.70 -14.26
N TYR F 80 -75.67 4.54 -14.62
CA TYR F 80 -76.52 3.38 -14.90
C TYR F 80 -76.10 2.09 -14.17
N LEU F 81 -77.09 1.24 -13.94
CA LEU F 81 -76.85 -0.14 -13.53
C LEU F 81 -77.75 -1.09 -14.32
N GLN F 82 -77.17 -1.70 -15.35
CA GLN F 82 -77.85 -2.75 -16.09
C GLN F 82 -77.78 -4.02 -15.25
N MET F 83 -78.95 -4.49 -14.87
CA MET F 83 -79.08 -5.73 -14.11
C MET F 83 -79.72 -6.76 -15.02
N SER F 84 -79.12 -7.94 -15.06
CA SER F 84 -79.69 -9.06 -15.82
C SER F 84 -79.56 -10.32 -14.97
N SER F 85 -80.22 -11.38 -15.41
CA SER F 85 -80.24 -12.66 -14.66
C SER F 85 -80.51 -12.42 -13.18
N LEU F 86 -81.60 -11.72 -12.89
CA LEU F 86 -81.91 -11.27 -11.53
C LEU F 86 -82.32 -12.42 -10.60
N ARG F 87 -81.80 -12.37 -9.37
CA ARG F 87 -82.03 -13.44 -8.40
C ARG F 87 -82.88 -12.90 -7.25
N SER F 88 -83.37 -13.79 -6.39
CA SER F 88 -84.25 -13.40 -5.27
C SER F 88 -83.48 -12.56 -4.26
N GLU F 89 -82.17 -12.77 -4.23
CA GLU F 89 -81.25 -12.01 -3.40
C GLU F 89 -81.19 -10.54 -3.84
N ASP F 90 -81.54 -10.26 -5.09
CA ASP F 90 -81.44 -8.90 -5.61
C ASP F 90 -82.60 -7.96 -5.23
N THR F 91 -83.65 -8.50 -4.60
CA THR F 91 -84.77 -7.67 -4.14
C THR F 91 -84.29 -6.67 -3.08
N ALA F 92 -84.54 -5.38 -3.33
CA ALA F 92 -83.92 -4.30 -2.58
C ALA F 92 -84.40 -2.92 -3.03
N LEU F 93 -84.13 -1.93 -2.19
CA LEU F 93 -84.21 -0.51 -2.57
C LEU F 93 -82.84 -0.07 -3.08
N TYR F 94 -82.79 0.45 -4.30
CA TYR F 94 -81.51 0.73 -4.94
C TYR F 94 -81.14 2.22 -4.95
N PHE F 95 -80.06 2.53 -4.24
CA PHE F 95 -79.57 3.90 -4.09
C PHE F 95 -78.38 4.21 -5.02
N CYS F 96 -78.55 5.29 -5.76
CA CYS F 96 -77.47 6.02 -6.43
C CYS F 96 -76.70 6.89 -5.41
N ALA F 97 -75.37 6.82 -5.42
CA ALA F 97 -74.53 7.60 -4.46
C ALA F 97 -73.18 8.11 -5.00
N ARG F 98 -72.90 9.39 -4.75
CA ARG F 98 -71.62 10.01 -5.13
C ARG F 98 -70.46 9.49 -4.25
N HIS F 99 -69.35 9.17 -4.89
CA HIS F 99 -68.31 8.38 -4.24
C HIS F 99 -67.04 9.20 -4.09
N ASP F 100 -66.81 9.65 -2.85
CA ASP F 100 -66.06 10.88 -2.58
C ASP F 100 -65.08 10.84 -1.40
N ASP F 101 -64.35 11.93 -1.25
CA ASP F 101 -63.48 12.17 -0.10
C ASP F 101 -63.79 13.55 0.53
N TYR F 102 -65.01 14.05 0.30
CA TYR F 102 -65.46 15.37 0.76
C TYR F 102 -64.37 16.45 0.58
N TYR F 103 -64.43 17.13 -0.56
CA TYR F 103 -63.38 18.05 -1.05
C TYR F 103 -62.43 17.30 -1.99
N GLY F 104 -61.95 16.14 -1.57
CA GLY F 104 -61.11 15.27 -2.39
C GLY F 104 -61.92 14.35 -3.30
N LYS F 105 -61.26 13.82 -4.33
CA LYS F 105 -61.96 12.99 -5.33
C LYS F 105 -61.86 11.48 -5.12
N SER F 106 -60.91 11.03 -4.29
CA SER F 106 -60.69 9.60 -4.05
C SER F 106 -61.91 8.96 -3.37
N PRO F 107 -62.31 7.77 -3.84
CA PRO F 107 -63.58 7.19 -3.43
C PRO F 107 -63.49 6.49 -2.05
N TYR F 108 -63.71 7.24 -0.98
CA TYR F 108 -63.66 6.69 0.38
C TYR F 108 -65.04 6.49 0.99
N PHE F 109 -65.98 7.35 0.62
CA PHE F 109 -67.33 7.30 1.17
C PHE F 109 -68.36 7.97 0.25
N PHE F 110 -69.63 7.78 0.55
CA PHE F 110 -70.73 8.35 -0.24
C PHE F 110 -71.27 9.58 0.48
N ASP F 111 -71.12 10.74 -0.16
CA ASP F 111 -71.51 12.00 0.48
C ASP F 111 -72.90 12.51 0.06
N VAL F 112 -73.40 12.04 -1.08
CA VAL F 112 -74.77 12.35 -1.50
C VAL F 112 -75.45 11.06 -1.98
N TRP F 113 -76.73 10.94 -1.63
CA TRP F 113 -77.60 9.81 -1.98
C TRP F 113 -78.85 10.36 -2.66
N GLY F 114 -79.50 9.54 -3.48
CA GLY F 114 -80.84 9.84 -3.98
C GLY F 114 -81.89 9.14 -3.13
N ALA F 115 -83.14 9.23 -3.57
CA ALA F 115 -84.29 8.68 -2.85
C ALA F 115 -84.37 7.15 -2.86
N GLY F 116 -83.74 6.51 -3.84
CA GLY F 116 -83.87 5.08 -4.02
C GLY F 116 -85.01 4.67 -4.95
N THR F 117 -84.78 3.57 -5.66
CA THR F 117 -85.80 2.95 -6.51
C THR F 117 -85.94 1.47 -6.11
N THR F 118 -87.17 0.96 -6.12
CA THR F 118 -87.44 -0.38 -5.58
C THR F 118 -87.42 -1.48 -6.64
N VAL F 119 -86.49 -2.41 -6.49
CA VAL F 119 -86.44 -3.60 -7.35
C VAL F 119 -86.89 -4.86 -6.59
N THR F 120 -87.83 -5.61 -7.19
CA THR F 120 -88.28 -6.87 -6.57
C THR F 120 -88.38 -8.05 -7.58
N ALA F 121 -87.62 -9.12 -7.31
CA ALA F 121 -87.53 -10.28 -8.21
C ALA F 121 -88.25 -11.49 -7.59
N SER F 122 -89.22 -12.04 -8.36
CA SER F 122 -90.15 -13.03 -7.82
C SER F 122 -90.88 -13.82 -8.89
N SER F 123 -91.06 -15.12 -8.61
CA SER F 123 -91.98 -15.93 -9.41
C SER F 123 -93.46 -15.59 -9.11
N ALA F 124 -93.71 -14.91 -7.97
CA ALA F 124 -95.07 -14.59 -7.52
C ALA F 124 -95.73 -13.62 -8.46
N LYS F 125 -97.02 -13.83 -8.72
CA LYS F 125 -97.79 -13.05 -9.68
C LYS F 125 -98.55 -11.84 -9.08
N THR F 126 -98.62 -10.77 -9.86
CA THR F 126 -99.41 -9.58 -9.55
C THR F 126 -100.85 -9.97 -9.21
N THR F 127 -101.33 -9.50 -8.06
CA THR F 127 -102.61 -9.89 -7.51
C THR F 127 -103.19 -8.68 -6.79
N PRO F 128 -104.43 -8.30 -7.13
CA PRO F 128 -105.03 -7.14 -6.46
C PRO F 128 -105.41 -7.47 -5.00
N PRO F 129 -105.47 -6.47 -4.12
CA PRO F 129 -105.86 -6.72 -2.73
C PRO F 129 -107.34 -6.90 -2.55
N SER F 130 -107.74 -7.65 -1.53
CA SER F 130 -109.11 -7.64 -1.07
C SER F 130 -109.12 -6.72 0.14
N VAL F 131 -110.04 -5.76 0.14
CA VAL F 131 -110.08 -4.78 1.24
C VAL F 131 -111.29 -5.03 2.15
N TYR F 132 -111.00 -5.35 3.40
CA TYR F 132 -112.01 -5.66 4.41
C TYR F 132 -112.15 -4.57 5.46
N PRO F 133 -113.40 -4.18 5.78
CA PRO F 133 -113.64 -3.21 6.84
C PRO F 133 -113.44 -3.80 8.23
N LEU F 134 -112.99 -2.96 9.15
CA LEU F 134 -112.85 -3.33 10.55
C LEU F 134 -113.65 -2.36 11.42
N ALA F 135 -114.82 -2.81 11.87
CA ALA F 135 -115.72 -2.00 12.71
C ALA F 135 -115.84 -2.60 14.10
N PRO F 136 -115.80 -1.75 15.15
CA PRO F 136 -115.89 -2.20 16.54
C PRO F 136 -117.18 -2.94 16.87
N GLY F 137 -117.10 -3.78 17.91
CA GLY F 137 -118.25 -4.49 18.44
C GLY F 137 -119.14 -3.62 19.30
N SER F 138 -118.53 -2.86 20.20
CA SER F 138 -119.27 -2.04 21.16
C SER F 138 -119.42 -0.59 20.69
N ALA F 139 -120.25 0.18 21.41
CA ALA F 139 -120.55 1.58 21.09
C ALA F 139 -119.37 2.54 21.37
N ALA F 140 -118.71 2.37 22.51
CA ALA F 140 -117.43 3.04 22.84
C ALA F 140 -117.49 4.36 23.63
N GLN F 141 -118.60 4.58 24.34
CA GLN F 141 -118.82 5.71 25.26
C GLN F 141 -118.79 7.15 24.69
N THR F 142 -119.33 8.10 25.45
CA THR F 142 -119.55 9.48 24.99
C THR F 142 -118.26 10.25 24.68
N ASN F 143 -117.45 10.50 25.71
CA ASN F 143 -116.25 11.35 25.58
C ASN F 143 -114.98 10.60 25.17
N SER F 144 -115.12 9.53 24.39
CA SER F 144 -113.96 8.68 24.09
C SER F 144 -113.55 8.60 22.63
N MET F 145 -112.44 7.91 22.42
CA MET F 145 -111.92 7.61 21.10
C MET F 145 -112.53 6.28 20.62
N VAL F 146 -112.84 6.20 19.33
CA VAL F 146 -113.28 4.96 18.68
C VAL F 146 -112.24 4.55 17.63
N THR F 147 -111.94 3.26 17.56
CA THR F 147 -110.90 2.73 16.66
C THR F 147 -111.47 1.86 15.54
N LEU F 148 -111.23 2.33 14.32
CA LEU F 148 -111.70 1.68 13.09
C LEU F 148 -110.51 1.22 12.27
N GLY F 149 -110.73 0.26 11.38
CA GLY F 149 -109.63 -0.22 10.54
C GLY F 149 -110.04 -0.69 9.17
N CYS F 150 -109.03 -0.90 8.33
CA CYS F 150 -109.18 -1.67 7.11
C CYS F 150 -108.13 -2.77 7.10
N LEU F 151 -108.57 -3.97 6.76
CA LEU F 151 -107.66 -5.08 6.55
C LEU F 151 -107.47 -5.28 5.04
N VAL F 152 -106.22 -5.20 4.59
CA VAL F 152 -105.91 -5.28 3.14
C VAL F 152 -105.15 -6.56 2.85
N LYS F 153 -105.83 -7.49 2.18
CA LYS F 153 -105.36 -8.85 2.18
C LYS F 153 -105.14 -9.47 0.80
N GLY F 154 -104.03 -10.19 0.66
CA GLY F 154 -103.79 -11.05 -0.52
C GLY F 154 -103.29 -10.34 -1.78
N TYR F 155 -102.42 -9.34 -1.62
CA TYR F 155 -101.94 -8.61 -2.77
C TYR F 155 -100.46 -8.87 -3.03
N PHE F 156 -100.06 -8.65 -4.28
CA PHE F 156 -98.67 -8.73 -4.70
C PHE F 156 -98.54 -7.91 -5.98
N PRO F 157 -97.43 -7.18 -6.14
CA PRO F 157 -96.41 -6.92 -5.13
C PRO F 157 -96.75 -5.70 -4.28
N GLU F 158 -95.92 -5.45 -3.26
CA GLU F 158 -95.88 -4.15 -2.58
C GLU F 158 -95.43 -3.10 -3.62
N PRO F 159 -95.83 -1.82 -3.44
CA PRO F 159 -96.60 -1.33 -2.31
C PRO F 159 -98.11 -1.19 -2.55
N VAL F 160 -98.80 -0.97 -1.43
CA VAL F 160 -100.16 -0.50 -1.38
C VAL F 160 -100.11 0.85 -0.61
N THR F 161 -100.94 1.81 -1.01
CA THR F 161 -101.10 3.06 -0.27
C THR F 161 -102.48 3.11 0.40
N VAL F 162 -102.49 3.38 1.70
CA VAL F 162 -103.71 3.51 2.49
C VAL F 162 -103.88 4.95 2.99
N THR F 163 -105.05 5.54 2.74
CA THR F 163 -105.41 6.84 3.30
C THR F 163 -106.81 6.76 3.90
N TRP F 164 -107.16 7.74 4.74
CA TRP F 164 -108.49 7.80 5.36
C TRP F 164 -109.21 9.07 4.95
N ASN F 165 -110.46 8.92 4.52
CA ASN F 165 -111.25 10.02 3.97
C ASN F 165 -110.46 10.82 2.93
N SER F 166 -109.84 10.09 2.01
CA SER F 166 -109.07 10.68 0.90
C SER F 166 -107.84 11.45 1.38
N GLY F 167 -107.39 11.19 2.60
CA GLY F 167 -106.18 11.81 3.14
C GLY F 167 -106.39 12.94 4.14
N SER F 168 -107.63 13.43 4.24
CA SER F 168 -107.96 14.53 5.15
C SER F 168 -107.92 14.09 6.63
N LEU F 169 -107.88 12.76 6.83
CA LEU F 169 -107.82 12.18 8.16
C LEU F 169 -106.45 11.50 8.34
N SER F 170 -105.46 12.28 8.75
CA SER F 170 -104.09 11.78 8.87
C SER F 170 -103.65 11.59 10.33
N SER F 171 -104.37 12.22 11.25
CA SER F 171 -104.11 12.08 12.69
C SER F 171 -104.69 10.79 13.22
N GLY F 172 -104.01 10.17 14.18
CA GLY F 172 -104.49 8.95 14.82
C GLY F 172 -104.43 7.68 13.98
N VAL F 173 -103.62 7.70 12.93
CA VAL F 173 -103.50 6.54 12.04
C VAL F 173 -102.24 5.73 12.28
N HIS F 174 -102.40 4.40 12.25
CA HIS F 174 -101.28 3.44 12.24
C HIS F 174 -101.48 2.49 11.06
N THR F 175 -100.69 2.67 10.00
CA THR F 175 -100.66 1.72 8.89
C THR F 175 -99.48 0.76 9.10
N PHE F 176 -99.79 -0.53 9.12
CA PHE F 176 -98.86 -1.57 9.55
C PHE F 176 -98.04 -2.18 8.42
N PRO F 177 -96.74 -2.40 8.65
CA PRO F 177 -95.91 -3.04 7.65
C PRO F 177 -96.56 -4.32 7.14
N ALA F 178 -96.55 -4.50 5.83
CA ALA F 178 -97.09 -5.69 5.20
C ALA F 178 -96.29 -6.91 5.63
N VAL F 179 -96.98 -8.05 5.72
CA VAL F 179 -96.35 -9.31 6.06
C VAL F 179 -96.66 -10.27 4.92
N LEU F 180 -95.66 -11.06 4.52
CA LEU F 180 -95.77 -11.98 3.41
C LEU F 180 -96.19 -13.35 3.93
N GLN F 181 -97.15 -13.99 3.26
CA GLN F 181 -97.51 -15.37 3.57
C GLN F 181 -97.77 -16.13 2.26
N SER F 182 -96.75 -16.89 1.86
CA SER F 182 -96.74 -17.65 0.60
C SER F 182 -97.22 -16.88 -0.64
N ASP F 183 -96.35 -15.97 -1.11
CA ASP F 183 -96.55 -15.19 -2.33
C ASP F 183 -97.53 -14.01 -2.25
N LEU F 184 -98.21 -13.84 -1.11
CA LEU F 184 -99.19 -12.75 -0.95
C LEU F 184 -98.98 -11.89 0.31
N TYR F 185 -99.09 -10.57 0.15
CA TYR F 185 -98.96 -9.64 1.28
C TYR F 185 -100.31 -9.31 1.93
N THR F 186 -100.24 -9.07 3.24
CA THR F 186 -101.40 -8.63 4.02
C THR F 186 -100.93 -7.46 4.89
N LEU F 187 -101.74 -6.40 4.94
CA LEU F 187 -101.50 -5.35 5.92
C LEU F 187 -102.80 -4.87 6.53
N SER F 188 -102.67 -4.13 7.62
CA SER F 188 -103.77 -3.58 8.34
C SER F 188 -103.48 -2.10 8.54
N SER F 189 -104.55 -1.30 8.63
CA SER F 189 -104.44 0.10 9.02
C SER F 189 -105.52 0.39 10.05
N SER F 190 -105.16 1.12 11.11
CA SER F 190 -106.14 1.56 12.10
C SER F 190 -106.24 3.07 12.13
N VAL F 191 -107.46 3.56 12.32
CA VAL F 191 -107.69 4.98 12.59
C VAL F 191 -108.50 5.17 13.85
N THR F 192 -108.04 6.07 14.71
CA THR F 192 -108.74 6.44 15.93
C THR F 192 -109.27 7.89 15.81
N VAL F 193 -110.59 8.04 15.98
CA VAL F 193 -111.27 9.34 15.98
C VAL F 193 -112.17 9.51 17.22
N PRO F 194 -112.60 10.76 17.52
CA PRO F 194 -113.57 10.92 18.61
C PRO F 194 -114.90 10.24 18.26
N SER F 195 -115.65 9.85 19.29
CA SER F 195 -116.94 9.18 19.11
C SER F 195 -118.02 10.10 18.55
N SER F 196 -117.86 11.40 18.79
CA SER F 196 -118.73 12.44 18.21
C SER F 196 -118.56 12.58 16.69
N THR F 197 -117.56 11.89 16.15
CA THR F 197 -117.19 11.98 14.74
C THR F 197 -117.66 10.77 13.92
N TRP F 198 -117.68 9.58 14.54
CA TRP F 198 -118.14 8.35 13.86
C TRP F 198 -119.16 7.60 14.73
N PRO F 199 -120.27 7.11 14.12
CA PRO F 199 -120.63 7.12 12.70
C PRO F 199 -121.37 8.34 12.17
N SER F 200 -121.34 9.46 12.89
CA SER F 200 -122.13 10.62 12.46
C SER F 200 -121.64 11.34 11.18
N GLU F 201 -120.35 11.23 10.85
CA GLU F 201 -119.76 12.01 9.74
C GLU F 201 -119.18 11.23 8.53
N THR F 202 -118.86 9.94 8.73
CA THR F 202 -118.31 9.05 7.66
C THR F 202 -116.79 8.86 7.67
N VAL F 203 -116.38 7.61 7.85
CA VAL F 203 -114.97 7.23 7.78
C VAL F 203 -114.80 6.12 6.73
N THR F 204 -114.01 6.42 5.71
CA THR F 204 -113.71 5.47 4.64
C THR F 204 -112.21 5.37 4.38
N CYS F 205 -111.70 4.14 4.23
CA CYS F 205 -110.32 3.96 3.80
C CYS F 205 -110.23 3.80 2.29
N ASN F 206 -109.14 4.33 1.74
CA ASN F 206 -108.90 4.33 0.31
C ASN F 206 -107.61 3.56 0.08
N VAL F 207 -107.71 2.47 -0.67
CA VAL F 207 -106.55 1.59 -0.88
C VAL F 207 -106.18 1.58 -2.34
N ALA F 208 -104.95 1.98 -2.62
CA ALA F 208 -104.45 1.99 -3.98
C ALA F 208 -103.30 1.01 -4.10
N HIS F 209 -103.37 0.18 -5.15
CA HIS F 209 -102.36 -0.79 -5.51
C HIS F 209 -102.02 -0.51 -6.97
N PRO F 210 -101.06 0.40 -7.23
CA PRO F 210 -100.77 0.79 -8.61
C PRO F 210 -100.31 -0.35 -9.51
N ALA F 211 -99.69 -1.38 -8.94
CA ALA F 211 -99.19 -2.51 -9.74
C ALA F 211 -100.31 -3.26 -10.48
N SER F 212 -101.49 -3.37 -9.85
CA SER F 212 -102.63 -4.05 -10.50
C SER F 212 -103.70 -3.05 -10.99
N SER F 213 -103.40 -1.75 -10.92
CA SER F 213 -104.30 -0.70 -11.39
C SER F 213 -105.62 -0.68 -10.62
N THR F 214 -105.52 -0.92 -9.31
CA THR F 214 -106.69 -1.05 -8.45
C THR F 214 -106.74 0.06 -7.41
N LYS F 215 -107.91 0.65 -7.24
CA LYS F 215 -108.23 1.41 -6.06
C LYS F 215 -109.54 0.90 -5.52
N VAL F 216 -109.61 0.78 -4.19
CA VAL F 216 -110.82 0.35 -3.49
C VAL F 216 -111.07 1.36 -2.39
N ASP F 217 -112.34 1.75 -2.26
CA ASP F 217 -112.80 2.61 -1.16
C ASP F 217 -113.74 1.81 -0.29
N LYS F 218 -113.39 1.66 0.98
CA LYS F 218 -114.27 1.00 1.94
C LYS F 218 -114.70 1.97 3.03
N LYS F 219 -115.96 2.35 2.97
CA LYS F 219 -116.60 3.10 4.05
C LYS F 219 -116.85 2.17 5.23
N ILE F 220 -116.38 2.57 6.41
CA ILE F 220 -116.57 1.79 7.63
C ILE F 220 -117.92 2.12 8.24
N VAL F 221 -118.84 1.17 8.16
CA VAL F 221 -120.20 1.32 8.69
C VAL F 221 -120.37 0.51 9.99
N PRO F 222 -121.16 1.03 10.95
CA PRO F 222 -121.37 0.26 12.18
C PRO F 222 -122.00 -1.11 11.87
N ARG F 223 -121.58 -2.13 12.62
CA ARG F 223 -122.01 -3.51 12.34
C ARG F 223 -123.32 -3.89 13.04
N ASP G 1 48.20 -12.49 7.52
CA ASP G 1 47.77 -11.09 7.78
C ASP G 1 48.07 -10.70 9.22
N VAL G 2 48.18 -9.40 9.43
CA VAL G 2 48.25 -8.84 10.77
C VAL G 2 46.84 -8.82 11.35
N LEU G 3 46.65 -9.67 12.35
CA LEU G 3 45.42 -9.74 13.10
C LEU G 3 45.53 -8.73 14.24
N MET G 4 44.50 -7.91 14.38
CA MET G 4 44.45 -6.85 15.36
C MET G 4 43.39 -7.16 16.40
N THR G 5 43.80 -7.31 17.66
CA THR G 5 42.88 -7.75 18.72
C THR G 5 42.60 -6.64 19.72
N GLN G 6 41.33 -6.32 19.91
CA GLN G 6 40.93 -5.24 20.81
C GLN G 6 40.33 -5.68 22.16
N SER G 7 40.79 -5.04 23.24
CA SER G 7 40.28 -5.22 24.61
C SER G 7 39.98 -3.85 25.20
N PRO G 8 38.81 -3.67 25.85
CA PRO G 8 37.76 -4.69 26.00
C PRO G 8 36.82 -4.68 24.80
N LEU G 9 35.77 -5.51 24.86
CA LEU G 9 34.79 -5.56 23.80
C LEU G 9 33.76 -4.46 23.97
N SER G 10 33.46 -4.20 25.25
CA SER G 10 32.54 -3.13 25.67
C SER G 10 33.19 -2.41 26.82
N LEU G 11 33.13 -1.08 26.79
CA LEU G 11 33.70 -0.30 27.88
C LEU G 11 32.66 0.65 28.44
N PRO G 12 32.10 0.31 29.62
CA PRO G 12 31.20 1.24 30.30
C PRO G 12 32.01 2.23 31.12
N VAL G 13 31.68 3.51 31.00
CA VAL G 13 32.31 4.54 31.81
C VAL G 13 31.30 5.60 32.12
N SER G 14 31.43 6.18 33.32
CA SER G 14 30.70 7.38 33.65
C SER G 14 31.30 8.51 32.86
N LEU G 15 30.43 9.37 32.34
CA LEU G 15 30.83 10.59 31.68
C LEU G 15 31.70 11.43 32.61
N GLY G 16 32.77 11.98 32.06
CA GLY G 16 33.74 12.76 32.83
C GLY G 16 34.90 11.92 33.33
N ASP G 17 34.70 10.61 33.34
CA ASP G 17 35.76 9.68 33.75
C ASP G 17 36.63 9.24 32.57
N GLN G 18 37.74 8.59 32.92
CA GLN G 18 38.77 8.21 31.97
C GLN G 18 38.49 6.82 31.38
N ALA G 19 38.84 6.63 30.11
CA ALA G 19 38.75 5.33 29.47
C ALA G 19 40.00 5.01 28.65
N SER G 20 40.28 3.70 28.52
CA SER G 20 41.44 3.22 27.80
C SER G 20 41.09 1.96 27.03
N ILE G 21 41.40 2.00 25.74
CA ILE G 21 41.06 0.92 24.82
C ILE G 21 42.38 0.44 24.25
N SER G 22 42.58 -0.88 24.21
CA SER G 22 43.84 -1.42 23.67
C SER G 22 43.71 -2.21 22.38
N CYS G 23 44.80 -2.24 21.62
CA CYS G 23 44.87 -2.90 20.36
C CYS G 23 46.20 -3.65 20.30
N ARG G 24 46.12 -4.98 20.24
CA ARG G 24 47.32 -5.82 20.13
C ARG G 24 47.40 -6.50 18.77
N CYS G 25 48.59 -6.43 18.17
CA CYS G 25 48.83 -6.95 16.84
C CYS G 25 49.53 -8.29 16.96
N SER G 26 49.21 -9.20 16.04
CA SER G 26 49.77 -10.54 16.04
C SER G 26 51.23 -10.49 15.58
N GLN G 27 51.64 -9.32 15.10
CA GLN G 27 53.01 -9.08 14.64
C GLN G 27 53.30 -7.57 14.59
N SER G 28 54.57 -7.20 14.55
CA SER G 28 54.97 -5.79 14.48
C SER G 28 54.27 -5.06 13.34
N ILE G 29 53.94 -3.80 13.57
CA ILE G 29 53.44 -2.96 12.51
C ILE G 29 54.32 -1.73 12.35
N VAL G 30 55.60 -1.89 12.74
CA VAL G 30 56.63 -0.98 12.28
C VAL G 30 56.92 -1.38 10.84
N LYS G 31 56.62 -0.49 9.92
CA LYS G 31 56.84 -0.71 8.50
C LYS G 31 58.34 -0.55 8.14
N SER G 32 58.73 -1.06 6.97
CA SER G 32 60.14 -1.07 6.51
C SER G 32 60.81 0.32 6.50
N ASN G 33 60.03 1.36 6.29
CA ASN G 33 60.53 2.75 6.32
C ASN G 33 60.72 3.32 7.73
N GLY G 34 60.42 2.51 8.74
CA GLY G 34 60.61 2.88 10.15
C GLY G 34 59.41 3.53 10.83
N HIS G 35 58.30 3.66 10.10
CA HIS G 35 57.09 4.31 10.63
C HIS G 35 56.03 3.28 11.00
N THR G 36 55.21 3.61 12.00
CA THR G 36 54.15 2.72 12.48
C THR G 36 52.81 3.36 12.16
N TYR G 37 52.11 2.80 11.18
CA TYR G 37 50.85 3.40 10.72
C TYR G 37 49.64 2.87 11.47
N LEU G 38 49.62 3.10 12.79
CA LEU G 38 48.45 2.70 13.59
C LEU G 38 47.46 3.86 13.76
N GLU G 39 46.22 3.65 13.29
CA GLU G 39 45.16 4.67 13.35
C GLU G 39 44.03 4.24 14.27
N TRP G 40 43.35 5.23 14.87
CA TRP G 40 42.12 5.02 15.65
C TRP G 40 40.96 5.75 15.00
N TYR G 41 39.90 5.01 14.67
CA TYR G 41 38.64 5.51 14.07
C TYR G 41 37.51 5.34 15.06
N LEU G 42 36.59 6.29 15.05
CA LEU G 42 35.37 6.19 15.84
C LEU G 42 34.17 6.21 14.89
N GLN G 43 33.30 5.22 15.04
CA GLN G 43 32.05 5.16 14.30
C GLN G 43 30.82 5.28 15.20
N LYS G 44 29.90 6.17 14.82
CA LYS G 44 28.62 6.36 15.52
C LYS G 44 27.53 5.42 15.03
N PRO G 45 26.44 5.25 15.83
CA PRO G 45 25.28 4.39 15.57
C PRO G 45 25.13 3.89 14.13
N GLY G 46 24.62 4.73 13.22
CA GLY G 46 24.54 4.33 11.80
C GLY G 46 25.27 5.25 10.83
N ARG G 47 26.47 5.69 11.22
CA ARG G 47 27.23 6.67 10.44
C ARG G 47 28.60 6.15 10.04
N SER G 48 29.45 7.00 9.47
CA SER G 48 30.72 6.53 8.96
C SER G 48 31.86 6.80 9.93
N PRO G 49 32.90 5.93 9.91
CA PRO G 49 34.06 6.10 10.79
C PRO G 49 34.73 7.44 10.54
N LYS G 50 35.26 8.03 11.61
CA LYS G 50 36.03 9.26 11.54
C LYS G 50 37.39 9.01 12.16
N LEU G 51 38.42 9.57 11.54
CA LEU G 51 39.77 9.47 12.03
C LEU G 51 39.98 10.31 13.30
N LEU G 52 40.54 9.66 14.34
CA LEU G 52 40.84 10.35 15.59
C LEU G 52 42.33 10.51 15.76
N ILE G 53 43.03 9.38 15.71
CA ILE G 53 44.47 9.31 15.91
C ILE G 53 45.15 8.61 14.74
N TYR G 54 46.26 9.17 14.24
CA TYR G 54 47.04 8.50 13.21
C TYR G 54 48.50 8.37 13.59
N LYS G 55 49.15 7.37 13.03
CA LYS G 55 50.55 7.06 13.36
C LYS G 55 50.84 7.02 14.87
N VAL G 56 50.00 6.23 15.55
CA VAL G 56 50.15 5.89 16.96
C VAL G 56 49.57 6.95 17.89
N SER G 57 49.98 8.21 17.68
CA SER G 57 49.84 9.27 18.69
C SER G 57 49.49 10.67 18.16
N ASN G 58 49.27 10.80 16.86
CA ASN G 58 48.97 12.11 16.29
C ASN G 58 47.47 12.35 16.18
N ARG G 59 47.02 13.45 16.76
CA ARG G 59 45.63 13.86 16.66
C ARG G 59 45.32 14.39 15.26
N PHE G 60 44.25 13.87 14.68
CA PHE G 60 43.78 14.37 13.41
C PHE G 60 43.28 15.81 13.62
N SER G 61 43.25 16.61 12.54
CA SER G 61 42.68 17.95 12.56
C SER G 61 41.32 17.98 13.29
N GLY G 62 41.24 18.74 14.38
CA GLY G 62 39.97 18.96 15.08
C GLY G 62 39.67 17.99 16.22
N VAL G 63 40.52 16.99 16.41
CA VAL G 63 40.34 16.01 17.50
C VAL G 63 40.78 16.61 18.84
N PRO G 64 39.87 16.62 19.85
CA PRO G 64 40.16 17.18 21.18
C PRO G 64 41.41 16.59 21.83
N ASP G 65 42.10 17.38 22.66
CA ASP G 65 43.33 16.89 23.30
C ASP G 65 43.10 15.84 24.40
N ARG G 66 41.84 15.58 24.74
CA ARG G 66 41.50 14.52 25.68
C ARG G 66 41.67 13.12 25.05
N PHE G 67 41.71 13.05 23.72
CA PHE G 67 42.12 11.84 23.02
C PHE G 67 43.62 11.78 22.87
N SER G 68 44.23 10.70 23.35
CA SER G 68 45.65 10.46 23.15
C SER G 68 45.91 8.99 22.82
N GLY G 69 46.94 8.74 22.01
CA GLY G 69 47.29 7.39 21.64
C GLY G 69 48.74 7.13 21.94
N SER G 70 49.04 5.91 22.35
CA SER G 70 50.41 5.56 22.67
C SER G 70 50.68 4.11 22.30
N GLY G 71 51.95 3.71 22.41
CA GLY G 71 52.36 2.33 22.17
C GLY G 71 53.42 2.19 21.08
N SER G 72 53.87 0.95 20.90
CA SER G 72 54.90 0.62 19.92
C SER G 72 54.92 -0.89 19.70
N GLY G 73 55.52 -1.30 18.57
CA GLY G 73 55.61 -2.72 18.21
C GLY G 73 54.26 -3.37 17.93
N THR G 74 53.72 -4.02 18.96
CA THR G 74 52.49 -4.81 18.85
C THR G 74 51.41 -4.42 19.88
N ASP G 75 51.71 -3.48 20.77
CA ASP G 75 50.69 -3.04 21.75
C ASP G 75 50.45 -1.53 21.73
N PHE G 76 49.19 -1.15 21.53
CA PHE G 76 48.76 0.23 21.35
C PHE G 76 47.52 0.55 22.17
N THR G 77 47.51 1.74 22.78
CA THR G 77 46.40 2.14 23.64
C THR G 77 45.83 3.49 23.19
N LEU G 78 44.50 3.57 23.17
CA LEU G 78 43.79 4.84 22.99
C LEU G 78 43.26 5.29 24.34
N ARG G 79 43.55 6.54 24.68
CA ARG G 79 43.24 7.07 25.99
C ARG G 79 42.28 8.26 25.88
N ILE G 80 41.19 8.23 26.63
CA ILE G 80 40.27 9.37 26.71
C ILE G 80 40.15 9.83 28.17
N SER G 81 40.82 10.95 28.46
CA SER G 81 40.97 11.50 29.80
C SER G 81 39.66 11.82 30.52
N ARG G 82 38.70 12.38 29.76
CA ARG G 82 37.42 12.83 30.30
C ARG G 82 36.34 12.49 29.27
N VAL G 83 35.60 11.41 29.48
CA VAL G 83 34.69 10.92 28.45
C VAL G 83 33.42 11.77 28.39
N GLU G 84 33.03 12.13 27.17
CA GLU G 84 31.81 12.87 26.93
C GLU G 84 30.80 12.02 26.16
N ALA G 85 29.55 12.48 26.11
CA ALA G 85 28.47 11.78 25.41
C ALA G 85 28.79 11.65 23.92
N GLU G 86 29.29 12.74 23.35
CA GLU G 86 29.70 12.77 21.94
C GLU G 86 30.88 11.83 21.62
N ASP G 87 31.52 11.26 22.63
CA ASP G 87 32.62 10.30 22.42
C ASP G 87 32.17 8.85 22.27
N LEU G 88 30.92 8.57 22.62
CA LEU G 88 30.40 7.21 22.61
C LEU G 88 30.17 6.68 21.20
N GLY G 89 30.42 5.39 21.04
CA GLY G 89 30.33 4.72 19.75
C GLY G 89 31.34 3.61 19.73
N VAL G 90 31.75 3.23 18.53
CA VAL G 90 32.65 2.10 18.34
C VAL G 90 33.96 2.62 17.83
N TYR G 91 35.01 2.26 18.56
CA TYR G 91 36.38 2.60 18.24
C TYR G 91 37.05 1.43 17.56
N TYR G 92 37.68 1.69 16.42
CA TYR G 92 38.48 0.68 15.71
C TYR G 92 39.93 1.09 15.57
N CYS G 93 40.83 0.19 15.90
CA CYS G 93 42.21 0.37 15.49
C CYS G 93 42.37 -0.16 14.05
N PHE G 94 43.39 0.32 13.38
CA PHE G 94 43.65 0.02 11.99
C PHE G 94 45.16 0.17 11.78
N GLN G 95 45.75 -0.78 11.05
CA GLN G 95 47.15 -0.71 10.67
C GLN G 95 47.27 -0.64 9.15
N GLY G 96 47.95 0.38 8.66
CA GLY G 96 48.30 0.48 7.23
C GLY G 96 49.80 0.33 7.02
N SER G 97 50.42 -0.49 7.85
CA SER G 97 51.86 -0.77 7.77
C SER G 97 52.21 -1.94 6.82
N HIS G 98 51.33 -2.93 6.76
CA HIS G 98 51.56 -4.12 5.98
C HIS G 98 50.31 -4.47 5.19
N ILE G 99 50.52 -4.85 3.94
CA ILE G 99 49.44 -5.28 3.06
C ILE G 99 49.15 -6.75 3.36
N PRO G 100 47.87 -7.13 3.48
CA PRO G 100 46.67 -6.29 3.43
C PRO G 100 46.41 -5.54 4.75
N TRP G 101 45.99 -4.29 4.63
CA TRP G 101 45.70 -3.45 5.79
C TRP G 101 44.55 -4.07 6.57
N THR G 102 44.59 -3.96 7.90
CA THR G 102 43.60 -4.64 8.75
C THR G 102 43.07 -3.75 9.87
N PHE G 103 41.87 -4.08 10.36
CA PHE G 103 41.21 -3.38 11.44
C PHE G 103 41.06 -4.33 12.62
N GLY G 104 41.07 -3.78 13.84
CA GLY G 104 40.60 -4.51 15.02
C GLY G 104 39.10 -4.70 14.95
N GLY G 105 38.57 -5.54 15.85
CA GLY G 105 37.15 -5.90 15.85
C GLY G 105 36.18 -4.87 16.40
N GLY G 106 36.71 -3.77 16.93
CA GLY G 106 35.91 -2.71 17.51
C GLY G 106 35.71 -2.82 19.02
N THR G 107 35.63 -1.66 19.68
CA THR G 107 35.29 -1.56 21.09
C THR G 107 34.14 -0.57 21.27
N LYS G 108 33.05 -1.03 21.90
CA LYS G 108 31.93 -0.15 22.24
C LYS G 108 32.18 0.66 23.50
N LEU G 109 32.32 1.98 23.35
CA LEU G 109 32.39 2.86 24.50
C LEU G 109 30.95 3.20 24.85
N GLU G 110 30.58 2.90 26.09
CA GLU G 110 29.20 3.07 26.57
C GLU G 110 29.18 3.86 27.87
N SER G 111 28.08 4.58 28.11
CA SER G 111 27.98 5.40 29.30
C SER G 111 27.16 4.72 30.39
N LYS G 112 27.61 4.93 31.62
CA LYS G 112 26.89 4.45 32.78
C LYS G 112 25.78 5.43 33.17
N ARG G 113 24.71 4.89 33.73
CA ARG G 113 23.65 5.69 34.31
C ARG G 113 23.00 4.85 35.40
N ALA G 114 22.05 5.43 36.15
CA ALA G 114 21.31 4.68 37.15
C ALA G 114 20.42 3.59 36.53
N ASP G 115 20.16 2.55 37.32
CA ASP G 115 19.23 1.49 36.93
C ASP G 115 17.87 2.04 36.48
N ALA G 116 17.27 1.37 35.51
CA ALA G 116 15.96 1.75 35.01
C ALA G 116 15.25 0.48 34.59
N ALA G 117 14.09 0.24 35.19
CA ALA G 117 13.23 -0.85 34.77
C ALA G 117 12.67 -0.54 33.38
N PRO G 118 12.42 -1.58 32.56
CA PRO G 118 11.91 -1.25 31.24
C PRO G 118 10.41 -0.92 31.26
N THR G 119 9.98 0.00 30.41
CA THR G 119 8.57 0.11 30.05
C THR G 119 8.25 -1.07 29.15
N VAL G 120 7.35 -1.93 29.58
CA VAL G 120 6.97 -3.12 28.84
C VAL G 120 5.60 -2.95 28.21
N SER G 121 5.52 -3.23 26.91
CA SER G 121 4.29 -3.16 26.12
C SER G 121 4.11 -4.45 25.34
N ILE G 122 2.97 -5.09 25.52
CA ILE G 122 2.63 -6.31 24.80
C ILE G 122 1.49 -6.03 23.82
N PHE G 123 1.61 -6.57 22.62
CA PHE G 123 0.61 -6.40 21.57
C PHE G 123 0.22 -7.76 21.01
N PRO G 124 -1.10 -8.03 20.89
CA PRO G 124 -1.58 -9.24 20.22
C PRO G 124 -1.35 -9.15 18.71
N PRO G 125 -1.47 -10.29 17.99
CA PRO G 125 -1.45 -10.20 16.53
C PRO G 125 -2.57 -9.31 16.02
N SER G 126 -2.28 -8.52 15.00
CA SER G 126 -3.29 -7.68 14.35
C SER G 126 -4.21 -8.57 13.55
N SER G 127 -5.45 -8.12 13.42
CA SER G 127 -6.45 -8.80 12.60
C SER G 127 -5.95 -9.01 11.15
N GLU G 128 -5.07 -8.12 10.68
CA GLU G 128 -4.49 -8.19 9.35
C GLU G 128 -3.56 -9.41 9.17
N GLN G 129 -2.68 -9.63 10.15
CA GLN G 129 -1.78 -10.78 10.10
C GLN G 129 -2.54 -12.10 10.25
N LEU G 130 -3.62 -12.08 11.03
CA LEU G 130 -4.46 -13.26 11.19
C LEU G 130 -5.16 -13.69 9.90
N THR G 131 -5.54 -12.74 9.04
CA THR G 131 -6.18 -13.06 7.76
C THR G 131 -5.20 -13.78 6.81
N SER G 132 -3.94 -13.84 7.24
CA SER G 132 -2.87 -14.38 6.42
C SER G 132 -2.31 -15.69 6.99
N GLY G 133 -2.92 -16.18 8.08
CA GLY G 133 -2.53 -17.45 8.70
C GLY G 133 -1.38 -17.41 9.69
N GLY G 134 -0.80 -16.23 9.88
CA GLY G 134 0.34 -16.05 10.80
C GLY G 134 -0.07 -15.31 12.05
N ALA G 135 0.73 -15.45 13.11
CA ALA G 135 0.43 -14.82 14.40
C ALA G 135 1.69 -14.40 15.18
N SER G 136 2.04 -13.12 15.07
CA SER G 136 3.15 -12.57 15.84
C SER G 136 2.65 -11.82 17.07
N VAL G 137 3.21 -12.18 18.21
CA VAL G 137 2.96 -11.48 19.45
C VAL G 137 4.25 -10.72 19.75
N VAL G 138 4.11 -9.41 19.92
CA VAL G 138 5.27 -8.55 20.08
C VAL G 138 5.29 -8.00 21.50
N CYS G 139 6.49 -7.86 22.05
CA CYS G 139 6.69 -7.25 23.33
C CYS G 139 7.88 -6.30 23.25
N PHE G 140 7.63 -5.00 23.50
CA PHE G 140 8.70 -4.00 23.68
C PHE G 140 9.14 -3.87 25.15
N LEU G 141 10.46 -3.82 25.35
CA LEU G 141 11.06 -3.55 26.66
C LEU G 141 11.89 -2.29 26.46
N ASN G 142 11.31 -1.16 26.80
CA ASN G 142 11.83 0.13 26.38
C ASN G 142 12.48 0.92 27.52
N ASN G 143 13.61 1.53 27.18
CA ASN G 143 14.32 2.51 28.01
C ASN G 143 14.74 1.97 29.38
N PHE G 144 15.42 0.83 29.36
CA PHE G 144 15.91 0.20 30.57
C PHE G 144 17.42 0.37 30.72
N TYR G 145 17.91 -0.02 31.89
CA TYR G 145 19.32 -0.02 32.22
C TYR G 145 19.50 -0.88 33.48
N PRO G 146 20.54 -1.75 33.51
CA PRO G 146 21.60 -1.90 32.49
C PRO G 146 21.27 -2.66 31.22
N LYS G 147 22.31 -2.93 30.45
CA LYS G 147 22.26 -3.51 29.13
C LYS G 147 21.63 -4.93 29.09
N ASP G 148 21.97 -5.76 30.07
CA ASP G 148 21.51 -7.15 30.07
C ASP G 148 20.18 -7.26 30.80
N ILE G 149 19.26 -7.98 30.18
CA ILE G 149 17.92 -8.18 30.66
C ILE G 149 17.45 -9.51 30.07
N ASN G 150 16.59 -10.21 30.79
CA ASN G 150 16.01 -11.44 30.27
C ASN G 150 14.53 -11.25 29.98
N VAL G 151 14.08 -11.88 28.90
CA VAL G 151 12.66 -11.89 28.53
C VAL G 151 12.20 -13.33 28.49
N LYS G 152 11.00 -13.56 29.01
CA LYS G 152 10.42 -14.88 29.04
C LYS G 152 9.00 -14.77 28.47
N TRP G 153 8.59 -15.79 27.71
CA TRP G 153 7.23 -15.87 27.24
C TRP G 153 6.51 -17.01 27.92
N LYS G 154 5.26 -16.77 28.30
CA LYS G 154 4.38 -17.82 28.80
C LYS G 154 3.10 -17.86 27.99
N ILE G 155 2.65 -19.07 27.68
CA ILE G 155 1.35 -19.28 27.05
C ILE G 155 0.52 -20.17 27.97
N ASP G 156 -0.59 -19.62 28.47
CA ASP G 156 -1.39 -20.25 29.52
C ASP G 156 -0.53 -20.67 30.71
N GLY G 157 0.38 -19.78 31.12
CA GLY G 157 1.23 -19.97 32.30
C GLY G 157 2.34 -20.99 32.13
N SER G 158 2.70 -21.27 30.88
CA SER G 158 3.73 -22.25 30.57
C SER G 158 4.80 -21.62 29.69
N GLU G 159 6.06 -21.68 30.15
CA GLU G 159 7.20 -21.10 29.39
C GLU G 159 7.25 -21.56 27.93
N ARG G 160 7.66 -20.66 27.06
CA ARG G 160 7.79 -20.94 25.64
C ARG G 160 8.98 -20.16 25.09
N GLN G 161 9.93 -20.86 24.46
CA GLN G 161 11.07 -20.16 23.84
C GLN G 161 11.33 -20.56 22.39
N ASN G 162 10.54 -21.49 21.87
CA ASN G 162 10.65 -21.91 20.47
C ASN G 162 10.48 -20.79 19.44
N GLY G 163 9.30 -20.21 19.35
CA GLY G 163 9.05 -19.24 18.27
C GLY G 163 9.54 -17.82 18.48
N VAL G 164 10.43 -17.59 19.43
CA VAL G 164 10.81 -16.22 19.80
C VAL G 164 12.14 -15.72 19.25
N LEU G 165 12.07 -14.54 18.64
CA LEU G 165 13.23 -13.82 18.16
C LEU G 165 13.36 -12.44 18.82
N ASN G 166 14.58 -12.10 19.22
CA ASN G 166 14.86 -10.85 19.94
C ASN G 166 15.75 -9.88 19.17
N SER G 167 15.52 -8.59 19.35
CA SER G 167 16.34 -7.55 18.73
C SER G 167 16.63 -6.40 19.71
N TRP G 168 17.90 -5.98 19.78
CA TRP G 168 18.35 -4.96 20.72
C TRP G 168 18.85 -3.69 20.01
N THR G 169 18.45 -2.52 20.51
CA THR G 169 18.99 -1.24 20.02
C THR G 169 20.33 -0.90 20.66
N ASP G 170 21.07 0.02 20.04
CA ASP G 170 22.28 0.59 20.63
C ASP G 170 21.87 1.57 21.73
N GLN G 171 22.82 1.96 22.57
CA GLN G 171 22.53 2.89 23.65
C GLN G 171 21.88 4.18 23.12
N ASP G 172 20.77 4.58 23.74
CA ASP G 172 20.01 5.79 23.39
C ASP G 172 20.80 7.00 23.85
N SER G 173 21.03 7.94 22.95
CA SER G 173 21.96 9.07 23.23
C SER G 173 21.37 10.16 24.12
N LYS G 174 20.04 10.29 24.16
CA LYS G 174 19.41 11.28 25.04
C LYS G 174 19.46 10.84 26.50
N ASP G 175 19.03 9.63 26.79
CA ASP G 175 18.90 9.20 28.19
C ASP G 175 19.84 8.06 28.64
N SER G 176 20.69 7.58 27.72
CA SER G 176 21.67 6.50 27.98
C SER G 176 21.06 5.11 28.22
N THR G 177 19.83 4.90 27.79
CA THR G 177 19.15 3.61 28.01
C THR G 177 19.32 2.64 26.84
N TYR G 178 18.80 1.44 27.03
CA TYR G 178 18.72 0.42 25.99
C TYR G 178 17.27 0.00 25.81
N SER G 179 16.94 -0.54 24.64
CA SER G 179 15.61 -1.06 24.33
C SER G 179 15.77 -2.37 23.60
N MET G 180 14.69 -3.14 23.56
CA MET G 180 14.74 -4.52 23.13
C MET G 180 13.33 -4.90 22.72
N SER G 181 13.20 -5.56 21.57
CA SER G 181 11.91 -6.13 21.22
C SER G 181 12.01 -7.63 21.13
N SER G 182 10.95 -8.29 21.57
CA SER G 182 10.86 -9.72 21.61
C SER G 182 9.63 -10.08 20.79
N THR G 183 9.78 -10.94 19.79
CA THR G 183 8.64 -11.35 18.95
C THR G 183 8.46 -12.86 18.93
N LEU G 184 7.28 -13.27 19.38
CA LEU G 184 6.89 -14.67 19.37
C LEU G 184 6.01 -14.88 18.17
N THR G 185 6.43 -15.76 17.26
CA THR G 185 5.67 -16.04 16.04
C THR G 185 5.11 -17.45 16.03
N LEU G 186 3.79 -17.52 15.96
CA LEU G 186 3.06 -18.77 15.95
C LEU G 186 2.21 -18.84 14.70
N THR G 187 1.81 -20.05 14.30
CA THR G 187 0.73 -20.21 13.30
C THR G 187 -0.55 -19.69 13.93
N LYS G 188 -1.48 -19.22 13.11
CA LYS G 188 -2.82 -18.87 13.57
C LYS G 188 -3.44 -20.00 14.42
N ASP G 189 -3.30 -21.25 13.96
CA ASP G 189 -3.88 -22.41 14.66
C ASP G 189 -3.30 -22.63 16.07
N GLU G 190 -1.98 -22.47 16.23
CA GLU G 190 -1.34 -22.53 17.55
C GLU G 190 -1.89 -21.40 18.42
N TYR G 191 -1.89 -20.18 17.86
CA TYR G 191 -2.33 -18.98 18.56
C TYR G 191 -3.76 -19.10 19.09
N GLU G 192 -4.63 -19.72 18.28
CA GLU G 192 -6.05 -19.85 18.57
C GLU G 192 -6.38 -20.98 19.54
N ARG G 193 -5.43 -21.89 19.75
CA ARG G 193 -5.57 -22.97 20.73
C ARG G 193 -5.38 -22.49 22.18
N HIS G 194 -4.75 -21.33 22.33
CA HIS G 194 -4.39 -20.81 23.65
C HIS G 194 -5.07 -19.48 23.96
N ASN G 195 -5.00 -19.08 25.23
CA ASN G 195 -5.68 -17.89 25.70
C ASN G 195 -4.79 -16.79 26.26
N SER G 196 -3.91 -17.19 27.18
CA SER G 196 -3.09 -16.27 27.95
C SER G 196 -1.69 -16.13 27.33
N TYR G 197 -1.33 -14.89 26.98
CA TYR G 197 0.00 -14.60 26.45
C TYR G 197 0.71 -13.61 27.34
N THR G 198 1.86 -14.02 27.86
CA THR G 198 2.59 -13.25 28.84
C THR G 198 4.02 -12.98 28.42
N CYS G 199 4.41 -11.71 28.53
CA CYS G 199 5.79 -11.26 28.35
C CYS G 199 6.36 -10.79 29.70
N GLU G 200 7.49 -11.38 30.10
CA GLU G 200 8.09 -11.09 31.42
C GLU G 200 9.58 -10.66 31.34
N ALA G 201 9.87 -9.46 31.85
CA ALA G 201 11.23 -8.91 31.87
C ALA G 201 11.87 -9.05 33.27
N THR G 202 13.05 -9.68 33.34
CA THR G 202 13.72 -9.89 34.62
C THR G 202 15.20 -9.57 34.58
N HIS G 203 15.70 -9.02 35.69
CA HIS G 203 17.12 -8.83 35.93
C HIS G 203 17.26 -8.59 37.42
N LYS G 204 17.38 -9.70 38.15
CA LYS G 204 17.27 -9.76 39.60
C LYS G 204 18.01 -8.65 40.35
N THR G 205 19.05 -8.13 39.70
CA THR G 205 19.99 -7.22 40.32
C THR G 205 19.47 -5.76 40.37
N SER G 206 18.68 -5.38 39.37
CA SER G 206 18.35 -3.98 39.14
C SER G 206 16.85 -3.67 39.05
N THR G 207 16.02 -4.72 39.03
CA THR G 207 14.58 -4.58 38.96
C THR G 207 13.85 -5.79 39.56
N SER G 208 12.63 -5.58 40.02
CA SER G 208 11.69 -6.67 40.23
C SER G 208 11.10 -7.06 38.86
N PRO G 209 10.64 -8.31 38.69
CA PRO G 209 10.14 -8.69 37.37
C PRO G 209 9.01 -7.76 36.91
N ILE G 210 9.00 -7.42 35.62
CA ILE G 210 7.89 -6.68 35.02
C ILE G 210 7.15 -7.59 34.04
N VAL G 211 5.90 -7.88 34.36
CA VAL G 211 5.07 -8.79 33.58
C VAL G 211 4.00 -7.99 32.86
N LYS G 212 3.82 -8.30 31.58
CA LYS G 212 2.74 -7.72 30.80
C LYS G 212 2.02 -8.82 30.04
N SER G 213 0.70 -8.80 30.11
CA SER G 213 -0.09 -9.93 29.67
C SER G 213 -1.29 -9.47 28.86
N PHE G 214 -1.82 -10.38 28.05
CA PHE G 214 -3.16 -10.22 27.50
C PHE G 214 -3.83 -11.58 27.33
N ASN G 215 -5.16 -11.58 27.42
CA ASN G 215 -5.99 -12.73 27.14
C ASN G 215 -6.78 -12.44 25.87
N ARG G 216 -6.91 -13.44 25.00
CA ARG G 216 -7.76 -13.33 23.81
C ARG G 216 -9.23 -13.06 24.14
N ASN G 217 -9.67 -13.44 25.33
CA ASN G 217 -11.03 -13.16 25.79
C ASN G 217 -11.15 -11.76 26.40
N ASP H 1 33.13 21.83 1.69
CA ASP H 1 33.65 20.69 2.46
C ASP H 1 33.93 19.47 1.60
N VAL H 2 34.82 18.62 2.11
CA VAL H 2 35.13 17.36 1.48
C VAL H 2 33.95 16.40 1.66
N LYS H 3 33.55 15.78 0.56
CA LYS H 3 32.41 14.85 0.55
C LYS H 3 32.66 13.70 -0.42
N LEU H 4 32.19 12.52 -0.05
CA LEU H 4 32.28 11.30 -0.85
C LEU H 4 30.91 10.62 -0.81
N VAL H 5 30.31 10.38 -1.98
CA VAL H 5 28.94 9.82 -2.08
C VAL H 5 28.94 8.54 -2.92
N GLU H 6 28.71 7.41 -2.26
CA GLU H 6 28.67 6.11 -2.92
C GLU H 6 27.27 5.81 -3.41
N SER H 7 27.17 5.08 -4.52
CA SER H 7 25.89 4.64 -5.09
C SER H 7 26.11 3.29 -5.79
N GLY H 8 25.03 2.66 -6.24
CA GLY H 8 25.14 1.45 -7.02
C GLY H 8 24.94 0.16 -6.24
N GLY H 9 24.84 0.27 -4.91
CA GLY H 9 24.58 -0.90 -4.06
C GLY H 9 23.28 -1.56 -4.44
N GLY H 10 23.13 -2.85 -4.12
CA GLY H 10 21.94 -3.61 -4.46
C GLY H 10 22.08 -5.11 -4.29
N LEU H 11 21.01 -5.80 -4.66
CA LEU H 11 20.92 -7.25 -4.53
C LEU H 11 21.37 -7.93 -5.81
N VAL H 12 22.27 -8.89 -5.64
CA VAL H 12 22.87 -9.63 -6.75
C VAL H 12 23.12 -11.08 -6.34
N LYS H 13 22.86 -12.02 -7.25
CA LYS H 13 23.08 -13.43 -6.97
C LYS H 13 24.57 -13.76 -6.91
N PRO H 14 24.95 -14.73 -6.04
CA PRO H 14 26.35 -15.15 -5.99
C PRO H 14 26.81 -15.62 -7.38
N GLY H 15 28.04 -15.29 -7.74
CA GLY H 15 28.54 -15.54 -9.08
C GLY H 15 28.25 -14.40 -10.04
N GLY H 16 27.38 -13.46 -9.63
CA GLY H 16 27.02 -12.28 -10.43
C GLY H 16 28.00 -11.11 -10.30
N SER H 17 27.68 -10.01 -10.97
CA SER H 17 28.54 -8.82 -11.06
C SER H 17 27.76 -7.60 -10.57
N LEU H 18 28.47 -6.58 -10.12
CA LEU H 18 27.91 -5.27 -9.70
C LEU H 18 28.99 -4.17 -9.73
N ARG H 19 28.59 -2.96 -10.12
CA ARG H 19 29.51 -1.81 -10.16
C ARG H 19 29.09 -0.72 -9.19
N LEU H 20 29.97 -0.37 -8.24
CA LEU H 20 29.75 0.77 -7.34
C LEU H 20 30.49 2.01 -7.84
N SER H 21 29.96 3.17 -7.46
CA SER H 21 30.53 4.45 -7.82
C SER H 21 30.72 5.27 -6.57
N CYS H 22 31.63 6.24 -6.62
CA CYS H 22 31.87 7.18 -5.53
C CYS H 22 32.20 8.55 -6.10
N ALA H 23 31.29 9.50 -5.91
CA ALA H 23 31.45 10.89 -6.33
C ALA H 23 32.19 11.67 -5.24
N ALA H 24 33.32 12.27 -5.62
CA ALA H 24 34.08 13.12 -4.72
C ALA H 24 33.89 14.61 -5.04
N SER H 25 33.88 15.45 -3.99
CA SER H 25 33.89 16.91 -4.14
C SER H 25 34.61 17.57 -2.96
N GLY H 26 34.98 18.84 -3.10
CA GLY H 26 35.64 19.58 -2.02
C GLY H 26 37.16 19.54 -2.06
N PHE H 27 37.72 18.78 -3.00
CA PHE H 27 39.16 18.61 -3.10
C PHE H 27 39.63 18.25 -4.53
N THR H 28 40.92 18.41 -4.77
CA THR H 28 41.54 18.01 -6.05
C THR H 28 41.63 16.48 -6.06
N PHE H 29 40.60 15.85 -6.61
CA PHE H 29 40.46 14.37 -6.62
C PHE H 29 41.74 13.65 -7.07
N ARG H 30 42.22 14.02 -8.25
CA ARG H 30 43.38 13.38 -8.88
C ARG H 30 44.61 13.36 -7.96
N ASN H 31 44.61 14.19 -6.91
CA ASN H 31 45.78 14.31 -6.04
C ASN H 31 45.82 13.29 -4.91
N TYR H 32 44.77 12.47 -4.79
CA TYR H 32 44.65 11.55 -3.66
C TYR H 32 44.44 10.10 -4.08
N GLY H 33 45.14 9.20 -3.40
CA GLY H 33 44.82 7.78 -3.40
C GLY H 33 43.44 7.58 -2.81
N MET H 34 42.80 6.47 -3.17
CA MET H 34 41.44 6.16 -2.72
C MET H 34 41.32 4.67 -2.47
N SER H 35 40.50 4.30 -1.48
CA SER H 35 40.23 2.90 -1.18
C SER H 35 38.73 2.61 -1.07
N TRP H 36 38.38 1.32 -1.23
CA TRP H 36 37.07 0.84 -0.80
C TRP H 36 37.27 0.06 0.49
N VAL H 37 36.38 0.28 1.45
CA VAL H 37 36.36 -0.47 2.71
C VAL H 37 34.94 -0.99 2.91
N ARG H 38 34.80 -2.28 3.23
CA ARG H 38 33.48 -2.84 3.52
C ARG H 38 33.29 -3.04 5.01
N GLN H 39 32.04 -2.95 5.44
CA GLN H 39 31.62 -3.34 6.79
C GLN H 39 30.55 -4.45 6.78
N THR H 40 30.88 -5.59 7.37
CA THR H 40 30.01 -6.76 7.32
C THR H 40 28.81 -6.57 8.24
N PRO H 41 27.75 -7.37 8.05
CA PRO H 41 26.62 -7.44 8.98
C PRO H 41 27.01 -7.53 10.47
N GLU H 42 28.09 -8.24 10.77
CA GLU H 42 28.56 -8.30 12.16
C GLU H 42 29.49 -7.12 12.51
N LYS H 43 29.49 -6.11 11.64
CA LYS H 43 30.24 -4.85 11.85
C LYS H 43 31.76 -4.96 11.86
N ARG H 44 32.30 -6.03 11.27
CA ARG H 44 33.74 -6.07 10.99
C ARG H 44 34.07 -5.15 9.80
N LEU H 45 35.19 -4.45 9.89
CA LEU H 45 35.65 -3.61 8.80
C LEU H 45 36.75 -4.33 8.06
N GLU H 46 36.67 -4.30 6.73
CA GLU H 46 37.62 -5.01 5.88
C GLU H 46 38.01 -4.09 4.72
N TRP H 47 39.29 -3.84 4.54
CA TRP H 47 39.75 -3.06 3.39
C TRP H 47 39.70 -3.94 2.11
N VAL H 48 39.16 -3.42 0.99
CA VAL H 48 39.02 -4.25 -0.23
C VAL H 48 39.83 -3.90 -1.52
N ALA H 49 40.31 -2.67 -1.64
CA ALA H 49 40.99 -2.21 -2.83
C ALA H 49 41.52 -0.79 -2.62
N ALA H 50 42.72 -0.52 -3.15
CA ALA H 50 43.29 0.82 -3.16
C ALA H 50 43.77 1.15 -4.56
N ILE H 51 43.78 2.44 -4.88
CA ILE H 51 44.25 2.94 -6.15
C ILE H 51 44.90 4.29 -5.93
N SER H 52 46.01 4.52 -6.64
CA SER H 52 46.68 5.83 -6.63
C SER H 52 45.94 6.92 -7.44
N GLY H 53 46.29 8.18 -7.20
CA GLY H 53 45.73 9.29 -7.99
C GLY H 53 45.73 9.07 -9.49
N ASN H 54 46.86 8.59 -10.01
CA ASN H 54 47.06 8.45 -11.47
C ASN H 54 46.67 7.08 -12.04
N SER H 55 46.10 6.22 -11.19
CA SER H 55 45.63 4.90 -11.58
C SER H 55 46.72 3.87 -11.88
N LEU H 56 47.99 4.27 -11.70
CA LEU H 56 49.12 3.39 -12.06
C LEU H 56 49.39 2.31 -11.02
N TYR H 57 48.95 2.58 -9.79
CA TYR H 57 49.08 1.61 -8.72
C TYR H 57 47.70 1.17 -8.22
N THR H 58 47.60 -0.14 -8.04
CA THR H 58 46.37 -0.75 -7.62
C THR H 58 46.79 -1.85 -6.65
N SER H 59 45.93 -2.12 -5.66
CA SER H 59 46.24 -3.07 -4.59
C SER H 59 44.97 -3.76 -4.09
N TYR H 60 45.07 -5.04 -3.75
CA TYR H 60 43.92 -5.82 -3.23
C TYR H 60 44.33 -6.85 -2.21
N PRO H 61 43.43 -7.15 -1.26
CA PRO H 61 43.65 -8.32 -0.41
C PRO H 61 43.30 -9.59 -1.19
N ASP H 62 43.93 -10.70 -0.84
CA ASP H 62 43.73 -11.98 -1.53
C ASP H 62 42.28 -12.41 -1.60
N SER H 63 41.44 -11.96 -0.68
CA SER H 63 40.03 -12.39 -0.65
C SER H 63 39.16 -11.90 -1.82
N VAL H 64 39.59 -10.84 -2.51
CA VAL H 64 38.84 -10.26 -3.65
C VAL H 64 39.69 -10.11 -4.92
N LYS H 65 40.96 -10.50 -4.80
CA LYS H 65 41.90 -10.39 -5.90
C LYS H 65 41.46 -11.34 -7.03
N GLY H 66 41.37 -10.78 -8.24
CA GLY H 66 40.84 -11.52 -9.40
C GLY H 66 39.33 -11.41 -9.54
N ARG H 67 38.67 -10.83 -8.57
CA ARG H 67 37.21 -10.70 -8.62
C ARG H 67 36.75 -9.25 -8.68
N PHE H 68 37.33 -8.41 -7.82
CA PHE H 68 37.03 -6.97 -7.75
C PHE H 68 38.06 -6.17 -8.54
N THR H 69 37.61 -5.15 -9.25
CA THR H 69 38.50 -4.20 -9.94
C THR H 69 38.22 -2.75 -9.52
N ILE H 70 39.22 -2.11 -8.93
CA ILE H 70 39.14 -0.68 -8.59
C ILE H 70 39.63 0.18 -9.75
N SER H 71 38.99 1.32 -9.96
CA SER H 71 39.32 2.22 -11.07
C SER H 71 38.74 3.58 -10.75
N ARG H 72 39.07 4.58 -11.57
CA ARG H 72 38.64 5.93 -11.27
C ARG H 72 38.63 6.72 -12.56
N ASP H 73 37.85 7.79 -12.57
CA ASP H 73 37.81 8.71 -13.68
C ASP H 73 38.02 10.08 -13.05
N ASN H 74 39.27 10.57 -13.12
CA ASN H 74 39.65 11.83 -12.48
C ASN H 74 38.91 13.06 -13.02
N ALA H 75 38.67 13.08 -14.32
CA ALA H 75 37.93 14.19 -14.96
C ALA H 75 36.47 14.24 -14.53
N LYS H 76 35.96 13.14 -13.96
CA LYS H 76 34.58 13.09 -13.47
C LYS H 76 34.49 13.03 -11.94
N ASN H 77 35.65 13.06 -11.27
CA ASN H 77 35.73 13.00 -9.80
C ASN H 77 35.01 11.76 -9.26
N ASN H 78 35.22 10.62 -9.94
CA ASN H 78 34.57 9.36 -9.62
C ASN H 78 35.53 8.21 -9.44
N LEU H 79 35.35 7.47 -8.35
CA LEU H 79 36.03 6.22 -8.07
C LEU H 79 35.02 5.10 -8.32
N TYR H 80 35.46 3.97 -8.86
CA TYR H 80 34.56 2.82 -9.08
C TYR H 80 35.06 1.51 -8.46
N LEU H 81 34.14 0.59 -8.24
CA LEU H 81 34.46 -0.78 -7.86
C LEU H 81 33.62 -1.71 -8.71
N GLN H 82 34.28 -2.43 -9.61
CA GLN H 82 33.67 -3.47 -10.38
C GLN H 82 33.79 -4.77 -9.61
N MET H 83 32.66 -5.27 -9.14
CA MET H 83 32.62 -6.56 -8.48
C MET H 83 32.17 -7.62 -9.49
N SER H 84 32.78 -8.81 -9.42
CA SER H 84 32.35 -9.99 -10.20
C SER H 84 32.66 -11.27 -9.41
N SER H 85 32.16 -12.42 -9.88
CA SER H 85 32.21 -13.70 -9.14
C SER H 85 31.79 -13.55 -7.68
N LEU H 86 30.70 -12.82 -7.45
CA LEU H 86 30.26 -12.52 -6.08
C LEU H 86 30.13 -13.74 -5.14
N ARG H 87 30.62 -13.57 -3.92
CA ARG H 87 30.53 -14.58 -2.89
C ARG H 87 29.60 -14.11 -1.77
N SER H 88 29.00 -15.04 -1.02
CA SER H 88 28.18 -14.69 0.15
C SER H 88 28.94 -13.75 1.10
N GLU H 89 30.25 -13.98 1.25
CA GLU H 89 31.07 -13.16 2.15
C GLU H 89 31.23 -11.70 1.66
N ASP H 90 30.71 -11.41 0.46
CA ASP H 90 30.78 -10.05 -0.10
C ASP H 90 29.65 -9.14 0.39
N THR H 91 28.61 -9.74 0.96
CA THR H 91 27.50 -9.02 1.57
C THR H 91 27.99 -8.09 2.69
N ALA H 92 27.86 -6.78 2.46
CA ALA H 92 28.47 -5.75 3.30
C ALA H 92 27.98 -4.33 2.95
N LEU H 93 28.31 -3.37 3.80
CA LEU H 93 28.21 -1.94 3.48
C LEU H 93 29.55 -1.45 2.96
N TYR H 94 29.56 -0.92 1.73
CA TYR H 94 30.80 -0.55 1.05
C TYR H 94 31.08 0.95 1.13
N PHE H 95 32.17 1.29 1.83
CA PHE H 95 32.59 2.69 1.96
C PHE H 95 33.67 3.03 0.95
N CYS H 96 33.50 4.17 0.32
CA CYS H 96 34.52 4.91 -0.38
C CYS H 96 35.36 5.68 0.68
N ALA H 97 36.70 5.63 0.58
CA ALA H 97 37.57 6.35 1.53
C ALA H 97 38.82 6.98 0.90
N ARG H 98 39.15 8.19 1.33
CA ARG H 98 40.30 8.93 0.82
C ARG H 98 41.58 8.65 1.61
N HIS H 99 42.67 8.38 0.89
CA HIS H 99 43.99 8.23 1.50
C HIS H 99 44.56 9.56 1.98
N ASP H 100 45.17 9.51 3.17
CA ASP H 100 46.12 10.52 3.69
C ASP H 100 45.46 11.73 4.37
N SER H 106 51.35 8.18 5.48
CA SER H 106 50.55 8.43 4.27
C SER H 106 51.35 8.09 2.99
N PRO H 107 50.66 7.56 1.95
CA PRO H 107 49.22 7.35 1.83
C PRO H 107 48.72 5.96 2.31
N TYR H 108 48.84 5.68 3.61
CA TYR H 108 48.56 4.33 4.12
C TYR H 108 47.37 4.23 5.10
N PHE H 109 46.57 5.29 5.16
CA PHE H 109 45.36 5.31 5.97
C PHE H 109 44.37 6.34 5.41
N PHE H 110 43.14 6.32 5.94
CA PHE H 110 42.05 7.08 5.37
C PHE H 110 41.68 8.24 6.26
N ASP H 111 41.38 9.39 5.67
CA ASP H 111 41.05 10.58 6.44
C ASP H 111 39.64 11.10 6.22
N VAL H 112 39.00 10.66 5.14
CA VAL H 112 37.60 10.93 4.83
C VAL H 112 36.93 9.63 4.33
N TRP H 113 35.67 9.42 4.71
CA TRP H 113 34.87 8.27 4.34
C TRP H 113 33.54 8.79 3.80
N GLY H 114 32.92 8.06 2.88
CA GLY H 114 31.54 8.35 2.50
C GLY H 114 30.53 7.72 3.47
N ALA H 115 29.25 7.79 3.12
CA ALA H 115 28.15 7.20 3.90
C ALA H 115 27.96 5.69 3.69
N GLY H 116 28.48 5.19 2.56
CA GLY H 116 28.44 3.78 2.23
C GLY H 116 27.24 3.44 1.37
N THR H 117 27.38 2.40 0.54
CA THR H 117 26.26 1.81 -0.18
C THR H 117 26.18 0.30 0.14
N THR H 118 24.96 -0.19 0.31
CA THR H 118 24.72 -1.58 0.76
C THR H 118 24.70 -2.56 -0.43
N VAL H 119 25.48 -3.63 -0.32
CA VAL H 119 25.52 -4.71 -1.30
C VAL H 119 25.07 -6.01 -0.60
N THR H 120 24.18 -6.78 -1.22
CA THR H 120 23.87 -8.10 -0.69
C THR H 120 24.00 -9.16 -1.77
N ALA H 121 24.87 -10.13 -1.53
CA ALA H 121 25.11 -11.23 -2.46
C ALA H 121 24.34 -12.46 -1.94
N SER H 122 23.20 -12.75 -2.58
CA SER H 122 22.26 -13.75 -2.09
C SER H 122 21.40 -14.25 -3.22
N SER H 123 21.03 -15.52 -3.14
CA SER H 123 20.10 -16.08 -4.08
C SER H 123 18.65 -15.98 -3.58
N ALA H 124 18.44 -15.40 -2.40
CA ALA H 124 17.08 -15.18 -1.91
C ALA H 124 16.34 -14.13 -2.75
N LYS H 125 15.03 -14.26 -2.83
CA LYS H 125 14.22 -13.43 -3.71
C LYS H 125 13.71 -12.16 -3.05
N THR H 126 13.67 -11.08 -3.82
CA THR H 126 13.13 -9.81 -3.38
C THR H 126 11.67 -9.98 -2.98
N THR H 127 11.35 -9.54 -1.77
CA THR H 127 10.05 -9.75 -1.17
C THR H 127 9.63 -8.49 -0.45
N PRO H 128 8.41 -7.99 -0.75
CA PRO H 128 7.98 -6.77 -0.09
C PRO H 128 7.49 -7.05 1.36
N PRO H 129 7.58 -6.04 2.24
CA PRO H 129 7.22 -6.24 3.64
C PRO H 129 5.72 -6.37 3.85
N SER H 130 5.33 -7.10 4.89
CA SER H 130 3.97 -6.95 5.44
C SER H 130 4.05 -6.00 6.62
N VAL H 131 3.15 -5.02 6.63
CA VAL H 131 3.14 -4.01 7.68
C VAL H 131 1.89 -4.16 8.54
N TYR H 132 2.13 -4.50 9.80
CA TYR H 132 1.06 -4.78 10.73
C TYR H 132 1.07 -3.73 11.84
N PRO H 133 -0.10 -3.17 12.16
CA PRO H 133 -0.28 -2.19 13.24
C PRO H 133 -0.23 -2.82 14.63
N LEU H 134 0.46 -2.14 15.55
CA LEU H 134 0.51 -2.60 16.92
C LEU H 134 -0.13 -1.53 17.78
N ALA H 135 -1.38 -1.81 18.16
CA ALA H 135 -2.19 -0.93 18.99
C ALA H 135 -2.39 -1.55 20.36
N PRO H 136 -2.32 -0.72 21.43
CA PRO H 136 -2.71 -1.19 22.76
C PRO H 136 -4.21 -1.46 22.70
N GLY H 137 -4.67 -2.53 23.32
CA GLY H 137 -3.97 -3.24 24.37
C GLY H 137 -4.95 -3.10 25.53
N SER H 138 -4.85 -1.96 26.21
CA SER H 138 -5.93 -1.46 27.06
C SER H 138 -6.04 0.05 26.86
N ALA H 139 -6.40 0.78 27.91
CA ALA H 139 -6.55 2.23 27.82
C ALA H 139 -5.43 2.97 28.57
N ALA H 140 -4.91 4.03 27.95
CA ALA H 140 -3.88 4.86 28.57
C ALA H 140 -4.46 5.83 29.59
N GLN H 141 -3.76 5.99 30.72
CA GLN H 141 -4.15 6.95 31.76
C GLN H 141 -3.87 8.39 31.35
N THR H 142 -4.37 9.34 32.14
CA THR H 142 -4.04 10.75 32.01
C THR H 142 -2.64 11.02 32.56
N ASN H 143 -1.71 11.44 31.68
CA ASN H 143 -0.37 11.94 32.06
C ASN H 143 0.68 11.03 32.76
N SER H 144 1.33 10.05 32.11
CA SER H 144 0.86 9.10 31.08
C SER H 144 1.20 9.25 29.58
N MET H 145 2.02 8.31 29.13
CA MET H 145 2.44 8.21 27.75
C MET H 145 2.01 6.86 27.18
N VAL H 146 1.56 6.86 25.92
CA VAL H 146 1.09 5.65 25.25
C VAL H 146 2.10 5.16 24.19
N THR H 147 2.32 3.84 24.15
CA THR H 147 3.29 3.24 23.24
C THR H 147 2.58 2.46 22.12
N LEU H 148 2.87 2.85 20.88
CA LEU H 148 2.32 2.21 19.69
C LEU H 148 3.45 1.56 18.90
N GLY H 149 3.11 0.76 17.89
CA GLY H 149 4.12 0.09 17.09
C GLY H 149 3.72 -0.35 15.69
N CYS H 150 4.72 -0.69 14.90
CA CYS H 150 4.54 -1.34 13.60
C CYS H 150 5.44 -2.55 13.49
N LEU H 151 4.84 -3.67 13.10
CA LEU H 151 5.56 -4.88 12.78
C LEU H 151 5.74 -4.95 11.28
N VAL H 152 7.01 -4.95 10.86
CA VAL H 152 7.37 -4.94 9.46
C VAL H 152 7.97 -6.31 9.14
N LYS H 153 7.19 -7.17 8.51
CA LYS H 153 7.51 -8.59 8.44
C LYS H 153 7.76 -9.17 7.05
N GLY H 154 8.85 -9.94 6.94
CA GLY H 154 9.04 -10.83 5.80
C GLY H 154 9.42 -10.15 4.51
N TYR H 155 10.40 -9.25 4.62
CA TYR H 155 10.92 -8.55 3.47
C TYR H 155 12.35 -8.99 3.17
N PHE H 156 12.77 -8.72 1.94
CA PHE H 156 14.09 -9.02 1.45
C PHE H 156 14.31 -8.20 0.19
N PRO H 157 15.51 -7.62 0.02
CA PRO H 157 16.56 -7.50 1.00
C PRO H 157 16.33 -6.29 1.91
N GLU H 158 17.25 -6.07 2.85
CA GLU H 158 17.40 -4.77 3.50
C GLU H 158 17.81 -3.69 2.49
N PRO H 159 17.51 -2.41 2.78
CA PRO H 159 16.78 -1.92 3.94
C PRO H 159 15.31 -1.57 3.74
N VAL H 160 14.64 -1.37 4.87
CA VAL H 160 13.33 -0.77 4.96
C VAL H 160 13.53 0.59 5.65
N THR H 161 12.74 1.59 5.27
CA THR H 161 12.68 2.85 6.03
C THR H 161 11.33 2.97 6.72
N VAL H 162 11.37 3.12 8.04
CA VAL H 162 10.17 3.33 8.87
C VAL H 162 10.22 4.75 9.43
N THR H 163 9.14 5.51 9.18
CA THR H 163 8.91 6.77 9.86
C THR H 163 7.53 6.77 10.53
N TRP H 164 7.24 7.83 11.27
CA TRP H 164 5.95 7.99 11.92
C TRP H 164 5.39 9.36 11.58
N ASN H 165 4.15 9.38 11.12
CA ASN H 165 3.47 10.59 10.62
C ASN H 165 4.30 11.36 9.58
N SER H 166 4.77 10.63 8.58
CA SER H 166 5.54 11.19 7.46
C SER H 166 6.86 11.85 7.88
N GLY H 167 7.21 11.74 9.16
CA GLY H 167 8.50 12.21 9.65
C GLY H 167 8.43 13.23 10.78
N SER H 168 7.22 13.72 11.06
CA SER H 168 7.03 14.79 12.06
C SER H 168 7.06 14.29 13.52
N LEU H 169 6.80 12.99 13.72
CA LEU H 169 7.05 12.32 15.00
C LEU H 169 8.44 11.67 14.95
N SER H 170 9.39 12.20 15.72
CA SER H 170 10.76 11.66 15.71
C SER H 170 11.25 11.31 17.11
N SER H 171 10.89 12.12 18.09
CA SER H 171 11.17 11.79 19.48
C SER H 171 10.36 10.57 19.93
N GLY H 172 10.95 9.80 20.84
CA GLY H 172 10.27 8.65 21.46
C GLY H 172 10.03 7.43 20.59
N VAL H 173 10.76 7.31 19.48
CA VAL H 173 10.70 6.11 18.65
C VAL H 173 11.92 5.19 18.81
N HIS H 174 11.65 3.90 18.79
CA HIS H 174 12.68 2.87 18.79
C HIS H 174 12.44 1.98 17.59
N THR H 175 13.31 2.09 16.60
CA THR H 175 13.28 1.17 15.46
C THR H 175 14.41 0.17 15.62
N PHE H 176 14.02 -1.09 15.79
CA PHE H 176 14.93 -2.16 16.16
C PHE H 176 15.58 -2.79 14.94
N PRO H 177 16.86 -3.16 15.07
CA PRO H 177 17.61 -3.81 13.98
C PRO H 177 16.83 -5.01 13.49
N ALA H 178 16.81 -5.22 12.17
CA ALA H 178 16.08 -6.33 11.59
C ALA H 178 16.70 -7.67 12.00
N VAL H 179 15.89 -8.70 11.98
CA VAL H 179 16.38 -10.04 12.25
C VAL H 179 16.08 -10.94 11.06
N LEU H 180 17.07 -11.73 10.69
CA LEU H 180 17.01 -12.60 9.53
C LEU H 180 16.64 -14.03 9.92
N GLN H 181 15.66 -14.58 9.22
CA GLN H 181 15.25 -15.96 9.39
C GLN H 181 14.65 -16.49 8.10
N SER H 182 15.13 -17.64 7.65
CA SER H 182 14.62 -18.28 6.44
C SER H 182 14.55 -17.30 5.26
N ASP H 183 15.63 -16.53 5.07
CA ASP H 183 15.78 -15.58 3.95
C ASP H 183 14.87 -14.35 3.99
N LEU H 184 14.22 -14.12 5.12
CA LEU H 184 13.35 -12.95 5.28
C LEU H 184 13.70 -12.15 6.52
N TYR H 185 13.56 -10.83 6.42
CA TYR H 185 13.77 -9.91 7.55
C TYR H 185 12.46 -9.50 8.17
N THR H 186 12.52 -9.32 9.49
CA THR H 186 11.42 -8.78 10.26
C THR H 186 12.01 -7.72 11.17
N LEU H 187 11.29 -6.61 11.25
CA LEU H 187 11.70 -5.44 11.99
C LEU H 187 10.50 -4.92 12.76
N SER H 188 10.77 -4.33 13.92
CA SER H 188 9.77 -3.58 14.68
C SER H 188 10.19 -2.15 14.94
N SER H 189 9.22 -1.27 14.94
CA SER H 189 9.39 0.10 15.39
C SER H 189 8.34 0.42 16.45
N SER H 190 8.78 0.99 17.58
CA SER H 190 7.85 1.47 18.59
C SER H 190 7.88 2.99 18.66
N VAL H 191 6.75 3.60 18.99
CA VAL H 191 6.68 5.02 19.21
C VAL H 191 5.94 5.28 20.52
N THR H 192 6.44 6.23 21.30
CA THR H 192 5.82 6.59 22.59
C THR H 192 5.40 8.06 22.57
N VAL H 193 4.11 8.31 22.81
CA VAL H 193 3.53 9.67 22.73
C VAL H 193 2.61 9.98 23.94
N PRO H 194 2.43 11.27 24.29
CA PRO H 194 1.45 11.57 25.35
C PRO H 194 0.08 10.93 25.07
N SER H 195 -0.60 10.49 26.13
CA SER H 195 -1.93 9.89 26.02
C SER H 195 -2.99 10.82 25.43
N SER H 196 -2.71 12.13 25.49
CA SER H 196 -3.60 13.14 24.88
C SER H 196 -3.27 13.42 23.41
N THR H 197 -2.28 12.71 22.87
CA THR H 197 -1.96 12.75 21.44
C THR H 197 -2.84 11.74 20.69
N TRP H 198 -2.81 10.50 21.16
CA TRP H 198 -3.48 9.37 20.50
C TRP H 198 -4.53 8.76 21.43
N PRO H 199 -5.73 8.43 20.91
CA PRO H 199 -6.17 8.49 19.51
C PRO H 199 -6.93 9.77 19.08
N SER H 200 -6.84 10.85 19.84
CA SER H 200 -7.47 12.10 19.41
C SER H 200 -6.83 12.57 18.08
N GLU H 201 -5.51 12.52 18.02
CA GLU H 201 -4.77 12.78 16.77
C GLU H 201 -4.17 11.50 16.22
N THR H 202 -4.09 11.44 14.89
CA THR H 202 -3.71 10.24 14.17
C THR H 202 -2.21 9.96 14.31
N VAL H 203 -1.87 8.68 14.44
CA VAL H 203 -0.47 8.23 14.43
C VAL H 203 -0.30 7.10 13.40
N THR H 204 0.38 7.38 12.31
CA THR H 204 0.52 6.40 11.23
C THR H 204 1.98 6.12 10.93
N CYS H 205 2.32 4.84 10.80
CA CYS H 205 3.68 4.45 10.47
C CYS H 205 3.84 4.30 8.94
N ASN H 206 4.94 4.82 8.43
CA ASN H 206 5.23 4.80 7.00
C ASN H 206 6.43 3.93 6.75
N VAL H 207 6.19 2.81 6.05
CA VAL H 207 7.24 1.87 5.70
C VAL H 207 7.57 1.94 4.22
N ALA H 208 8.82 2.23 3.91
CA ALA H 208 9.28 2.21 2.52
C ALA H 208 10.30 1.10 2.33
N HIS H 209 10.07 0.29 1.29
CA HIS H 209 11.01 -0.76 0.90
C HIS H 209 11.41 -0.52 -0.56
N PRO H 210 12.53 0.21 -0.79
CA PRO H 210 12.92 0.56 -2.16
C PRO H 210 13.21 -0.63 -3.08
N ALA H 211 13.78 -1.70 -2.54
CA ALA H 211 14.09 -2.90 -3.35
C ALA H 211 12.88 -3.48 -4.04
N SER H 212 11.70 -3.30 -3.45
CA SER H 212 10.48 -3.85 -4.04
C SER H 212 9.57 -2.73 -4.54
N SER H 213 10.10 -1.52 -4.57
CA SER H 213 9.34 -0.34 -5.02
C SER H 213 8.03 -0.19 -4.24
N THR H 214 8.13 -0.35 -2.93
CA THR H 214 6.94 -0.35 -2.06
C THR H 214 7.02 0.73 -0.97
N LYS H 215 5.89 1.41 -0.77
CA LYS H 215 5.67 2.19 0.43
C LYS H 215 4.30 1.82 1.01
N VAL H 216 4.23 1.66 2.32
CA VAL H 216 2.95 1.34 3.02
C VAL H 216 2.77 2.27 4.21
N ASP H 217 1.62 2.92 4.27
CA ASP H 217 1.25 3.73 5.42
C ASP H 217 0.23 3.00 6.26
N LYS H 218 0.58 2.73 7.51
CA LYS H 218 -0.35 2.06 8.41
C LYS H 218 -0.75 2.97 9.56
N LYS H 219 -2.00 3.43 9.53
CA LYS H 219 -2.58 4.19 10.63
C LYS H 219 -2.88 3.26 11.79
N ILE H 220 -2.43 3.64 12.98
CA ILE H 220 -2.72 2.86 14.18
C ILE H 220 -4.06 3.29 14.74
N VAL H 221 -5.02 2.36 14.75
CA VAL H 221 -6.37 2.60 15.27
C VAL H 221 -6.60 1.75 16.52
N PRO H 222 -7.39 2.26 17.49
CA PRO H 222 -7.65 1.49 18.72
C PRO H 222 -8.39 0.17 18.43
N ARG H 223 -7.93 -0.92 19.04
CA ARG H 223 -8.40 -2.25 18.69
C ARG H 223 -9.64 -2.67 19.49
S SO4 I . 55.03 1.35 -1.16
O1 SO4 I . 54.54 0.94 -2.47
O2 SO4 I . 56.49 1.37 -1.17
O3 SO4 I . 54.59 0.38 -0.17
O4 SO4 I . 54.49 2.64 -0.76
S SO4 J . 53.54 10.27 -13.00
O1 SO4 J . 53.93 11.25 -11.99
O2 SO4 J . 54.09 8.96 -12.65
O3 SO4 J . 52.07 10.16 -13.08
O4 SO4 J . 54.05 10.70 -14.29
S SO4 K . 111.68 -24.12 -5.32
O1 SO4 K . 110.99 -23.85 -4.06
O2 SO4 K . 112.71 -25.15 -5.13
O3 SO4 K . 110.74 -24.52 -6.36
O4 SO4 K . 112.35 -22.89 -5.73
S SO4 L . 63.01 14.61 -23.88
O1 SO4 L . 62.71 16.02 -23.61
O2 SO4 L . 63.33 13.93 -22.63
O3 SO4 L . 61.84 14.00 -24.50
O4 SO4 L . 64.15 14.53 -24.79
C1 GOL M . 97.99 9.58 -30.83
O1 GOL M . 97.56 9.28 -29.52
C2 GOL M . 97.95 8.37 -31.75
O2 GOL M . 98.07 7.16 -31.03
C3 GOL M . 96.66 8.36 -32.58
O3 GOL M . 96.96 8.25 -33.95
C1 GOL N . 97.17 5.61 -15.99
O1 GOL N . 97.28 5.52 -14.59
C2 GOL N . 96.03 6.56 -16.43
O2 GOL N . 96.14 6.80 -17.82
C3 GOL N . 94.68 5.91 -16.11
O3 GOL N . 93.61 6.70 -16.58
S SO4 O . 69.41 -7.27 1.84
O1 SO4 O . 69.21 -7.87 3.13
O2 SO4 O . 69.44 -8.26 0.78
O3 SO4 O . 70.69 -6.57 1.89
O4 SO4 O . 68.36 -6.31 1.48
S SO4 P . 111.53 11.91 1.55
O1 SO4 P . 110.44 12.62 2.22
O2 SO4 P . 112.29 11.14 2.51
O3 SO4 P . 110.94 11.03 0.55
O4 SO4 P . 112.42 12.86 0.89
S SO4 Q . 113.06 -1.95 0.32
O1 SO4 Q . 113.59 -1.82 1.68
O2 SO4 Q . 113.63 -3.12 -0.35
O3 SO4 Q . 111.61 -2.10 0.37
O4 SO4 Q . 113.42 -0.74 -0.42
S SO4 R . -35.66 18.41 -26.75
O1 SO4 R . -34.86 17.73 -27.77
O2 SO4 R . -35.65 17.67 -25.51
O3 SO4 R . -37.03 18.48 -27.26
O4 SO4 R . -35.10 19.74 -26.49
S SO4 S . -0.23 -26.90 -7.78
O1 SO4 S . -0.49 -26.58 -9.19
O2 SO4 S . -0.27 -25.68 -6.99
O3 SO4 S . 1.08 -27.52 -7.68
O4 SO4 S . -1.24 -27.80 -7.23
S SO4 T . -57.61 0.48 -5.12
O1 SO4 T . -56.54 0.61 -6.08
O2 SO4 T . -57.11 -0.21 -3.94
O3 SO4 T . -58.72 -0.25 -5.74
O4 SO4 T . -58.07 1.81 -4.73
S SO4 U . -29.94 15.65 -14.21
O1 SO4 U . -30.77 15.99 -15.37
O2 SO4 U . -30.11 16.66 -13.18
O3 SO4 U . -28.53 15.62 -14.63
O4 SO4 U . -30.33 14.36 -13.69
S SO4 V . -56.83 9.65 -16.93
O1 SO4 V . -58.16 10.12 -16.54
O2 SO4 V . -56.41 8.54 -16.06
O3 SO4 V . -56.83 9.20 -18.31
O4 SO4 V . -55.88 10.75 -16.78
S SO4 W . -41.29 14.87 -31.14
O1 SO4 W . -41.54 16.28 -31.44
O2 SO4 W . -42.52 14.25 -30.64
O3 SO4 W . -40.85 14.20 -32.37
O4 SO4 W . -40.25 14.77 -30.13
S SO4 X . -25.65 -15.35 4.25
O1 SO4 X . -24.95 -15.17 5.52
O2 SO4 X . -26.29 -16.66 4.24
O3 SO4 X . -26.67 -14.30 4.14
O4 SO4 X . -24.72 -15.27 3.12
S SO4 Y . -43.85 22.19 1.15
O1 SO4 Y . -43.73 23.44 1.90
O2 SO4 Y . -44.45 21.17 2.01
O3 SO4 Y . -44.70 22.40 -0.04
O4 SO4 Y . -42.53 21.75 0.73
C1 GOL Z . -1.08 -4.29 3.36
O1 GOL Z . -0.81 -4.62 2.01
C2 GOL Z . -0.20 -5.13 4.28
O2 GOL Z . 1.05 -4.52 4.51
C3 GOL Z . -0.93 -5.37 5.60
O3 GOL Z . -1.31 -6.73 5.68
S SO4 AA . -76.51 21.33 19.75
O1 SO4 AA . -77.28 20.63 20.76
O2 SO4 AA . -76.41 20.50 18.54
O3 SO4 AA . -75.14 21.53 20.20
O4 SO4 AA . -77.14 22.59 19.40
S SO4 BA . -54.12 1.02 1.27
O1 SO4 BA . -53.73 2.33 0.77
O2 SO4 BA . -55.40 1.12 1.96
O3 SO4 BA . -54.24 0.09 0.14
O4 SO4 BA . -53.12 0.51 2.21
S SO4 CA . -82.79 16.99 7.99
O1 SO4 CA . -84.19 16.95 8.39
O2 SO4 CA . -82.28 15.62 7.97
O3 SO4 CA . -82.69 17.58 6.66
O4 SO4 CA . -82.01 17.77 8.94
C1 GOL DA . -70.84 18.59 25.53
O1 GOL DA . -70.90 17.19 25.62
C2 GOL DA . -70.12 19.00 24.24
O2 GOL DA . -70.82 18.50 23.13
C3 GOL DA . -70.07 20.53 24.17
O3 GOL DA . -69.45 20.91 22.95
S SO4 EA . -67.92 20.49 -8.43
O1 SO4 EA . -67.64 21.91 -8.27
O2 SO4 EA . -68.17 19.87 -7.13
O3 SO4 EA . -69.11 20.34 -9.25
O4 SO4 EA . -66.78 19.83 -9.06
S SO4 FA . -113.38 -5.63 -2.13
O1 SO4 FA . -113.83 -4.36 -1.58
O2 SO4 FA . -113.84 -6.72 -1.28
O3 SO4 FA . -113.98 -5.78 -3.47
O4 SO4 FA . -111.92 -5.65 -2.21
S SO4 GA . 56.65 -3.62 4.69
O1 SO4 GA . 57.50 -4.78 4.43
O2 SO4 GA . 57.07 -3.07 5.98
O3 SO4 GA . 55.24 -4.06 4.68
O4 SO4 GA . 56.79 -2.62 3.65
S SO4 HA . 17.38 -13.04 36.27
O1 SO4 HA . 16.66 -12.45 35.15
O2 SO4 HA . 16.53 -13.01 37.45
O3 SO4 HA . 17.68 -14.44 35.97
O4 SO4 HA . 18.64 -12.30 36.48
S SO4 IA . 38.91 19.09 25.53
O1 SO4 IA . 39.99 19.05 26.52
O2 SO4 IA . 38.11 17.88 25.66
O3 SO4 IA . 38.05 20.25 25.77
O4 SO4 IA . 39.47 19.18 24.19
S SO4 JA . 30.85 -18.34 -0.17
O1 SO4 JA . 30.66 -17.36 0.90
O2 SO4 JA . 30.43 -19.66 0.27
O3 SO4 JA . 30.05 -17.91 -1.33
O4 SO4 JA . 32.28 -18.41 -0.54
S SO4 KA . 43.86 12.36 -15.34
O1 SO4 KA . 44.28 12.42 -13.94
O2 SO4 KA . 43.75 10.96 -15.74
O3 SO4 KA . 42.55 13.00 -15.51
O4 SO4 KA . 44.84 13.06 -16.16
S SO4 LA . 1.97 8.80 0.76
O1 SO4 LA . 2.57 9.63 -0.28
O2 SO4 LA . 1.91 9.56 2.02
O3 SO4 LA . 0.62 8.40 0.37
O4 SO4 LA . 2.81 7.62 0.96
S SO4 MA . 23.63 -20.08 -2.98
O1 SO4 MA . 23.78 -18.96 -2.04
O2 SO4 MA . 24.07 -21.32 -2.36
O3 SO4 MA . 22.24 -20.24 -3.36
O4 SO4 MA . 24.39 -19.81 -4.20
#